data_8H9D
#
_entry.id   8H9D
#
_cell.length_a   235.701
_cell.length_b   85.628
_cell.length_c   139.303
_cell.angle_alpha   90.00
_cell.angle_beta   110.15
_cell.angle_gamma   90.00
#
_symmetry.space_group_name_H-M   'C 1 2 1'
#
loop_
_entity.id
_entity.type
_entity.pdbx_description
1 polymer Cas12A
2 polymer Cas12A
3 polymer "RNA (5'-R(P*AP*AP*UP*UP*UP*CP*UP*AP*CP*UP*AP*AP*GP*UP*GP*UP*AP*GP*AP*UP*C)-3')"
4 non-polymer 'SULFATE ION'
5 non-polymer 'MAGNESIUM ION'
6 water water
#
loop_
_entity_poly.entity_id
_entity_poly.type
_entity_poly.pdbx_seq_one_letter_code
_entity_poly.pdbx_strand_id
1 'polypeptide(L)'
;MYYESLTKQYPVSKTIRNELIPIGKTLDNIRQNNILESDVKRKQNYEHVKGILDEYHKQLINEALDNCTLPSLKIAAEIY
LKNQKEVSDREDFNKTQDLLRKEVVEKLKAHENFTKIGKKDILDLLEKLPSISEDDYNALESFRNFYTYFTSYNKVRENL
YSDKEKSSTVAYRLINENFPKFLDNVKSYRFVKTAGILADGLGEEEQDSLFIVETFNKTLTQDGIDTYNSQVGKINSSIN
LYNQKNQKANGFRKIPKMKMLYKQILSDREESFIDEFQSDEVLIDNVESYGSVLIESLKSSKVSAFFDALRESKGKNVYV
KNDLAKTAMSNIVFENWRTFDDLLNQEYDLANENKKKDDKYFEKRQKELKKNKSYSLEHLCNLSEDSCNLIENYIHQISD
DIENIIINNETFLRIVINEHDRSRKLAKNRKAVKAIKDFLDSIKVLERELKLINSSGQELEKDLIVYSAHEELLVELKQV
DSLYNMTRNYLTKKPFSTEKVKLNFNRSTLLNGWDRNKETDNLGVLLLKDGKYYLGIMNTSANKAFVNPPVAKTEKVFKK
VDYKLLPVPNQMLPKVFFAKSNIDFYNPSSEIYSNYKKGTHKKGNMFSLEDCHNLIDFFKESISKHEDWSKFGFKFSDTA
SYNDISEFYREVEKQGYKLTYTDIDETYINDLIERNELYLFQIYNKDFSMYSKGKLNLHTLYFMMLFDQRNIDDVVYKLN
GEAEVFYRPASISEDELIIHKAGEEIKNKNPNRARTKETSTFSYDIVKDKRYSKDKFTLHIPITMNFGVDEVKRFNDAVN
SAIRIDENVNVIGIDRGERNLLYVVVIDSKGNILEQISLNSIINKEYDIETDYHALLDEREGGRDKARKDWNTVENIRDL
KAGYLSQVVNVVAKLVLKYNAIICLEDLNFGFKRGRQKVEKQVYQKFEKMLIDKLNYLVIDKSREQTSPKELGGALNALQ
LTSKFKSFKELGKQSGVIYYVPAYLTSKIDPTTGFANLFYMKCENVEKSKRFFDGFDFIRFNALENVFEFGFDYRSFTQR
ACGINSKWTVCTNGERIIKYRNPDKNNMFDEKVVVVTDEMKNLFEQYKIPYEDGRNVKDMIISNEEAEFYRRLYRLLQQT
LQMRNSTSDGTRDYIISPVKNKREAYFNSELSDGSVPKDADANGAYNIARKGLWVLEQIRQKSEGEKINLAMTNAEWLEY
AQTHLL
;
B
2 'polypeptide(L)'
;LMYYESLTKQYPVSKTIRNELIPIGKTLDNIRQNNILESDVKRKQNYEHVKGILDEYHKQLINEALDNCTLPSLKIAAEI
YLKNQKEVSDREDFNKTQDLLRKEVVEKLKAHENFTKIGKKDILDLLEKLPSISEDDYNALESFRNFYTYFTSYNKVREN
LYSDKEKSSTVAYRLINENFPKFLDNVKSYRFVKTAGILADGLGEEEQDSLFIVETFNKTLTQDGIDTYNSQVGKINSSI
NLYNQKNQKANGFRKIPKMKMLYKQILSDREESFIDEFQSDEVLIDNVESYGSVLIESLKSSKVSAFFDALRESKGKNVY
VKNDLAKTAMSNIVFENWRTFDDLLNQEYDLANENKKKDDKYFEKRQKELKKNKSYSLEHLCNLSEDSCNLIENYIHQIS
DDIENIIINNETFLRIVINEHDRSRKLAKNRKAVKAIKDFLDSIKVLERELKLINSSGQELEKDLIVYSAHEELLVELKQ
VDSLYNMTRNYLTKKPFSTEKVKLNFNRSTLLNGWDRNKETDNLGVLLLKDGKYYLGIMNTSANKAFVNPPVAKTEKVFK
KVDYKLLPVPNQMLPKVFFAKSNIDFYNPSSEIYSNYKKGTHKKGNMFSLEDCHNLIDFFKESISKHEDWSKFGFKFSDT
ASYNDISEFYREVEKQGYKLTYTDIDETYINDLIERNELYLFQIYNKDFSMYSKGKLNLHTLYFMMLFDQRNIDDVVYKL
NGEAEVFYRPASISEDELIIHKAGEEIKNKNPNRARTKETSTFSYDIVKDKRYSKDKFTLHIPITMNFGVDEVKRFNDAV
NSAIRIDENVNVIGIDRGERNLLYVVVIDSKGNILEQISLNSIINKEYDIETDYHALLDEREGGRDKARKDWNTVENIRD
LKAGYLSQVVNVVAKLVLKYNAIICLEDLNFGFKRGRQKVEKQVYQKFEKMLIDKLNYLVIDKSREQTSPKELGGALNAL
QLTSKFKSFKELGKQSGVIYYVPAYLTSKIDPTTGFANLFYMKCENVEKSKRFFDGFDFIRFNALENVFEFGFDYRSFTQ
RACGINSKWTVCTNGERIIKYRNPDKNNMFDEKVVVVTDEMKNLFEQYKIPYEDGRNVKDMIISNEEAEFYRRLYRLLQQ
TLQMRNSTSDGTRDYIISPVKNKREAYFNSELSDGSVPKDADANGAYNIARKGLWVLEQIRQKSEGEKINLAMTNAEWLE
YAQTHLL
;
A
3 'polyribonucleotide' AAUUUCUACUAAGUGUAGAUC G
#
loop_
_chem_comp.id
_chem_comp.type
_chem_comp.name
_chem_comp.formula
A RNA linking ADENOSINE-5'-MONOPHOSPHATE 'C10 H14 N5 O7 P'
C RNA linking CYTIDINE-5'-MONOPHOSPHATE 'C9 H14 N3 O8 P'
G RNA linking GUANOSINE-5'-MONOPHOSPHATE 'C10 H14 N5 O8 P'
MG non-polymer 'MAGNESIUM ION' 'Mg 2'
SO4 non-polymer 'SULFATE ION' 'O4 S -2'
U RNA linking URIDINE-5'-MONOPHOSPHATE 'C9 H13 N2 O9 P'
#
# COMPACT_ATOMS: atom_id res chain seq x y z
N MET A 1 -32.60 -3.66 34.48
CA MET A 1 -32.47 -5.09 34.92
C MET A 1 -31.91 -6.06 33.87
N TYR A 2 -32.47 -6.12 32.66
CA TYR A 2 -32.20 -7.26 31.78
C TYR A 2 -30.72 -7.44 31.46
N TYR A 3 -29.92 -6.39 31.52
CA TYR A 3 -28.53 -6.46 31.07
C TYR A 3 -27.56 -6.88 32.17
N GLU A 4 -28.03 -7.07 33.40
CA GLU A 4 -27.12 -7.31 34.52
C GLU A 4 -26.49 -8.70 34.51
N SER A 5 -26.95 -9.60 33.64
CA SER A 5 -26.28 -10.87 33.43
C SER A 5 -25.13 -10.77 32.43
N LEU A 6 -25.07 -9.68 31.68
CA LEU A 6 -24.14 -9.53 30.56
C LEU A 6 -22.81 -8.91 30.98
N THR A 7 -22.23 -9.44 32.06
CA THR A 7 -20.85 -9.18 32.42
C THR A 7 -20.03 -10.46 32.23
N LYS A 8 -18.73 -10.29 31.97
CA LYS A 8 -17.79 -11.40 31.84
C LYS A 8 -18.28 -12.41 30.81
N GLN A 9 -18.45 -11.91 29.59
CA GLN A 9 -18.97 -12.68 28.46
C GLN A 9 -17.88 -13.17 27.52
N TYR A 10 -16.89 -12.32 27.21
CA TYR A 10 -15.80 -12.75 26.34
C TYR A 10 -14.58 -11.90 26.64
N PRO A 11 -13.39 -12.41 26.33
CA PRO A 11 -12.17 -11.60 26.52
C PRO A 11 -11.96 -10.62 25.38
N VAL A 12 -11.31 -9.51 25.73
CA VAL A 12 -11.06 -8.43 24.78
C VAL A 12 -9.61 -8.00 24.94
N SER A 13 -9.01 -7.62 23.82
CA SER A 13 -7.63 -7.14 23.80
C SER A 13 -7.61 -5.66 23.44
N LYS A 14 -6.78 -4.90 24.16
CA LYS A 14 -6.53 -3.52 23.87
C LYS A 14 -5.03 -3.28 23.84
N THR A 15 -4.62 -2.32 23.01
CA THR A 15 -3.28 -1.76 23.09
C THR A 15 -3.39 -0.35 23.65
N ILE A 16 -2.58 -0.05 24.65
CA ILE A 16 -2.64 1.20 25.38
C ILE A 16 -1.45 2.05 24.97
N ARG A 17 -1.71 3.26 24.49
CA ARG A 17 -0.68 4.16 24.03
C ARG A 17 -0.46 5.23 25.10
N ASN A 18 0.79 5.44 25.47
CA ASN A 18 1.14 6.45 26.45
C ASN A 18 2.45 7.11 26.04
N GLU A 19 2.60 8.37 26.41
CA GLU A 19 3.86 9.05 26.17
C GLU A 19 4.87 8.68 27.26
N LEU A 20 6.14 8.93 26.97
CA LEU A 20 7.22 8.61 27.89
C LEU A 20 8.08 9.86 28.08
N ILE A 21 8.45 10.13 29.32
CA ILE A 21 9.29 11.28 29.66
C ILE A 21 10.64 10.73 30.12
N PRO A 22 11.75 11.12 29.49
CA PRO A 22 13.06 10.62 29.95
C PRO A 22 13.43 11.16 31.31
N ILE A 23 13.96 10.28 32.15
CA ILE A 23 14.32 10.60 33.54
C ILE A 23 15.84 10.58 33.67
N GLY A 24 16.37 11.53 34.43
CA GLY A 24 17.80 11.57 34.62
C GLY A 24 18.53 11.72 33.30
N LYS A 25 19.75 11.16 33.26
CA LYS A 25 20.63 11.31 32.10
C LYS A 25 20.30 10.34 30.98
N THR A 26 19.07 9.83 30.90
CA THR A 26 18.74 8.86 29.86
C THR A 26 18.73 9.52 28.48
N LEU A 27 18.10 10.70 28.37
CA LEU A 27 18.06 11.39 27.07
C LEU A 27 19.46 11.79 26.62
N ASP A 28 20.32 12.19 27.56
CA ASP A 28 21.70 12.50 27.19
C ASP A 28 22.41 11.26 26.67
N ASN A 29 22.28 10.14 27.40
CA ASN A 29 22.86 8.88 26.93
C ASN A 29 22.39 8.54 25.52
N ILE A 30 21.09 8.66 25.27
CA ILE A 30 20.55 8.37 23.94
C ILE A 30 21.17 9.31 22.90
N ARG A 31 21.01 10.62 23.12
CA ARG A 31 21.54 11.60 22.16
C ARG A 31 23.02 11.39 21.91
N GLN A 32 23.80 11.23 22.99
CA GLN A 32 25.24 11.04 22.84
C GLN A 32 25.56 9.86 21.93
N ASN A 33 24.91 8.72 22.19
CA ASN A 33 25.18 7.53 21.39
C ASN A 33 24.76 7.68 19.93
N ASN A 34 23.96 8.70 19.62
CA ASN A 34 23.74 9.10 18.22
C ASN A 34 24.91 9.98 17.77
N ILE A 35 26.11 9.40 17.91
CA ILE A 35 27.35 10.08 17.52
C ILE A 35 27.27 10.49 16.05
N LEU A 36 26.97 9.53 15.19
CA LEU A 36 27.19 9.64 13.75
C LEU A 36 26.29 10.68 13.11
N ARG A 42 31.22 12.01 11.16
CA ARG A 42 30.32 11.33 12.11
C ARG A 42 31.07 10.27 12.92
N LYS A 43 32.21 9.80 12.39
CA LYS A 43 33.01 8.80 13.11
C LYS A 43 33.52 9.37 14.43
N GLN A 44 34.30 10.45 14.35
CA GLN A 44 34.66 11.25 15.51
C GLN A 44 35.70 10.55 16.38
N ASN A 45 36.50 11.37 17.06
CA ASN A 45 37.63 10.95 17.87
C ASN A 45 37.22 10.51 19.26
N TYR A 46 35.93 10.25 19.47
CA TYR A 46 35.46 9.88 20.81
C TYR A 46 36.28 8.73 21.37
N GLU A 47 36.43 7.66 20.59
CA GLU A 47 37.25 6.54 21.05
C GLU A 47 38.71 6.92 21.18
N HIS A 48 39.17 7.90 20.40
CA HIS A 48 40.56 8.34 20.53
C HIS A 48 40.78 9.07 21.85
N VAL A 49 39.83 9.93 22.24
CA VAL A 49 39.98 10.67 23.48
C VAL A 49 39.76 9.75 24.68
N LYS A 50 38.85 8.79 24.56
CA LYS A 50 38.72 7.77 25.60
C LYS A 50 40.07 7.08 25.84
N GLY A 51 40.73 6.67 24.77
CA GLY A 51 42.02 6.01 24.90
C GLY A 51 43.05 6.90 25.58
N ILE A 52 43.00 8.20 25.30
CA ILE A 52 43.89 9.14 25.97
C ILE A 52 43.57 9.22 27.45
N LEU A 53 42.27 9.31 27.79
CA LEU A 53 41.87 9.30 29.19
C LEU A 53 42.27 8.00 29.86
N ASP A 54 42.17 6.89 29.13
CA ASP A 54 42.54 5.59 29.69
C ASP A 54 44.02 5.57 30.09
N GLU A 55 44.90 6.03 29.21
CA GLU A 55 46.32 5.90 29.47
C GLU A 55 46.78 6.83 30.59
N TYR A 56 46.10 7.97 30.81
CA TYR A 56 46.45 8.76 31.99
C TYR A 56 45.93 8.08 33.27
N HIS A 57 44.81 7.35 33.18
CA HIS A 57 44.40 6.50 34.29
C HIS A 57 45.48 5.48 34.61
N LYS A 58 45.99 4.78 33.58
CA LYS A 58 47.04 3.81 33.82
C LYS A 58 48.28 4.47 34.40
N GLN A 59 48.65 5.65 33.88
CA GLN A 59 49.82 6.36 34.40
C GLN A 59 49.64 6.70 35.87
N LEU A 60 48.58 7.45 36.19
CA LEU A 60 48.34 7.85 37.57
C LEU A 60 48.31 6.65 38.50
N ILE A 61 47.74 5.54 38.05
CA ILE A 61 47.64 4.35 38.90
C ILE A 61 49.02 3.79 39.19
N ASN A 62 49.82 3.57 38.15
CA ASN A 62 51.14 3.00 38.34
C ASN A 62 52.04 3.94 39.14
N GLU A 63 51.93 5.25 38.88
CA GLU A 63 52.77 6.22 39.56
C GLU A 63 52.38 6.37 41.03
N ALA A 64 51.10 6.23 41.35
CA ALA A 64 50.67 6.30 42.75
C ALA A 64 51.14 5.10 43.56
N LEU A 65 51.55 4.02 42.88
CA LEU A 65 51.88 2.77 43.54
C LEU A 65 53.33 2.34 43.31
N ASP A 66 54.13 3.16 42.63
CA ASP A 66 55.49 2.79 42.24
C ASP A 66 56.36 2.44 43.43
N ASN A 67 56.80 3.45 44.17
CA ASN A 67 57.60 3.26 45.37
C ASN A 67 56.74 3.08 46.60
N CYS A 68 55.50 2.65 46.42
CA CYS A 68 54.56 2.45 47.52
C CYS A 68 54.98 1.27 48.37
N THR A 69 54.55 1.30 49.63
CA THR A 69 54.70 0.16 50.53
C THR A 69 53.42 0.08 51.37
N LEU A 70 52.84 -1.11 51.45
CA LEU A 70 51.58 -1.28 52.16
C LEU A 70 51.84 -1.83 53.56
N PRO A 71 51.34 -1.16 54.61
CA PRO A 71 51.65 -1.64 55.98
C PRO A 71 51.05 -3.00 56.33
N SER A 72 49.74 -3.19 56.17
CA SER A 72 49.10 -4.42 56.61
C SER A 72 49.58 -5.66 55.87
N LEU A 73 50.40 -5.50 54.82
CA LEU A 73 50.84 -6.64 54.04
C LEU A 73 51.44 -7.74 54.90
N LYS A 74 52.24 -7.36 55.89
CA LYS A 74 52.86 -8.33 56.78
C LYS A 74 51.81 -9.06 57.60
N ILE A 75 50.83 -8.33 58.11
CA ILE A 75 49.77 -8.94 58.91
C ILE A 75 49.08 -10.04 58.11
N ALA A 76 48.64 -9.71 56.90
CA ALA A 76 47.89 -10.67 56.09
C ALA A 76 48.75 -11.88 55.72
N ALA A 77 49.99 -11.64 55.29
CA ALA A 77 50.83 -12.73 54.80
C ALA A 77 51.01 -13.80 55.87
N GLU A 78 51.11 -13.39 57.13
CA GLU A 78 51.17 -14.37 58.22
C GLU A 78 50.01 -15.35 58.16
N ILE A 79 48.81 -14.80 58.34
CA ILE A 79 47.57 -15.56 58.46
C ILE A 79 47.57 -16.67 57.42
N TYR A 80 48.04 -16.33 56.23
CA TYR A 80 47.98 -17.21 55.08
C TYR A 80 49.08 -18.27 55.10
N LEU A 81 50.31 -17.86 55.44
CA LEU A 81 51.46 -18.74 55.41
C LEU A 81 51.60 -19.56 56.69
N LYS A 82 50.87 -19.22 57.74
CA LYS A 82 51.02 -19.86 59.04
C LYS A 82 50.79 -21.36 58.96
N ASN A 83 51.55 -22.10 59.78
CA ASN A 83 51.36 -23.53 60.03
C ASN A 83 50.49 -24.26 59.01
N SER A 88 38.62 -17.78 62.96
CA SER A 88 39.13 -18.47 61.79
C SER A 88 40.12 -17.62 61.02
N ASP A 89 41.17 -18.26 60.51
CA ASP A 89 42.11 -17.58 59.65
C ASP A 89 41.44 -17.03 58.40
N ARG A 90 40.37 -17.68 57.94
CA ARG A 90 39.71 -17.26 56.71
C ARG A 90 39.10 -15.86 56.85
N GLU A 91 38.42 -15.62 57.96
CA GLU A 91 37.77 -14.32 58.14
C GLU A 91 38.78 -13.22 58.43
N ASP A 92 39.82 -13.53 59.22
CA ASP A 92 40.86 -12.53 59.48
C ASP A 92 41.54 -12.11 58.19
N PHE A 93 41.71 -13.05 57.25
CA PHE A 93 42.31 -12.73 55.96
C PHE A 93 41.38 -11.83 55.13
N ASN A 94 40.10 -12.20 55.04
CA ASN A 94 39.14 -11.33 54.38
C ASN A 94 39.15 -9.93 54.98
N LYS A 95 39.22 -9.86 56.32
CA LYS A 95 39.27 -8.55 56.98
C LYS A 95 40.54 -7.81 56.58
N THR A 96 41.70 -8.42 56.84
CA THR A 96 42.96 -7.74 56.51
C THR A 96 43.08 -7.48 55.01
N GLN A 97 42.37 -8.24 54.16
CA GLN A 97 42.32 -7.90 52.75
C GLN A 97 41.55 -6.61 52.53
N ASP A 98 40.43 -6.42 53.23
CA ASP A 98 39.69 -5.17 53.12
C ASP A 98 40.53 -3.99 53.61
N LEU A 99 41.26 -4.19 54.71
CA LEU A 99 42.21 -3.18 55.15
C LEU A 99 43.20 -2.85 54.05
N LEU A 100 43.71 -3.87 53.37
CA LEU A 100 44.66 -3.67 52.28
C LEU A 100 44.00 -2.96 51.10
N ARG A 101 42.77 -3.36 50.74
CA ARG A 101 42.08 -2.67 49.65
C ARG A 101 41.95 -1.18 49.94
N LYS A 102 41.62 -0.84 51.19
CA LYS A 102 41.68 0.55 51.61
C LYS A 102 43.08 1.12 51.37
N GLU A 103 44.10 0.52 51.98
CA GLU A 103 45.46 1.06 51.85
C GLU A 103 45.87 1.30 50.41
N VAL A 104 45.38 0.49 49.46
CA VAL A 104 45.67 0.77 48.06
C VAL A 104 44.93 2.03 47.60
N VAL A 105 43.70 2.23 48.08
CA VAL A 105 42.87 3.30 47.54
C VAL A 105 43.36 4.67 48.01
N GLU A 106 43.80 4.80 49.27
CA GLU A 106 44.29 6.10 49.71
C GLU A 106 45.58 6.46 48.99
N LYS A 107 46.43 5.47 48.75
CA LYS A 107 47.62 5.71 47.95
C LYS A 107 47.24 6.17 46.55
N LEU A 108 46.12 5.68 46.02
CA LEU A 108 45.64 6.14 44.72
C LEU A 108 45.06 7.55 44.83
N LYS A 109 44.30 7.82 45.90
CA LYS A 109 43.71 9.14 46.09
C LYS A 109 44.72 10.17 46.57
N ALA A 110 45.86 9.74 47.11
CA ALA A 110 46.91 10.65 47.54
C ALA A 110 47.77 11.15 46.39
N HIS A 111 47.69 10.53 45.22
CA HIS A 111 48.38 11.03 44.05
C HIS A 111 47.91 12.45 43.73
N GLU A 112 48.80 13.25 43.18
CA GLU A 112 48.41 14.54 42.63
C GLU A 112 47.40 14.33 41.52
N ASN A 113 46.63 15.39 41.21
CA ASN A 113 45.71 15.41 40.10
C ASN A 113 44.54 14.44 40.28
N PHE A 114 44.45 13.71 41.39
CA PHE A 114 43.34 12.78 41.55
C PHE A 114 42.00 13.51 41.59
N THR A 115 41.93 14.63 42.30
CA THR A 115 40.65 15.34 42.38
C THR A 115 40.28 16.02 41.05
N LYS A 116 41.07 15.85 40.00
CA LYS A 116 40.69 16.25 38.66
C LYS A 116 40.38 15.05 37.77
N ILE A 117 40.25 13.87 38.36
CA ILE A 117 39.67 12.72 37.67
C ILE A 117 38.16 12.92 37.62
N GLY A 118 37.58 12.84 36.42
CA GLY A 118 36.17 13.03 36.24
C GLY A 118 35.74 14.48 36.11
N LYS A 119 36.47 15.41 36.72
CA LYS A 119 36.14 16.81 36.59
C LYS A 119 36.65 17.35 35.26
N LYS A 120 35.85 18.22 34.65
CA LYS A 120 36.21 18.84 33.37
C LYS A 120 37.62 19.44 33.43
N ASP A 121 38.07 19.84 34.61
CA ASP A 121 39.35 20.51 34.79
C ASP A 121 40.53 19.71 34.25
N ILE A 122 40.36 18.44 33.92
CA ILE A 122 41.46 17.64 33.39
C ILE A 122 41.76 17.98 31.93
N LEU A 123 40.85 18.67 31.25
CA LEU A 123 41.05 18.97 29.83
C LEU A 123 42.27 19.84 29.59
N ASP A 124 42.67 20.65 30.57
CA ASP A 124 43.68 21.68 30.33
C ASP A 124 45.10 21.15 30.34
N LEU A 125 45.86 21.50 31.38
CA LEU A 125 47.26 21.11 31.45
C LEU A 125 47.41 19.60 31.54
N LEU A 126 46.55 18.95 32.31
CA LEU A 126 46.69 17.51 32.56
C LEU A 126 46.50 16.67 31.29
N GLU A 127 46.26 17.30 30.15
CA GLU A 127 46.24 16.60 28.86
C GLU A 127 46.96 17.36 27.75
N LYS A 128 47.02 18.69 27.79
CA LYS A 128 47.67 19.45 26.74
C LYS A 128 49.19 19.48 26.87
N LEU A 129 49.80 18.69 27.77
CA LEU A 129 51.21 18.89 28.02
C LEU A 129 52.12 17.66 27.97
N PRO A 130 51.74 16.50 28.53
CA PRO A 130 52.73 15.41 28.65
C PRO A 130 53.59 15.14 27.42
N GLU A 134 49.59 18.62 17.85
CA GLU A 134 49.68 17.17 17.82
C GLU A 134 48.39 16.55 17.29
N ASP A 135 48.50 15.38 16.67
CA ASP A 135 47.30 14.63 16.31
C ASP A 135 46.39 14.48 17.52
N ASP A 136 46.99 14.10 18.65
CA ASP A 136 46.24 13.93 19.89
C ASP A 136 45.65 15.25 20.37
N TYR A 137 46.38 16.35 20.16
CA TYR A 137 45.88 17.63 20.68
C TYR A 137 44.63 18.09 19.93
N ASN A 138 44.61 17.92 18.61
CA ASN A 138 43.40 18.24 17.87
C ASN A 138 42.25 17.32 18.29
N ALA A 139 42.56 16.08 18.64
CA ALA A 139 41.52 15.18 19.14
C ALA A 139 41.00 15.63 20.50
N LEU A 140 41.91 16.04 21.39
CA LEU A 140 41.49 16.61 22.67
C LEU A 140 40.73 17.91 22.47
N GLU A 141 41.31 18.81 21.68
CA GLU A 141 40.64 20.07 21.36
C GLU A 141 39.21 19.85 20.93
N SER A 142 38.94 18.78 20.17
CA SER A 142 37.62 18.56 19.61
C SER A 142 36.56 18.27 20.66
N PHE A 143 36.96 18.04 21.92
CA PHE A 143 36.00 17.77 22.99
C PHE A 143 36.06 18.82 24.09
N ARG A 144 36.70 19.96 23.82
CA ARG A 144 36.43 21.17 24.59
C ARG A 144 35.00 21.60 24.30
N ASN A 145 34.30 22.05 25.33
CA ASN A 145 32.88 22.39 25.29
C ASN A 145 31.99 21.19 25.08
N PHE A 146 32.54 19.98 25.00
CA PHE A 146 31.76 18.76 24.86
C PHE A 146 32.16 17.75 25.91
N TYR A 147 32.30 18.18 27.16
CA TYR A 147 32.85 17.28 28.16
C TYR A 147 31.83 16.30 28.70
N THR A 148 30.53 16.61 28.61
CA THR A 148 29.52 15.71 29.18
C THR A 148 29.49 14.34 28.50
N TYR A 149 30.09 14.21 27.31
CA TYR A 149 30.06 12.91 26.63
C TYR A 149 30.77 11.82 27.42
N PHE A 150 31.70 12.18 28.28
CA PHE A 150 32.45 11.22 29.08
C PHE A 150 31.83 11.03 30.45
N THR A 151 30.54 11.39 30.60
CA THR A 151 29.83 11.13 31.84
C THR A 151 29.74 9.64 32.12
N SER A 152 29.21 8.87 31.16
CA SER A 152 29.10 7.43 31.35
C SER A 152 30.47 6.81 31.57
N TYR A 153 31.45 7.22 30.78
CA TYR A 153 32.82 6.76 30.93
C TYR A 153 33.33 7.00 32.35
N ASN A 154 33.06 8.18 32.92
CA ASN A 154 33.55 8.46 34.27
C ASN A 154 32.89 7.56 35.30
N LYS A 155 31.58 7.34 35.19
CA LYS A 155 30.90 6.50 36.17
C LYS A 155 31.44 5.08 36.18
N VAL A 156 31.86 4.57 35.01
CA VAL A 156 32.44 3.25 34.94
C VAL A 156 33.85 3.26 35.52
N ARG A 157 34.64 4.26 35.15
CA ARG A 157 36.03 4.33 35.62
C ARG A 157 36.12 4.60 37.11
N GLU A 158 35.06 5.14 37.71
CA GLU A 158 35.07 5.35 39.16
C GLU A 158 35.41 4.07 39.92
N ASN A 159 35.02 2.91 39.40
CA ASN A 159 35.18 1.67 40.15
C ASN A 159 36.63 1.23 40.28
N LEU A 160 37.54 1.80 39.49
CA LEU A 160 38.96 1.53 39.71
C LEU A 160 39.33 1.81 41.15
N TYR A 161 38.90 2.97 41.66
CA TYR A 161 39.37 3.54 42.92
C TYR A 161 38.43 3.21 44.07
N SER A 162 37.93 1.98 44.12
CA SER A 162 36.98 1.54 45.13
C SER A 162 37.63 0.48 46.02
N ASP A 163 37.44 0.63 47.33
CA ASP A 163 37.87 -0.38 48.29
C ASP A 163 36.88 -1.53 48.43
N LYS A 164 35.75 -1.47 47.74
CA LYS A 164 34.74 -2.53 47.84
C LYS A 164 35.24 -3.79 47.16
N GLU A 165 34.70 -4.94 47.61
CA GLU A 165 35.11 -6.25 47.11
C GLU A 165 34.38 -6.54 45.80
N LYS A 166 34.78 -5.80 44.75
CA LYS A 166 34.22 -5.91 43.42
C LYS A 166 35.34 -6.26 42.44
N SER A 167 35.01 -7.02 41.39
CA SER A 167 36.04 -7.56 40.51
C SER A 167 36.64 -6.54 39.55
N SER A 168 36.09 -5.34 39.47
CA SER A 168 36.56 -4.33 38.54
C SER A 168 37.55 -3.35 39.15
N THR A 169 37.81 -3.44 40.45
CA THR A 169 38.59 -2.40 41.12
C THR A 169 40.08 -2.73 41.07
N VAL A 170 40.90 -1.67 41.08
CA VAL A 170 42.34 -1.83 41.16
C VAL A 170 42.72 -2.55 42.44
N ALA A 171 42.11 -2.16 43.56
CA ALA A 171 42.42 -2.80 44.82
C ALA A 171 42.07 -4.29 44.82
N TYR A 172 41.01 -4.68 44.10
CA TYR A 172 40.65 -6.10 44.07
C TYR A 172 41.64 -6.89 43.21
N ARG A 173 42.00 -6.33 42.05
CA ARG A 173 43.00 -6.96 41.20
C ARG A 173 44.26 -7.32 41.97
N LEU A 174 44.80 -6.36 42.72
CA LEU A 174 46.07 -6.57 43.40
C LEU A 174 45.92 -7.45 44.63
N ILE A 175 44.91 -7.15 45.47
CA ILE A 175 44.83 -7.75 46.80
C ILE A 175 44.03 -9.03 46.79
N ASN A 176 42.93 -9.08 46.05
CA ASN A 176 42.07 -10.26 46.07
C ASN A 176 42.45 -11.28 45.00
N GLU A 177 43.01 -10.82 43.88
CA GLU A 177 43.46 -11.74 42.84
C GLU A 177 44.95 -12.02 42.95
N ASN A 178 45.79 -11.00 42.75
CA ASN A 178 47.22 -11.23 42.60
C ASN A 178 47.88 -11.63 43.93
N PHE A 179 47.43 -11.04 45.05
CA PHE A 179 48.17 -11.23 46.29
C PHE A 179 48.09 -12.69 46.76
N PRO A 180 46.92 -13.35 46.68
CA PRO A 180 46.90 -14.78 47.01
C PRO A 180 47.75 -15.62 46.07
N LYS A 181 47.86 -15.23 44.80
CA LYS A 181 48.75 -15.92 43.88
C LYS A 181 50.20 -15.77 44.32
N PHE A 182 50.62 -14.52 44.59
CA PHE A 182 51.97 -14.28 45.06
C PHE A 182 52.30 -15.10 46.30
N LEU A 183 51.37 -15.18 47.24
CA LEU A 183 51.62 -15.97 48.45
C LEU A 183 51.63 -17.46 48.14
N ASP A 184 50.76 -17.91 47.22
CA ASP A 184 50.76 -19.32 46.85
C ASP A 184 52.08 -19.71 46.19
N ASN A 185 52.70 -18.79 45.45
CA ASN A 185 54.05 -19.06 44.96
C ASN A 185 55.03 -19.18 46.13
N VAL A 186 54.92 -18.31 47.13
CA VAL A 186 55.76 -18.43 48.32
C VAL A 186 55.59 -19.82 48.94
N LYS A 187 54.36 -20.34 48.96
CA LYS A 187 54.13 -21.69 49.46
C LYS A 187 54.74 -22.74 48.52
N SER A 188 54.76 -22.49 47.22
CA SER A 188 55.31 -23.46 46.29
C SER A 188 56.83 -23.51 46.36
N TYR A 189 57.48 -22.38 46.65
CA TYR A 189 58.93 -22.31 46.56
C TYR A 189 59.64 -23.21 47.57
N ARG A 190 58.94 -23.66 48.62
CA ARG A 190 59.54 -24.64 49.52
C ARG A 190 60.08 -25.82 48.73
N PHE A 191 59.31 -26.31 47.76
CA PHE A 191 59.71 -27.45 46.95
C PHE A 191 60.80 -27.09 45.94
N VAL A 192 60.97 -25.81 45.64
CA VAL A 192 61.94 -25.35 44.64
C VAL A 192 63.23 -24.92 45.33
N LYS A 193 63.13 -24.33 46.53
CA LYS A 193 64.32 -24.18 47.37
C LYS A 193 64.88 -25.55 47.75
N THR A 194 64.01 -26.45 48.22
CA THR A 194 64.33 -27.86 48.25
C THR A 194 64.49 -28.38 46.82
N ALA A 195 65.24 -29.47 46.68
CA ALA A 195 65.57 -30.08 45.40
C ALA A 195 66.40 -29.17 44.50
N GLY A 196 66.88 -28.05 45.03
CA GLY A 196 67.94 -27.29 44.38
C GLY A 196 67.68 -26.91 42.95
N ILE A 197 66.45 -26.51 42.62
CA ILE A 197 66.17 -25.99 41.29
C ILE A 197 66.63 -24.54 41.23
N LEU A 198 67.95 -24.34 41.18
CA LEU A 198 68.51 -23.03 40.89
C LEU A 198 68.25 -22.72 39.42
N ALA A 199 67.39 -21.73 39.17
CA ALA A 199 66.76 -21.62 37.85
C ALA A 199 67.77 -21.25 36.77
N ASP A 200 67.58 -21.84 35.59
CA ASP A 200 68.38 -21.47 34.44
C ASP A 200 68.20 -19.99 34.14
N GLY A 201 69.29 -19.32 33.84
CA GLY A 201 69.27 -17.90 33.56
C GLY A 201 69.32 -16.99 34.76
N LEU A 202 69.12 -17.50 35.97
CA LEU A 202 69.18 -16.69 37.17
C LEU A 202 70.62 -16.58 37.66
N GLY A 203 71.51 -16.14 36.78
CA GLY A 203 72.94 -16.09 37.05
C GLY A 203 73.32 -15.43 38.36
N GLU A 204 74.17 -16.12 39.14
CA GLU A 204 74.58 -15.71 40.48
C GLU A 204 73.46 -15.93 41.51
N GLU A 205 72.35 -16.53 41.11
CA GLU A 205 71.36 -17.05 42.05
C GLU A 205 70.54 -15.97 42.74
N GLU A 206 70.31 -16.12 44.04
CA GLU A 206 69.47 -15.22 44.84
C GLU A 206 68.10 -15.00 44.21
N GLN A 207 67.57 -16.04 43.56
CA GLN A 207 66.17 -16.01 43.14
C GLN A 207 65.24 -15.99 44.34
N ASP A 208 65.71 -16.45 45.50
CA ASP A 208 64.89 -16.44 46.71
C ASP A 208 64.28 -15.08 46.98
N SER A 209 64.86 -14.00 46.45
CA SER A 209 64.35 -12.66 46.71
C SER A 209 62.95 -12.45 46.14
N LEU A 210 62.53 -13.28 45.20
CA LEU A 210 61.19 -13.15 44.64
C LEU A 210 60.10 -13.61 45.60
N PHE A 211 60.44 -14.47 46.56
CA PHE A 211 59.45 -15.13 47.42
C PHE A 211 59.67 -14.75 48.87
N ILE A 212 60.09 -13.52 49.09
CA ILE A 212 59.97 -12.84 50.37
C ILE A 212 58.75 -11.94 50.26
N VAL A 213 57.86 -12.04 51.23
CA VAL A 213 56.56 -11.38 51.20
C VAL A 213 56.69 -9.93 50.71
N GLU A 214 57.79 -9.28 51.08
CA GLU A 214 57.91 -7.85 50.81
C GLU A 214 57.99 -7.56 49.31
N THR A 215 58.48 -8.50 48.52
CA THR A 215 58.66 -8.26 47.09
C THR A 215 57.33 -7.94 46.41
N PHE A 216 56.20 -8.23 47.05
CA PHE A 216 54.91 -7.93 46.44
C PHE A 216 54.70 -6.43 46.27
N ASN A 217 55.27 -5.61 47.16
CA ASN A 217 55.11 -4.17 47.02
C ASN A 217 55.69 -3.67 45.71
N LYS A 218 56.69 -4.35 45.17
CA LYS A 218 57.27 -3.98 43.89
C LYS A 218 56.43 -4.46 42.72
N THR A 219 55.36 -5.21 42.96
CA THR A 219 54.46 -5.69 41.90
C THR A 219 53.08 -5.03 41.95
N LEU A 220 53.00 -3.80 42.46
CA LEU A 220 51.76 -3.05 42.40
C LEU A 220 51.60 -2.23 41.13
N THR A 221 52.64 -2.15 40.31
CA THR A 221 52.59 -1.48 39.02
C THR A 221 52.63 -2.52 37.91
N GLN A 222 52.16 -2.13 36.73
CA GLN A 222 52.23 -3.05 35.60
C GLN A 222 53.67 -3.46 35.34
N ASP A 223 54.61 -2.52 35.50
CA ASP A 223 56.00 -2.76 35.19
C ASP A 223 56.68 -3.64 36.23
N GLY A 224 56.16 -3.68 37.45
CA GLY A 224 56.65 -4.65 38.42
C GLY A 224 56.02 -6.01 38.23
N ILE A 225 54.79 -6.06 37.73
CA ILE A 225 54.15 -7.33 37.42
C ILE A 225 54.85 -8.00 36.23
N ASP A 226 55.12 -7.22 35.18
CA ASP A 226 55.91 -7.74 34.06
C ASP A 226 57.19 -8.40 34.57
N THR A 227 57.98 -7.68 35.37
CA THR A 227 59.25 -8.19 35.85
C THR A 227 59.06 -9.47 36.67
N TYR A 228 58.05 -9.50 37.54
CA TYR A 228 57.81 -10.68 38.36
C TYR A 228 57.41 -11.87 37.49
N ASN A 229 56.52 -11.65 36.53
CA ASN A 229 56.07 -12.75 35.69
C ASN A 229 57.20 -13.26 34.79
N SER A 230 58.00 -12.34 34.24
CA SER A 230 59.09 -12.75 33.36
C SER A 230 60.05 -13.70 34.07
N GLN A 231 60.52 -13.30 35.25
CA GLN A 231 61.46 -14.15 35.98
C GLN A 231 60.80 -15.45 36.43
N VAL A 232 59.55 -15.39 36.89
CA VAL A 232 58.87 -16.60 37.36
C VAL A 232 58.65 -17.57 36.21
N GLY A 233 58.55 -17.07 34.98
CA GLY A 233 58.50 -17.96 33.84
C GLY A 233 59.78 -18.76 33.69
N LYS A 234 60.93 -18.12 33.91
CA LYS A 234 62.20 -18.83 33.88
C LYS A 234 62.23 -19.96 34.89
N ILE A 235 61.72 -19.70 36.11
CA ILE A 235 61.67 -20.73 37.14
C ILE A 235 60.79 -21.89 36.69
N ASN A 236 59.59 -21.57 36.17
CA ASN A 236 58.67 -22.60 35.74
C ASN A 236 59.29 -23.47 34.65
N SER A 237 60.09 -22.85 33.78
CA SER A 237 60.78 -23.63 32.75
C SER A 237 61.68 -24.68 33.37
N SER A 238 62.43 -24.31 34.42
CA SER A 238 63.24 -25.28 35.12
C SER A 238 62.39 -26.27 35.89
N ILE A 239 61.27 -25.82 36.45
CA ILE A 239 60.36 -26.74 37.14
C ILE A 239 59.88 -27.81 36.16
N ASN A 240 59.37 -27.37 35.01
CA ASN A 240 58.89 -28.31 34.00
C ASN A 240 60.01 -29.25 33.57
N LEU A 241 61.25 -28.76 33.52
CA LEU A 241 62.40 -29.63 33.27
C LEU A 241 62.55 -30.68 34.35
N TYR A 242 62.16 -30.36 35.59
CA TYR A 242 62.34 -31.29 36.71
C TYR A 242 61.42 -32.50 36.63
N ASN A 243 60.44 -32.50 35.72
CA ASN A 243 59.57 -33.67 35.59
C ASN A 243 60.34 -34.93 35.23
N GLN A 244 61.57 -34.80 34.73
CA GLN A 244 62.32 -35.94 34.25
C GLN A 244 62.70 -36.95 35.33
N LYS A 245 62.72 -36.53 36.60
CA LYS A 245 63.13 -37.46 37.65
C LYS A 245 62.29 -38.73 37.62
N ASN A 246 61.12 -38.70 37.02
CA ASN A 246 60.35 -39.91 36.72
C ASN A 246 59.13 -39.54 35.87
N ARG A 253 58.50 -36.76 44.40
CA ARG A 253 57.43 -36.59 43.43
C ARG A 253 57.20 -35.11 43.08
N LYS A 254 56.10 -34.83 42.39
CA LYS A 254 56.02 -33.68 41.49
C LYS A 254 56.04 -32.34 42.23
N ILE A 255 56.53 -31.32 41.53
CA ILE A 255 56.72 -29.98 42.07
C ILE A 255 55.66 -29.07 41.47
N PRO A 256 54.99 -28.24 42.26
CA PRO A 256 54.01 -27.31 41.67
C PRO A 256 54.68 -26.16 40.93
N LYS A 257 54.15 -25.87 39.74
CA LYS A 257 54.60 -24.72 38.98
C LYS A 257 54.09 -23.44 39.63
N MET A 258 54.79 -22.35 39.36
CA MET A 258 54.38 -21.05 39.88
C MET A 258 53.23 -20.49 39.06
N LYS A 259 52.41 -19.67 39.69
CA LYS A 259 51.29 -19.03 39.02
C LYS A 259 51.66 -17.61 38.59
N MET A 260 51.18 -17.22 37.41
CA MET A 260 51.41 -15.87 36.92
C MET A 260 50.44 -14.91 37.59
N LEU A 261 50.90 -13.68 37.80
CA LEU A 261 50.04 -12.61 38.28
C LEU A 261 49.28 -11.99 37.11
N TYR A 262 48.05 -11.57 37.39
CA TYR A 262 47.27 -10.88 36.37
C TYR A 262 47.77 -9.44 36.20
N LYS A 263 47.40 -8.84 35.07
CA LYS A 263 47.90 -7.51 34.76
C LYS A 263 47.17 -6.45 35.57
N GLN A 264 47.83 -5.30 35.71
CA GLN A 264 47.14 -4.06 36.04
C GLN A 264 45.95 -3.97 35.10
N ILE A 265 44.94 -3.17 35.44
CA ILE A 265 43.73 -3.14 34.63
C ILE A 265 43.97 -2.27 33.41
N LEU A 266 44.86 -2.72 32.53
CA LEU A 266 45.03 -2.19 31.18
C LEU A 266 45.11 -3.38 30.24
N SER A 267 44.26 -3.39 29.22
CA SER A 267 44.04 -4.60 28.44
C SER A 267 43.79 -4.31 26.97
N PHE A 277 36.40 -2.26 18.38
CA PHE A 277 35.39 -2.61 17.39
C PHE A 277 35.27 -1.49 16.36
N GLN A 278 36.36 -1.24 15.64
CA GLN A 278 36.39 -0.11 14.71
C GLN A 278 35.60 -0.40 13.44
N SER A 279 35.63 -1.63 12.95
CA SER A 279 34.98 -1.95 11.68
C SER A 279 34.64 -3.43 11.63
N ASP A 280 33.88 -3.81 10.58
CA ASP A 280 33.55 -5.22 10.39
C ASP A 280 34.73 -6.01 9.84
N GLU A 281 35.66 -5.36 9.14
CA GLU A 281 36.79 -6.09 8.58
C GLU A 281 37.76 -6.53 9.67
N VAL A 282 37.94 -5.71 10.70
CA VAL A 282 38.96 -6.01 11.69
C VAL A 282 38.53 -7.11 12.65
N LEU A 283 37.23 -7.18 12.97
CA LEU A 283 36.80 -8.05 14.06
C LEU A 283 36.84 -9.52 13.68
N ILE A 284 36.58 -9.85 12.42
CA ILE A 284 36.53 -11.25 12.01
C ILE A 284 37.90 -11.92 12.13
N ASP A 285 38.97 -11.16 11.90
CA ASP A 285 40.32 -11.72 12.09
C ASP A 285 40.60 -11.97 13.57
N ASN A 286 40.14 -11.07 14.45
CA ASN A 286 40.30 -11.29 15.88
C ASN A 286 39.54 -12.54 16.33
N VAL A 287 38.30 -12.69 15.86
CA VAL A 287 37.53 -13.89 16.19
C VAL A 287 38.25 -15.12 15.66
N GLU A 288 38.48 -15.16 14.34
CA GLU A 288 39.16 -16.30 13.73
C GLU A 288 40.48 -16.57 14.44
N SER A 289 41.21 -15.52 14.78
CA SER A 289 42.53 -15.70 15.36
C SER A 289 42.45 -16.30 16.76
N TYR A 290 41.76 -15.62 17.69
CA TYR A 290 41.70 -16.13 19.06
C TYR A 290 41.15 -17.54 19.10
N GLY A 291 40.11 -17.82 18.30
CA GLY A 291 39.57 -19.16 18.25
C GLY A 291 40.59 -20.19 17.83
N SER A 292 41.46 -19.82 16.86
CA SER A 292 42.51 -20.75 16.43
C SER A 292 43.51 -20.99 17.54
N VAL A 293 44.02 -19.91 18.17
CA VAL A 293 44.93 -20.08 19.29
C VAL A 293 44.28 -20.95 20.37
N LEU A 294 42.99 -20.74 20.62
CA LEU A 294 42.35 -21.37 21.75
C LEU A 294 42.23 -22.88 21.54
N ILE A 295 41.64 -23.31 20.42
CA ILE A 295 41.38 -24.74 20.28
C ILE A 295 42.69 -25.53 20.23
N GLU A 296 43.76 -24.91 19.72
CA GLU A 296 45.09 -25.51 19.84
C GLU A 296 45.49 -25.59 21.31
N SER A 297 45.20 -24.54 22.08
CA SER A 297 45.51 -24.57 23.51
C SER A 297 44.65 -25.58 24.26
N LEU A 298 43.42 -25.82 23.78
CA LEU A 298 42.55 -26.80 24.42
C LEU A 298 42.87 -28.23 24.00
N LYS A 299 43.56 -28.41 22.89
CA LYS A 299 44.09 -29.71 22.52
C LYS A 299 45.49 -29.95 23.07
N SER A 300 46.04 -28.98 23.79
CA SER A 300 47.42 -29.06 24.26
C SER A 300 47.52 -29.95 25.49
N SER A 301 48.76 -30.11 25.99
CA SER A 301 49.00 -30.82 27.22
C SER A 301 48.49 -30.07 28.44
N LYS A 302 48.08 -28.81 28.28
CA LYS A 302 47.54 -28.06 29.41
C LYS A 302 46.30 -28.73 29.98
N VAL A 303 45.45 -29.27 29.13
CA VAL A 303 44.20 -29.86 29.59
C VAL A 303 44.47 -31.22 30.24
N SER A 304 45.28 -32.06 29.61
CA SER A 304 45.57 -33.37 30.20
C SER A 304 46.30 -33.23 31.52
N ALA A 305 47.21 -32.25 31.61
CA ALA A 305 47.92 -32.01 32.87
C ALA A 305 46.95 -31.60 33.98
N PHE A 306 45.96 -30.77 33.65
CA PHE A 306 44.98 -30.37 34.63
C PHE A 306 44.12 -31.56 35.06
N PHE A 307 43.62 -32.34 34.09
CA PHE A 307 42.76 -33.46 34.43
C PHE A 307 43.51 -34.49 35.29
N ASP A 308 44.70 -34.90 34.85
CA ASP A 308 45.41 -35.96 35.58
C ASP A 308 46.07 -35.45 36.85
N ALA A 309 46.27 -34.14 36.98
CA ALA A 309 46.59 -33.57 38.28
C ALA A 309 45.37 -33.58 39.18
N LEU A 310 44.21 -33.18 38.64
CA LEU A 310 42.98 -33.17 39.41
C LEU A 310 42.57 -34.59 39.83
N ARG A 311 42.87 -35.59 39.00
CA ARG A 311 42.58 -36.97 39.40
C ARG A 311 43.56 -37.43 40.48
N GLU A 312 44.85 -37.15 40.31
CA GLU A 312 45.86 -37.58 41.27
C GLU A 312 45.82 -36.80 42.58
N SER A 313 45.10 -35.68 42.62
CA SER A 313 44.87 -34.99 43.89
C SER A 313 43.87 -35.71 44.77
N LYS A 314 43.13 -36.68 44.22
CA LYS A 314 42.08 -37.39 44.96
C LYS A 314 41.13 -36.42 45.66
N GLY A 315 41.04 -35.19 45.15
CA GLY A 315 40.14 -34.19 45.68
C GLY A 315 40.60 -33.48 46.93
N LYS A 316 41.75 -33.84 47.49
CA LYS A 316 42.19 -33.25 48.75
C LYS A 316 42.64 -31.82 48.53
N ASN A 317 42.03 -30.89 49.27
CA ASN A 317 42.31 -29.45 49.19
C ASN A 317 41.88 -28.85 47.86
N VAL A 318 40.78 -29.35 47.29
CA VAL A 318 40.12 -28.73 46.14
C VAL A 318 38.73 -28.32 46.57
N TYR A 319 38.36 -27.06 46.30
CA TYR A 319 37.13 -26.47 46.81
C TYR A 319 36.31 -25.90 45.65
N VAL A 320 34.98 -26.00 45.77
CA VAL A 320 34.07 -25.71 44.68
C VAL A 320 32.92 -24.83 45.19
N LYS A 321 32.40 -24.00 44.28
CA LYS A 321 31.39 -23.00 44.61
C LYS A 321 30.10 -23.64 45.11
N LYS A 373 30.49 -19.66 50.77
CA LYS A 373 30.01 -19.87 49.41
C LYS A 373 30.68 -21.07 48.76
N SER A 374 31.32 -21.92 49.55
CA SER A 374 32.12 -23.01 49.01
C SER A 374 32.09 -24.22 49.94
N TYR A 375 32.56 -25.35 49.40
CA TYR A 375 32.72 -26.59 50.15
C TYR A 375 33.78 -27.43 49.44
N SER A 376 34.37 -28.37 50.20
CA SER A 376 35.51 -29.14 49.74
C SER A 376 35.08 -30.48 49.16
N LEU A 377 35.83 -30.95 48.16
CA LEU A 377 35.56 -32.22 47.49
C LEU A 377 36.01 -33.44 48.29
N GLU A 378 36.40 -33.27 49.56
CA GLU A 378 37.02 -34.35 50.33
C GLU A 378 36.03 -35.39 50.82
N HIS A 379 34.73 -35.22 50.55
CA HIS A 379 33.75 -36.15 51.10
C HIS A 379 33.61 -37.41 50.26
N LEU A 380 33.70 -37.29 48.94
CA LEU A 380 33.50 -38.44 48.07
C LEU A 380 34.61 -39.48 48.25
N ASN A 389 34.00 -39.60 43.24
CA ASN A 389 32.81 -39.78 42.42
C ASN A 389 32.67 -38.62 41.45
N LEU A 390 32.81 -37.41 42.00
CA LEU A 390 32.49 -36.20 41.27
C LEU A 390 33.57 -35.78 40.30
N ILE A 391 34.83 -36.02 40.64
CA ILE A 391 35.93 -35.59 39.79
C ILE A 391 35.67 -35.98 38.35
N GLU A 392 35.51 -37.28 38.12
CA GLU A 392 35.35 -37.75 36.75
C GLU A 392 33.99 -37.37 36.16
N ASN A 393 33.05 -36.94 36.97
CA ASN A 393 31.77 -36.40 36.43
C ASN A 393 32.05 -34.99 35.90
N TYR A 394 33.04 -34.30 36.48
CA TYR A 394 33.47 -32.93 36.13
C TYR A 394 34.37 -32.92 34.88
N ILE A 395 35.42 -33.74 34.80
CA ILE A 395 36.30 -33.65 33.63
C ILE A 395 35.51 -33.93 32.35
N HIS A 396 34.45 -34.72 32.45
CA HIS A 396 33.69 -35.03 31.24
C HIS A 396 32.95 -33.82 30.68
N GLN A 397 33.11 -32.63 31.26
CA GLN A 397 32.86 -31.39 30.56
C GLN A 397 33.98 -31.06 29.57
N ILE A 398 34.80 -32.06 29.27
CA ILE A 398 35.50 -32.20 27.99
C ILE A 398 34.54 -31.76 26.90
N SER A 399 33.26 -32.09 27.07
CA SER A 399 32.26 -31.80 26.05
C SER A 399 32.23 -30.32 25.69
N ASP A 400 32.63 -29.44 26.60
CA ASP A 400 32.73 -28.02 26.24
C ASP A 400 33.84 -27.80 25.22
N ASP A 401 34.91 -28.61 25.26
CA ASP A 401 35.92 -28.54 24.21
C ASP A 401 35.37 -29.05 22.87
N ILE A 402 34.57 -30.12 22.91
CA ILE A 402 33.99 -30.66 21.69
C ILE A 402 33.08 -29.63 21.02
N GLU A 403 32.29 -28.91 21.82
CA GLU A 403 31.36 -27.94 21.24
C GLU A 403 32.07 -26.67 20.77
N ASN A 404 33.10 -26.22 21.50
CA ASN A 404 33.94 -25.16 20.97
C ASN A 404 34.48 -25.56 19.60
N ILE A 405 34.99 -26.78 19.50
CA ILE A 405 35.58 -27.26 18.25
C ILE A 405 34.53 -27.30 17.14
N ILE A 406 33.36 -27.88 17.43
CA ILE A 406 32.29 -27.92 16.44
C ILE A 406 31.96 -26.52 15.96
N ILE A 407 31.71 -25.61 16.90
CA ILE A 407 31.19 -24.30 16.53
C ILE A 407 32.29 -23.43 15.92
N ASN A 408 33.55 -23.69 16.27
CA ASN A 408 34.64 -23.06 15.54
C ASN A 408 34.64 -23.50 14.08
N ASN A 409 34.40 -24.79 13.83
CA ASN A 409 34.19 -25.26 12.47
C ASN A 409 32.98 -24.57 11.84
N GLU A 410 31.89 -24.46 12.62
CA GLU A 410 30.71 -23.73 12.15
C GLU A 410 31.01 -22.27 11.79
N THR A 411 32.16 -21.74 12.23
CA THR A 411 32.60 -20.42 11.78
C THR A 411 33.02 -20.43 10.30
N PHE A 412 32.84 -21.56 9.59
CA PHE A 412 32.91 -21.55 8.14
C PHE A 412 31.81 -20.66 7.56
N LEU A 413 30.72 -20.45 8.28
CA LEU A 413 29.71 -19.52 7.86
C LEU A 413 30.25 -18.09 7.83
N ARG A 414 31.29 -17.81 8.59
CA ARG A 414 31.93 -16.51 8.55
C ARG A 414 32.96 -16.42 7.42
N ILE A 415 34.01 -17.26 7.48
CA ILE A 415 35.17 -17.08 6.61
C ILE A 415 35.10 -17.89 5.32
N VAL A 416 34.25 -18.90 5.24
CA VAL A 416 34.07 -19.60 3.96
C VAL A 416 32.92 -18.98 3.16
N ILE A 417 31.79 -18.68 3.82
CA ILE A 417 30.58 -18.31 3.10
C ILE A 417 30.42 -16.81 2.92
N ASN A 418 31.17 -15.99 3.65
CA ASN A 418 31.14 -14.55 3.43
C ASN A 418 32.34 -14.13 2.58
N ARG A 424 29.30 -6.03 1.58
CA ARG A 424 28.15 -6.07 2.48
C ARG A 424 28.58 -6.38 3.92
N LYS A 425 27.99 -5.68 4.87
CA LYS A 425 28.44 -5.73 6.25
C LYS A 425 28.13 -7.08 6.88
N LEU A 426 28.87 -7.37 7.96
CA LEU A 426 28.71 -8.65 8.65
C LEU A 426 27.44 -8.68 9.48
N ALA A 427 27.16 -7.62 10.23
CA ALA A 427 25.97 -7.57 11.07
C ALA A 427 24.69 -7.82 10.29
N LYS A 428 24.73 -7.77 8.95
CA LYS A 428 23.56 -7.96 8.11
C LYS A 428 23.19 -9.43 7.92
N ASN A 429 24.02 -10.37 8.36
CA ASN A 429 23.91 -11.77 7.95
C ASN A 429 23.18 -12.59 9.00
N ARG A 430 22.18 -13.37 8.54
CA ARG A 430 21.38 -14.19 9.44
C ARG A 430 22.26 -15.18 10.20
N LYS A 431 23.01 -16.00 9.46
CA LYS A 431 23.77 -17.07 10.09
C LYS A 431 25.00 -16.53 10.83
N ALA A 432 25.78 -15.69 10.15
CA ALA A 432 27.05 -15.24 10.70
C ALA A 432 26.90 -14.74 12.13
N VAL A 433 25.95 -13.84 12.36
CA VAL A 433 25.77 -13.27 13.69
C VAL A 433 25.46 -14.37 14.70
N LYS A 434 24.70 -15.38 14.29
CA LYS A 434 24.39 -16.48 15.21
C LYS A 434 25.59 -17.40 15.41
N ALA A 435 26.31 -17.72 14.33
CA ALA A 435 27.46 -18.62 14.47
C ALA A 435 28.52 -18.03 15.39
N ILE A 436 28.75 -16.72 15.29
CA ILE A 436 29.77 -16.09 16.13
C ILE A 436 29.34 -16.11 17.59
N LYS A 437 28.05 -15.83 17.86
CA LYS A 437 27.57 -15.86 19.24
C LYS A 437 27.60 -17.29 19.78
N ASP A 438 27.08 -18.25 19.02
CA ASP A 438 27.20 -19.65 19.41
C ASP A 438 28.64 -19.99 19.77
N PHE A 439 29.60 -19.43 19.04
CA PHE A 439 31.01 -19.73 19.28
C PHE A 439 31.48 -19.16 20.60
N LEU A 440 31.33 -17.85 20.80
CA LEU A 440 31.81 -17.21 22.02
C LEU A 440 31.07 -17.71 23.25
N ASP A 441 29.76 -17.96 23.12
CA ASP A 441 29.01 -18.54 24.22
C ASP A 441 29.64 -19.85 24.67
N SER A 442 29.89 -20.75 23.71
CA SER A 442 30.47 -22.05 24.04
C SER A 442 31.80 -21.90 24.75
N ILE A 443 32.60 -20.91 24.37
CA ILE A 443 33.82 -20.63 25.14
C ILE A 443 33.45 -20.21 26.55
N LYS A 444 32.51 -19.28 26.67
CA LYS A 444 32.15 -18.74 27.96
C LYS A 444 31.71 -19.86 28.91
N VAL A 445 30.94 -20.82 28.41
CA VAL A 445 30.52 -21.90 29.30
C VAL A 445 31.73 -22.72 29.73
N LEU A 446 32.71 -22.90 28.85
CA LEU A 446 33.93 -23.56 29.30
C LEU A 446 34.55 -22.79 30.47
N GLU A 447 34.75 -21.48 30.30
CA GLU A 447 35.29 -20.67 31.39
C GLU A 447 34.41 -20.78 32.63
N ARG A 448 33.09 -20.71 32.48
CA ARG A 448 32.15 -20.70 33.61
C ARG A 448 32.30 -22.01 34.35
N GLU A 449 32.46 -23.08 33.59
CA GLU A 449 32.61 -24.45 34.11
C GLU A 449 33.90 -24.46 34.90
N LEU A 450 34.97 -23.89 34.35
CA LEU A 450 36.29 -23.86 34.99
C LEU A 450 36.19 -23.08 36.30
N LYS A 451 35.69 -21.84 36.25
CA LYS A 451 35.51 -20.97 37.40
C LYS A 451 34.76 -21.66 38.55
N LEU A 452 34.16 -22.82 38.29
CA LEU A 452 33.43 -23.53 39.34
C LEU A 452 34.33 -23.90 40.51
N ILE A 453 35.65 -23.87 40.33
CA ILE A 453 36.60 -24.18 41.39
C ILE A 453 37.03 -22.87 42.04
N ASN A 454 36.93 -22.82 43.36
CA ASN A 454 37.26 -21.61 44.12
C ASN A 454 36.50 -20.41 43.59
N GLU A 459 39.18 -19.70 50.81
CA GLU A 459 39.94 -20.77 51.46
C GLU A 459 41.43 -20.60 51.17
N LEU A 460 42.26 -21.12 52.09
CA LEU A 460 43.69 -20.79 52.09
C LEU A 460 44.61 -21.99 51.96
N GLU A 461 44.15 -23.21 52.23
CA GLU A 461 45.01 -24.39 52.24
C GLU A 461 44.95 -25.18 50.93
N LYS A 462 44.59 -24.53 49.82
CA LYS A 462 44.26 -25.22 48.59
C LYS A 462 45.49 -25.89 47.95
N ASP A 463 45.21 -26.89 47.10
CA ASP A 463 46.24 -27.76 46.55
C ASP A 463 47.09 -27.03 45.52
N LEU A 464 48.42 -27.11 45.69
CA LEU A 464 49.31 -26.28 44.88
C LEU A 464 49.33 -26.72 43.41
N ILE A 465 49.34 -28.02 43.16
CA ILE A 465 49.51 -28.50 41.78
C ILE A 465 48.21 -28.34 40.99
N VAL A 466 47.10 -28.82 41.56
CA VAL A 466 45.82 -28.75 40.87
C VAL A 466 45.52 -27.32 40.43
N TYR A 467 45.69 -26.37 41.35
CA TYR A 467 45.31 -25.00 41.06
C TYR A 467 46.29 -24.26 40.15
N SER A 468 47.52 -24.76 40.00
CA SER A 468 48.44 -24.17 39.03
C SER A 468 48.08 -24.59 37.61
N ALA A 469 47.77 -25.88 37.42
CA ALA A 469 47.31 -26.36 36.12
C ALA A 469 45.99 -25.69 35.74
N HIS A 470 45.08 -25.57 36.70
CA HIS A 470 43.82 -24.85 36.47
C HIS A 470 44.07 -23.42 36.01
N GLU A 471 45.09 -22.76 36.58
CA GLU A 471 45.34 -21.36 36.29
C GLU A 471 45.94 -21.16 34.91
N GLU A 472 46.89 -22.02 34.53
CA GLU A 472 47.45 -21.95 33.18
C GLU A 472 46.36 -22.07 32.13
N LEU A 473 45.47 -23.05 32.32
CA LEU A 473 44.39 -23.28 31.38
C LEU A 473 43.39 -22.13 31.39
N LEU A 474 43.17 -21.52 32.55
CA LEU A 474 42.19 -20.45 32.67
C LEU A 474 42.73 -19.13 32.11
N VAL A 475 44.05 -18.95 32.11
CA VAL A 475 44.64 -17.75 31.52
C VAL A 475 44.37 -17.69 30.02
N GLU A 476 44.16 -18.85 29.39
CA GLU A 476 43.80 -18.86 27.98
C GLU A 476 42.39 -18.31 27.77
N LEU A 477 41.51 -18.51 28.74
CA LEU A 477 40.11 -18.16 28.57
C LEU A 477 39.76 -16.77 29.06
N LYS A 478 40.48 -16.25 30.05
CA LYS A 478 40.12 -14.93 30.57
C LYS A 478 40.39 -13.82 29.55
N GLN A 479 40.91 -14.16 28.38
CA GLN A 479 40.94 -13.22 27.27
C GLN A 479 39.58 -13.04 26.61
N VAL A 480 38.59 -13.86 26.96
CA VAL A 480 37.38 -13.97 26.16
C VAL A 480 36.34 -12.89 26.50
N ASP A 481 36.72 -11.94 27.35
CA ASP A 481 35.88 -10.77 27.54
C ASP A 481 35.89 -9.94 26.26
N SER A 482 35.27 -10.47 25.20
CA SER A 482 35.25 -9.80 23.90
C SER A 482 34.19 -8.69 23.88
N LEU A 483 32.96 -9.01 24.29
CA LEU A 483 32.04 -8.05 24.89
C LEU A 483 31.72 -6.85 23.98
N TYR A 484 32.01 -6.94 22.68
CA TYR A 484 31.57 -5.93 21.74
C TYR A 484 30.07 -6.09 21.48
N ASN A 485 29.53 -5.26 20.58
CA ASN A 485 28.10 -5.20 20.37
C ASN A 485 27.59 -6.22 19.36
N MET A 486 27.32 -5.79 18.13
CA MET A 486 26.77 -6.64 17.08
C MET A 486 27.81 -7.67 16.63
N LYS A 494 21.05 -1.57 18.54
CA LYS A 494 21.51 -0.78 19.69
C LYS A 494 20.43 0.23 20.12
N PRO A 495 20.01 0.14 21.38
CA PRO A 495 18.71 0.73 21.77
C PRO A 495 18.61 2.22 21.47
N PHE A 496 17.56 2.60 20.75
CA PHE A 496 17.28 3.95 20.28
C PHE A 496 18.25 4.40 19.21
N SER A 497 19.03 3.49 18.63
CA SER A 497 19.50 3.70 17.27
C SER A 497 18.33 3.68 16.30
N THR A 498 17.39 2.76 16.52
CA THR A 498 16.27 2.49 15.64
C THR A 498 15.08 3.40 15.98
N GLU A 499 14.09 3.36 15.09
CA GLU A 499 12.85 4.11 15.32
C GLU A 499 12.02 3.49 16.44
N LYS A 500 12.11 2.18 16.64
CA LYS A 500 11.44 1.53 17.75
C LYS A 500 12.39 0.57 18.46
N VAL A 501 12.03 0.25 19.69
CA VAL A 501 12.63 -0.83 20.46
C VAL A 501 11.49 -1.77 20.84
N LYS A 502 11.72 -3.07 20.70
CA LYS A 502 10.74 -4.04 21.16
C LYS A 502 11.15 -4.54 22.53
N LEU A 503 10.16 -4.72 23.40
CA LEU A 503 10.39 -5.06 24.80
C LEU A 503 9.72 -6.39 25.14
N ASN A 504 10.30 -7.07 26.11
CA ASN A 504 9.71 -8.23 26.74
C ASN A 504 9.84 -8.05 28.24
N PHE A 505 8.80 -8.40 28.99
CA PHE A 505 8.79 -8.25 30.43
C PHE A 505 9.10 -9.54 31.17
N ASN A 506 9.71 -10.52 30.49
CA ASN A 506 9.70 -11.89 30.99
C ASN A 506 11.05 -12.57 30.77
N ARG A 507 11.18 -13.73 31.42
CA ARG A 507 12.25 -14.71 31.25
C ARG A 507 12.13 -15.38 29.89
N SER A 508 12.35 -14.63 28.81
CA SER A 508 11.99 -15.12 27.49
C SER A 508 12.60 -14.35 26.33
N THR A 509 13.54 -13.45 26.62
CA THR A 509 14.09 -12.59 25.57
C THR A 509 14.94 -13.40 24.59
N LEU A 510 14.61 -13.30 23.31
CA LEU A 510 15.50 -13.80 22.27
C LEU A 510 16.62 -12.77 22.04
N LEU A 511 17.73 -13.25 21.46
CA LEU A 511 18.97 -12.49 21.44
C LEU A 511 19.60 -12.48 20.05
N ASN A 512 18.78 -12.58 19.01
CA ASN A 512 19.26 -12.67 17.63
C ASN A 512 20.15 -11.50 17.26
N ARG A 516 14.66 -10.22 11.31
CA ARG A 516 14.45 -10.39 12.74
C ARG A 516 15.62 -9.80 13.53
N ASN A 517 16.78 -9.72 12.89
CA ASN A 517 17.93 -9.06 13.49
C ASN A 517 17.75 -7.54 13.54
N LYS A 518 16.66 -7.02 12.97
CA LYS A 518 16.27 -5.64 13.16
C LYS A 518 15.07 -5.51 14.11
N GLU A 519 14.75 -6.57 14.85
CA GLU A 519 13.70 -6.56 15.85
C GLU A 519 13.96 -7.65 16.88
N THR A 520 14.89 -7.40 17.78
CA THR A 520 15.19 -8.29 18.89
C THR A 520 14.70 -7.68 20.18
N ASP A 521 14.31 -8.55 21.13
CA ASP A 521 13.75 -8.09 22.38
C ASP A 521 14.83 -7.61 23.34
N ASN A 522 14.60 -6.43 23.92
CA ASN A 522 15.30 -5.96 25.11
C ASN A 522 14.40 -6.17 26.32
N LEU A 523 15.00 -6.19 27.51
CA LEU A 523 14.20 -6.30 28.71
C LEU A 523 13.49 -4.98 29.02
N GLY A 524 12.22 -5.08 29.35
CA GLY A 524 11.47 -4.00 29.98
C GLY A 524 11.20 -4.36 31.43
N VAL A 525 11.29 -3.36 32.30
CA VAL A 525 10.87 -3.49 33.69
C VAL A 525 9.91 -2.35 33.99
N LEU A 526 8.96 -2.61 34.88
CA LEU A 526 8.00 -1.61 35.34
C LEU A 526 8.26 -1.30 36.80
N LEU A 527 8.29 -0.02 37.13
CA LEU A 527 8.69 0.46 38.44
C LEU A 527 7.70 1.49 38.94
N LEU A 528 7.28 1.36 40.19
CA LEU A 528 6.32 2.26 40.80
C LEU A 528 6.99 3.02 41.94
N LYS A 529 6.79 4.35 41.95
CA LYS A 529 7.33 5.20 43.00
C LYS A 529 6.47 6.45 43.09
N ASP A 530 6.16 6.87 44.32
CA ASP A 530 5.44 8.13 44.56
C ASP A 530 4.17 8.23 43.74
N GLY A 531 3.43 7.13 43.65
CA GLY A 531 2.22 7.14 42.87
C GLY A 531 2.39 7.31 41.38
N LYS A 532 3.62 7.31 40.89
CA LYS A 532 3.91 7.44 39.46
C LYS A 532 4.33 6.10 38.88
N TYR A 533 4.28 6.03 37.56
CA TYR A 533 4.60 4.81 36.82
C TYR A 533 5.79 5.08 35.89
N TYR A 534 6.77 4.18 35.93
CA TYR A 534 7.99 4.35 35.15
C TYR A 534 8.24 3.10 34.31
N LEU A 535 8.91 3.30 33.18
CA LEU A 535 9.33 2.23 32.29
C LEU A 535 10.84 2.27 32.15
N GLY A 536 11.50 1.21 32.58
CA GLY A 536 12.93 1.02 32.34
C GLY A 536 13.12 -0.05 31.27
N ILE A 537 14.10 0.15 30.41
CA ILE A 537 14.41 -0.80 29.35
C ILE A 537 15.92 -0.98 29.30
N MET A 538 16.37 -2.23 29.43
CA MET A 538 17.77 -2.52 29.62
C MET A 538 18.55 -2.47 28.31
N ASN A 539 19.80 -2.04 28.40
CA ASN A 539 20.79 -2.38 27.39
C ASN A 539 21.11 -3.87 27.54
N THR A 540 21.18 -4.58 26.41
CA THR A 540 21.24 -6.04 26.48
C THR A 540 22.36 -6.54 27.38
N SER A 541 23.44 -5.76 27.51
CA SER A 541 24.57 -6.16 28.34
C SER A 541 24.26 -6.15 29.83
N ALA A 542 23.09 -5.64 30.21
CA ALA A 542 22.70 -5.54 31.61
C ALA A 542 21.41 -6.33 31.89
N ASN A 543 21.03 -7.22 30.98
CA ASN A 543 19.73 -7.90 31.08
C ASN A 543 19.52 -8.58 32.43
N LYS A 544 20.60 -8.94 33.13
CA LYS A 544 20.47 -9.71 34.38
C LYS A 544 20.59 -8.84 35.62
N ALA A 545 20.56 -7.52 35.48
CA ALA A 545 20.66 -6.63 36.63
C ALA A 545 19.50 -6.80 37.60
N PHE A 546 18.37 -7.35 37.17
CA PHE A 546 17.19 -7.49 38.02
C PHE A 546 16.88 -8.93 38.38
N VAL A 547 17.72 -9.88 37.96
CA VAL A 547 17.51 -11.27 38.32
C VAL A 547 17.65 -11.46 39.83
N ASN A 548 18.72 -10.92 40.40
CA ASN A 548 18.88 -10.86 41.86
C ASN A 548 19.37 -9.47 42.23
N PRO A 549 18.46 -8.53 42.46
CA PRO A 549 18.87 -7.17 42.84
C PRO A 549 19.25 -7.10 44.31
N PRO A 550 20.24 -6.29 44.66
CA PRO A 550 20.63 -6.19 46.07
C PRO A 550 19.46 -5.74 46.92
N VAL A 551 19.48 -6.16 48.19
CA VAL A 551 18.37 -5.85 49.09
C VAL A 551 18.31 -4.35 49.34
N ALA A 552 17.11 -3.81 49.37
CA ALA A 552 16.91 -2.37 49.52
C ALA A 552 17.27 -1.94 50.94
N LYS A 553 17.88 -0.76 51.06
CA LYS A 553 18.33 -0.26 52.35
C LYS A 553 17.88 1.17 52.67
N THR A 554 17.59 2.00 51.68
CA THR A 554 17.14 3.35 51.96
C THR A 554 15.61 3.41 52.02
N GLU A 555 15.10 4.59 52.39
CA GLU A 555 13.66 4.85 52.30
C GLU A 555 13.21 5.11 50.87
N LYS A 556 14.11 5.63 50.04
CA LYS A 556 13.80 5.97 48.65
C LYS A 556 13.96 4.69 47.84
N VAL A 557 12.85 4.02 47.56
CA VAL A 557 12.84 2.77 46.82
C VAL A 557 11.81 2.87 45.70
N PHE A 558 12.03 2.06 44.67
CA PHE A 558 11.00 1.71 43.71
C PHE A 558 10.33 0.39 44.14
N LYS A 559 9.12 0.18 43.67
CA LYS A 559 8.48 -1.15 43.71
C LYS A 559 8.54 -1.71 42.29
N LYS A 560 9.43 -2.67 42.06
CA LYS A 560 9.56 -3.26 40.73
C LYS A 560 8.50 -4.33 40.53
N VAL A 561 7.96 -4.41 39.32
CA VAL A 561 6.94 -5.38 38.98
C VAL A 561 7.60 -6.70 38.58
N ASP A 562 7.38 -7.74 39.37
CA ASP A 562 7.80 -9.09 39.01
C ASP A 562 6.72 -9.74 38.14
N TYR A 563 7.06 -10.05 36.89
CA TYR A 563 6.10 -10.60 35.94
C TYR A 563 6.15 -12.12 36.02
N LYS A 564 5.21 -12.70 36.77
CA LYS A 564 5.15 -14.14 37.00
C LYS A 564 4.13 -14.73 36.03
N LEU A 565 4.61 -15.50 35.07
CA LEU A 565 3.75 -16.13 34.07
C LEU A 565 4.17 -17.58 33.90
N LEU A 566 3.21 -18.48 33.95
CA LEU A 566 3.42 -19.91 33.69
C LEU A 566 2.70 -20.27 32.39
N PRO A 567 3.37 -20.17 31.24
CA PRO A 567 2.72 -20.50 29.97
C PRO A 567 2.56 -22.00 29.79
N VAL A 568 1.65 -22.35 28.90
CA VAL A 568 1.48 -23.72 28.37
C VAL A 568 1.97 -24.75 29.38
N PRO A 569 1.10 -25.21 30.28
CA PRO A 569 1.58 -26.03 31.40
C PRO A 569 2.25 -27.36 31.07
N ASN A 570 2.42 -27.69 29.80
CA ASN A 570 3.03 -28.98 29.43
C ASN A 570 4.54 -28.98 29.65
N GLN A 571 5.02 -28.19 30.61
CA GLN A 571 6.46 -27.95 30.75
C GLN A 571 7.21 -29.22 31.12
N MET A 572 6.94 -29.76 32.30
CA MET A 572 7.58 -31.00 32.73
C MET A 572 6.83 -32.22 32.18
N ASN A 587 6.07 -43.02 37.64
CA ASN A 587 5.85 -42.02 36.60
C ASN A 587 5.37 -42.66 35.30
N PRO A 588 4.14 -43.15 35.28
CA PRO A 588 3.60 -43.80 34.08
C PRO A 588 3.11 -42.77 33.07
N SER A 589 2.68 -43.28 31.90
CA SER A 589 2.26 -42.46 30.78
C SER A 589 0.80 -42.04 30.91
N SER A 590 0.31 -41.35 29.89
CA SER A 590 -0.95 -40.60 29.98
C SER A 590 -2.21 -41.43 29.78
N GLU A 591 -2.32 -42.54 30.51
CA GLU A 591 -3.58 -43.26 30.58
C GLU A 591 -3.77 -43.96 31.93
N ILE A 592 -2.72 -43.99 32.74
CA ILE A 592 -2.75 -44.71 34.02
C ILE A 592 -3.96 -44.32 34.86
N TRP A 629 8.02 -25.86 43.20
CA TRP A 629 6.85 -25.24 43.81
C TRP A 629 7.16 -23.84 44.35
N SER A 630 8.16 -23.18 43.76
CA SER A 630 8.41 -21.77 44.05
C SER A 630 7.33 -20.87 43.47
N LYS A 631 6.44 -21.41 42.63
CA LYS A 631 5.40 -20.62 42.00
C LYS A 631 4.26 -20.32 42.98
N PHE A 632 3.37 -19.43 42.54
CA PHE A 632 2.31 -18.88 43.37
C PHE A 632 1.09 -19.79 43.50
N GLY A 633 0.96 -20.79 42.64
CA GLY A 633 -0.25 -21.60 42.53
C GLY A 633 -1.09 -21.71 43.79
N PHE A 634 -2.32 -21.22 43.75
CA PHE A 634 -3.08 -20.94 44.96
C PHE A 634 -3.96 -22.10 45.42
N LYS A 635 -4.09 -22.21 46.74
CA LYS A 635 -4.81 -23.32 47.37
C LYS A 635 -6.31 -23.06 47.39
N PHE A 636 -7.08 -24.15 47.39
CA PHE A 636 -8.53 -24.07 47.31
C PHE A 636 -9.19 -24.65 48.57
N GLU A 651 -4.26 -26.83 32.66
CA GLU A 651 -5.34 -26.74 33.63
C GLU A 651 -5.24 -25.46 34.46
N VAL A 652 -4.05 -25.22 35.02
CA VAL A 652 -3.79 -23.98 35.75
C VAL A 652 -3.68 -22.77 34.83
N GLU A 653 -3.59 -23.01 33.53
CA GLU A 653 -3.35 -21.99 32.52
C GLU A 653 -3.94 -20.63 32.88
N LYS A 654 -5.21 -20.60 33.26
CA LYS A 654 -5.92 -19.34 33.48
C LYS A 654 -5.73 -18.78 34.88
N GLN A 655 -5.02 -19.49 35.77
CA GLN A 655 -4.52 -18.90 37.01
C GLN A 655 -3.02 -18.68 36.97
N GLY A 656 -2.33 -19.11 35.92
CA GLY A 656 -0.88 -19.07 35.88
C GLY A 656 -0.26 -17.73 35.54
N TYR A 657 -0.86 -16.64 36.03
CA TYR A 657 -0.32 -15.31 35.83
C TYR A 657 -0.57 -14.50 37.10
N LYS A 658 0.45 -13.80 37.56
CA LYS A 658 0.34 -12.96 38.75
C LYS A 658 1.47 -11.93 38.70
N LEU A 659 1.17 -10.72 39.16
CA LEU A 659 2.19 -9.68 39.33
C LEU A 659 2.47 -9.52 40.82
N THR A 660 3.74 -9.49 41.17
CA THR A 660 4.16 -9.25 42.55
C THR A 660 5.26 -8.21 42.56
N TYR A 661 5.60 -7.72 43.75
CA TYR A 661 6.42 -6.53 43.87
C TYR A 661 7.66 -6.79 44.71
N THR A 662 8.71 -6.04 44.38
CA THR A 662 10.03 -6.17 45.01
C THR A 662 10.57 -4.78 45.24
N ASP A 663 10.91 -4.46 46.49
CA ASP A 663 11.46 -3.14 46.80
C ASP A 663 12.89 -3.05 46.29
N ILE A 664 13.20 -1.98 45.55
CA ILE A 664 14.53 -1.77 44.98
C ILE A 664 14.99 -0.36 45.31
N ASP A 665 16.24 -0.24 45.74
CA ASP A 665 16.78 1.03 46.20
C ASP A 665 17.03 1.96 45.03
N GLU A 666 16.62 3.23 45.19
CA GLU A 666 16.66 4.17 44.07
C GLU A 666 18.09 4.43 43.58
N THR A 667 19.09 4.24 44.44
CA THR A 667 20.47 4.51 44.02
C THR A 667 20.96 3.47 43.01
N TYR A 668 20.49 2.22 43.12
CA TYR A 668 20.83 1.17 42.16
C TYR A 668 20.30 1.50 40.77
N ILE A 669 19.03 1.92 40.71
CA ILE A 669 18.44 2.38 39.45
C ILE A 669 19.29 3.51 38.85
N ASN A 670 19.70 4.46 39.69
CA ASN A 670 20.50 5.58 39.21
C ASN A 670 21.82 5.09 38.63
N ASP A 671 22.50 4.18 39.33
CA ASP A 671 23.80 3.70 38.88
C ASP A 671 23.71 3.13 37.47
N LEU A 672 22.66 2.37 37.18
CA LEU A 672 22.49 1.78 35.86
C LEU A 672 22.29 2.87 34.80
N ILE A 673 21.55 3.91 35.14
CA ILE A 673 21.31 4.98 34.17
C ILE A 673 22.60 5.74 33.90
N GLU A 674 23.33 6.10 34.96
CA GLU A 674 24.58 6.83 34.80
C GLU A 674 25.54 6.04 33.91
N ARG A 675 25.59 4.72 34.10
CA ARG A 675 26.45 3.82 33.35
C ARG A 675 25.94 3.57 31.93
N ASN A 676 24.82 4.18 31.55
CA ASN A 676 24.21 4.00 30.22
C ASN A 676 23.76 2.56 30.00
N GLU A 677 23.46 1.87 31.09
CA GLU A 677 22.97 0.50 31.02
C GLU A 677 21.45 0.39 31.06
N LEU A 678 20.78 1.43 31.53
CA LEU A 678 19.34 1.45 31.67
C LEU A 678 18.79 2.76 31.12
N TYR A 679 17.66 2.67 30.45
CA TYR A 679 16.96 3.83 29.86
C TYR A 679 15.62 3.91 30.59
N LEU A 680 15.50 4.88 31.50
CA LEU A 680 14.32 5.00 32.34
C LEU A 680 13.44 6.15 31.87
N PHE A 681 12.13 5.90 31.82
CA PHE A 681 11.14 6.87 31.42
C PHE A 681 10.03 6.92 32.47
N GLN A 682 9.39 8.07 32.58
CA GLN A 682 8.13 8.15 33.32
C GLN A 682 6.98 7.98 32.32
N ILE A 683 6.02 7.13 32.66
CA ILE A 683 4.85 6.95 31.83
C ILE A 683 3.88 8.08 32.10
N TYR A 684 3.44 8.76 31.05
CA TYR A 684 2.70 9.99 31.19
C TYR A 684 1.46 10.01 30.32
N ASN A 685 0.37 10.54 30.89
CA ASN A 685 -0.78 11.02 30.14
C ASN A 685 -1.39 12.13 30.99
N LYS A 686 -2.41 12.79 30.45
CA LYS A 686 -3.00 13.91 31.18
C LYS A 686 -3.43 13.54 32.59
N ASP A 687 -3.58 12.25 32.89
CA ASP A 687 -4.03 11.80 34.20
C ASP A 687 -2.88 11.42 35.13
N PHE A 688 -1.65 11.31 34.62
CA PHE A 688 -0.50 10.97 35.45
C PHE A 688 0.33 12.20 35.78
N SER A 689 -0.28 13.24 36.31
CA SER A 689 0.45 14.45 36.66
C SER A 689 0.01 14.91 38.05
N MET A 690 0.94 15.56 38.75
CA MET A 690 0.61 16.20 40.03
C MET A 690 -0.38 17.33 39.84
N TYR A 691 -0.63 17.76 38.61
CA TYR A 691 -1.61 18.79 38.29
C TYR A 691 -2.86 18.23 37.62
N SER A 692 -3.05 16.91 37.62
CA SER A 692 -4.15 16.31 36.88
C SER A 692 -5.49 16.56 37.59
N LYS A 693 -6.55 16.66 36.77
CA LYS A 693 -7.89 16.94 37.26
C LYS A 693 -8.90 16.13 36.45
N GLY A 694 -10.10 15.97 37.02
CA GLY A 694 -11.20 15.35 36.32
C GLY A 694 -11.14 13.84 36.30
N LYS A 695 -12.20 13.24 35.76
CA LYS A 695 -12.32 11.80 35.66
C LYS A 695 -11.15 11.22 34.85
N LEU A 696 -10.90 9.93 35.05
CA LEU A 696 -9.86 9.24 34.32
C LEU A 696 -10.29 8.94 32.89
N ASN A 697 -9.35 9.03 31.96
CA ASN A 697 -9.56 8.46 30.63
C ASN A 697 -9.53 6.94 30.75
N LEU A 698 -10.35 6.26 29.96
CA LEU A 698 -10.52 4.82 30.16
C LEU A 698 -9.18 4.09 30.08
N HIS A 699 -8.31 4.48 29.14
CA HIS A 699 -7.05 3.77 28.99
C HIS A 699 -6.13 3.96 30.19
N THR A 700 -6.16 5.15 30.80
CA THR A 700 -5.49 5.31 32.08
C THR A 700 -6.03 4.32 33.11
N LEU A 701 -7.35 4.12 33.11
CA LEU A 701 -7.96 3.20 34.07
C LEU A 701 -7.51 1.77 33.83
N TYR A 702 -7.68 1.27 32.60
CA TYR A 702 -7.25 -0.09 32.28
C TYR A 702 -5.81 -0.30 32.73
N PHE A 703 -4.95 0.66 32.42
CA PHE A 703 -3.54 0.56 32.79
C PHE A 703 -3.38 0.46 34.30
N MET A 704 -4.03 1.36 35.05
CA MET A 704 -3.93 1.30 36.51
C MET A 704 -4.39 -0.04 37.06
N MET A 705 -5.44 -0.62 36.46
CA MET A 705 -6.01 -1.85 37.01
C MET A 705 -5.06 -3.04 36.91
N LEU A 706 -4.06 -2.98 36.02
CA LEU A 706 -3.05 -4.02 36.01
C LEU A 706 -2.38 -4.15 37.38
N PHE A 707 -1.94 -3.04 37.93
CA PHE A 707 -1.19 -2.99 39.18
C PHE A 707 -2.09 -2.89 40.40
N ASP A 708 -3.37 -2.58 40.21
CA ASP A 708 -4.29 -2.54 41.33
C ASP A 708 -4.43 -3.92 41.96
N GLN A 709 -4.28 -3.98 43.28
CA GLN A 709 -4.25 -5.27 43.97
C GLN A 709 -5.55 -6.03 43.81
N ARG A 710 -6.67 -5.32 43.67
CA ARG A 710 -7.97 -5.98 43.52
C ARG A 710 -8.05 -6.80 42.25
N ASN A 711 -7.22 -6.49 41.24
CA ASN A 711 -7.11 -7.29 40.02
C ASN A 711 -6.10 -8.42 40.16
N ILE A 712 -4.98 -8.16 40.84
CA ILE A 712 -4.00 -9.20 41.10
C ILE A 712 -4.61 -10.31 41.95
N ASP A 713 -5.60 -9.95 42.79
CA ASP A 713 -6.28 -10.94 43.62
C ASP A 713 -7.25 -11.79 42.81
N ASP A 714 -7.81 -11.24 41.73
CA ASP A 714 -8.71 -12.00 40.85
C ASP A 714 -8.65 -11.33 39.48
N VAL A 715 -7.93 -11.96 38.56
CA VAL A 715 -7.42 -11.25 37.39
C VAL A 715 -8.52 -10.99 36.38
N VAL A 716 -8.74 -9.71 36.07
CA VAL A 716 -9.49 -9.28 34.90
C VAL A 716 -8.55 -8.77 33.82
N TYR A 717 -7.54 -7.98 34.21
CA TYR A 717 -6.62 -7.36 33.29
C TYR A 717 -5.29 -8.09 33.34
N LYS A 718 -4.90 -8.69 32.24
CA LYS A 718 -3.60 -9.32 32.12
C LYS A 718 -2.70 -8.45 31.24
N LEU A 719 -1.44 -8.36 31.64
CA LEU A 719 -0.42 -7.72 30.83
C LEU A 719 0.19 -8.77 29.91
N ASN A 720 -0.07 -8.67 28.62
CA ASN A 720 0.66 -9.47 27.64
C ASN A 720 2.12 -9.05 27.69
N GLY A 721 3.01 -10.04 27.75
CA GLY A 721 4.40 -9.78 28.07
C GLY A 721 5.13 -8.82 27.14
N GLU A 722 4.59 -8.53 25.96
CA GLU A 722 5.31 -7.75 24.96
C GLU A 722 4.90 -6.28 24.97
N ALA A 723 5.83 -5.43 24.53
CA ALA A 723 5.59 -4.00 24.45
C ALA A 723 6.60 -3.35 23.50
N GLU A 724 6.23 -2.20 22.97
CA GLU A 724 7.02 -1.50 21.97
C GLU A 724 7.16 -0.03 22.36
N VAL A 725 8.33 0.54 22.11
CA VAL A 725 8.62 1.96 22.36
C VAL A 725 9.05 2.59 21.05
N PHE A 726 8.56 3.81 20.79
CA PHE A 726 8.79 4.50 19.52
C PHE A 726 9.41 5.86 19.79
N TYR A 727 10.39 6.23 18.96
CA TYR A 727 11.27 7.37 19.23
C TYR A 727 11.35 8.29 18.02
N ARG A 728 10.78 9.49 18.15
CA ARG A 728 11.03 10.55 17.17
C ARG A 728 12.14 11.44 17.69
N PRO A 729 13.33 11.44 17.11
CA PRO A 729 14.39 12.33 17.58
C PRO A 729 14.13 13.78 17.19
N ALA A 730 14.80 14.68 17.90
CA ALA A 730 14.62 16.11 17.69
C ALA A 730 15.31 16.55 16.41
N SER A 731 14.71 17.53 15.74
CA SER A 731 15.29 18.10 14.52
C SER A 731 14.63 19.43 14.18
N TYR A 772 15.71 21.22 17.73
CA TYR A 772 15.02 22.20 18.58
C TYR A 772 13.50 22.04 18.43
N SER A 773 13.09 20.83 17.99
CA SER A 773 11.78 20.28 18.27
C SER A 773 11.94 19.30 19.44
N LYS A 774 10.83 18.71 19.88
CA LYS A 774 10.84 17.85 21.05
C LYS A 774 11.20 16.42 20.71
N ASP A 775 12.06 15.82 21.53
CA ASP A 775 12.30 14.39 21.51
C ASP A 775 11.07 13.68 22.05
N LYS A 776 10.38 12.91 21.20
CA LYS A 776 9.13 12.28 21.60
C LYS A 776 9.27 10.77 21.70
N PHE A 777 8.87 10.23 22.84
CA PHE A 777 8.83 8.79 23.09
C PHE A 777 7.41 8.40 23.42
N THR A 778 6.90 7.37 22.75
CA THR A 778 5.59 6.83 23.05
C THR A 778 5.66 5.33 23.24
N LEU A 779 4.79 4.83 24.10
CA LEU A 779 4.79 3.44 24.53
C LEU A 779 3.45 2.81 24.19
N HIS A 780 3.49 1.64 23.56
CA HIS A 780 2.30 0.84 23.34
C HIS A 780 2.39 -0.42 24.20
N ILE A 781 1.38 -0.67 25.01
CA ILE A 781 1.33 -1.89 25.81
C ILE A 781 0.07 -2.67 25.48
N PRO A 782 0.19 -3.83 24.82
CA PRO A 782 -0.97 -4.72 24.69
C PRO A 782 -1.40 -5.26 26.05
N ILE A 783 -2.71 -5.41 26.21
CA ILE A 783 -3.26 -6.05 27.39
C ILE A 783 -4.49 -6.85 26.99
N THR A 784 -4.89 -7.75 27.87
CA THR A 784 -6.11 -8.52 27.74
C THR A 784 -7.05 -8.14 28.88
N MET A 785 -8.32 -7.95 28.55
CA MET A 785 -9.36 -7.60 29.51
C MET A 785 -10.35 -8.74 29.56
N ASN A 786 -10.91 -8.97 30.76
CA ASN A 786 -11.61 -10.21 31.06
C ASN A 786 -10.78 -11.40 30.60
N PHE A 787 -9.56 -11.46 31.14
CA PHE A 787 -8.64 -12.55 30.88
C PHE A 787 -9.12 -13.81 31.59
N GLY A 788 -9.11 -14.93 30.89
CA GLY A 788 -9.42 -16.20 31.49
C GLY A 788 -10.88 -16.55 31.54
N VAL A 789 -11.75 -15.72 30.97
CA VAL A 789 -13.16 -16.09 30.86
C VAL A 789 -13.32 -17.00 29.65
N ASP A 790 -14.34 -17.86 29.71
CA ASP A 790 -14.72 -18.65 28.54
C ASP A 790 -15.63 -17.81 27.65
N GLU A 791 -15.27 -17.72 26.38
CA GLU A 791 -16.03 -16.91 25.45
C GLU A 791 -17.45 -17.46 25.30
N VAL A 792 -18.44 -16.58 25.43
CA VAL A 792 -19.83 -17.01 25.30
C VAL A 792 -20.10 -17.33 23.83
N LYS A 793 -20.53 -18.56 23.57
CA LYS A 793 -20.73 -19.07 22.22
C LYS A 793 -21.78 -18.30 21.45
N ARG A 794 -23.04 -18.37 21.88
CA ARG A 794 -24.16 -17.80 21.15
C ARG A 794 -24.63 -16.51 21.84
N PHE A 795 -23.85 -15.45 21.66
CA PHE A 795 -24.10 -14.23 22.43
C PHE A 795 -25.45 -13.60 22.08
N ASN A 796 -25.80 -13.59 20.79
CA ASN A 796 -27.05 -12.94 20.40
C ASN A 796 -28.25 -13.61 21.06
N ASP A 797 -28.26 -14.95 21.10
CA ASP A 797 -29.32 -15.65 21.81
C ASP A 797 -29.29 -15.33 23.31
N ALA A 798 -28.09 -15.32 23.91
CA ALA A 798 -27.99 -14.97 25.32
C ALA A 798 -28.71 -13.66 25.61
N VAL A 799 -28.60 -12.70 24.70
CA VAL A 799 -29.33 -11.44 24.84
C VAL A 799 -30.80 -11.64 24.51
N ASN A 800 -31.09 -12.33 23.42
CA ASN A 800 -32.49 -12.56 23.04
C ASN A 800 -33.26 -13.28 24.12
N SER A 801 -32.59 -14.13 24.91
CA SER A 801 -33.27 -14.82 25.99
C SER A 801 -33.38 -13.96 27.24
N ALA A 802 -32.44 -13.03 27.45
CA ALA A 802 -32.57 -12.08 28.55
C ALA A 802 -33.76 -11.15 28.32
N ILE A 803 -33.94 -10.70 27.07
CA ILE A 803 -35.09 -9.86 26.73
C ILE A 803 -36.38 -10.66 26.87
N ARG A 804 -36.38 -11.89 26.35
CA ARG A 804 -37.57 -12.72 26.40
C ARG A 804 -38.13 -12.85 27.81
N ILE A 805 -37.28 -12.70 28.83
CA ILE A 805 -37.72 -12.86 30.21
C ILE A 805 -38.36 -11.59 30.77
N ASP A 806 -38.12 -10.43 30.17
CA ASP A 806 -38.43 -9.15 30.80
C ASP A 806 -39.54 -8.43 30.05
N GLU A 807 -40.53 -7.94 30.81
CA GLU A 807 -41.61 -7.14 30.24
C GLU A 807 -41.17 -5.71 29.92
N ASN A 808 -40.36 -5.12 30.81
CA ASN A 808 -40.21 -3.67 30.91
C ASN A 808 -39.20 -3.09 29.94
N VAL A 809 -38.84 -3.81 28.88
CA VAL A 809 -37.79 -3.34 27.98
C VAL A 809 -38.31 -2.17 27.16
N ASN A 810 -37.46 -1.17 26.96
CA ASN A 810 -37.75 0.01 26.15
C ASN A 810 -36.86 0.01 24.92
N VAL A 811 -36.95 1.06 24.11
CA VAL A 811 -36.25 1.11 22.84
C VAL A 811 -35.61 2.47 22.64
N ILE A 812 -34.38 2.46 22.14
CA ILE A 812 -33.67 3.64 21.69
C ILE A 812 -33.58 3.56 20.16
N GLY A 813 -34.16 4.54 19.48
CA GLY A 813 -34.08 4.64 18.04
C GLY A 813 -33.16 5.78 17.64
N ILE A 814 -32.20 5.48 16.77
CA ILE A 814 -31.19 6.43 16.33
C ILE A 814 -31.25 6.52 14.81
N ASP A 815 -31.33 7.74 14.30
CA ASP A 815 -31.59 7.96 12.88
C ASP A 815 -30.66 9.03 12.31
N ARG A 816 -30.39 8.90 11.01
CA ARG A 816 -29.72 9.95 10.26
C ARG A 816 -30.72 11.07 9.95
N GLY A 817 -30.33 12.32 10.22
CA GLY A 817 -31.17 13.47 9.98
C GLY A 817 -30.60 14.36 8.87
N GLU A 818 -31.47 15.25 8.39
CA GLU A 818 -31.06 16.22 7.37
C GLU A 818 -30.47 17.50 7.95
N ARG A 819 -30.96 17.95 9.11
CA ARG A 819 -30.36 19.07 9.82
C ARG A 819 -29.62 18.64 11.08
N ASN A 820 -29.93 17.46 11.64
CA ASN A 820 -29.15 16.86 12.71
C ASN A 820 -28.54 15.56 12.18
N LEU A 821 -27.21 15.47 12.24
CA LEU A 821 -26.53 14.27 11.76
C LEU A 821 -27.11 13.02 12.40
N LEU A 822 -27.40 13.08 13.70
CA LEU A 822 -28.01 12.00 14.44
C LEU A 822 -29.18 12.54 15.25
N TYR A 823 -30.22 11.72 15.39
CA TYR A 823 -31.31 12.02 16.29
C TYR A 823 -31.64 10.76 17.07
N VAL A 824 -31.78 10.90 18.39
CA VAL A 824 -32.05 9.78 19.29
C VAL A 824 -33.43 9.97 19.87
N VAL A 825 -34.22 8.90 19.89
CA VAL A 825 -35.57 8.93 20.46
C VAL A 825 -35.75 7.65 21.27
N VAL A 826 -36.09 7.81 22.54
CA VAL A 826 -36.39 6.68 23.42
C VAL A 826 -37.91 6.59 23.53
N ILE A 827 -38.41 5.37 23.55
CA ILE A 827 -39.85 5.13 23.66
C ILE A 827 -40.09 3.93 24.56
N ASP A 828 -41.27 3.90 25.15
CA ASP A 828 -41.68 2.82 26.03
C ASP A 828 -42.31 1.70 25.22
N SER A 829 -42.72 0.64 25.92
CA SER A 829 -43.18 -0.58 25.26
C SER A 829 -44.50 -0.42 24.53
N LYS A 830 -45.24 0.67 24.73
CA LYS A 830 -46.48 0.87 23.98
C LYS A 830 -46.39 2.00 22.96
N GLY A 831 -45.36 2.84 23.01
CA GLY A 831 -45.08 3.73 21.90
C GLY A 831 -44.94 5.19 22.30
N ASN A 832 -44.94 5.45 23.60
CA ASN A 832 -44.88 6.81 24.09
C ASN A 832 -43.44 7.30 24.12
N ILE A 833 -43.24 8.56 23.77
CA ILE A 833 -41.90 9.13 23.70
C ILE A 833 -41.44 9.47 25.11
N LEU A 834 -40.36 8.81 25.53
CA LEU A 834 -39.75 9.05 26.84
C LEU A 834 -38.70 10.16 26.77
N GLU A 835 -37.94 10.22 25.68
CA GLU A 835 -36.91 11.24 25.51
C GLU A 835 -36.58 11.34 24.02
N GLN A 836 -36.50 12.56 23.52
CA GLN A 836 -36.11 12.81 22.14
C GLN A 836 -35.08 13.94 22.12
N ILE A 837 -33.82 13.58 21.85
CA ILE A 837 -32.68 14.46 22.03
C ILE A 837 -31.79 14.37 20.80
N SER A 838 -31.01 15.42 20.58
CA SER A 838 -30.47 15.72 19.27
C SER A 838 -28.96 15.93 19.32
N LEU A 839 -28.31 15.72 18.19
CA LEU A 839 -27.00 16.35 17.99
C LEU A 839 -27.20 17.85 17.85
N ASN A 840 -26.10 18.60 17.97
CA ASN A 840 -26.18 20.04 18.10
C ASN A 840 -26.69 20.39 19.50
N SER A 841 -27.47 19.49 20.11
CA SER A 841 -27.78 19.58 21.54
C SER A 841 -26.56 19.10 22.30
N ILE A 842 -25.67 20.04 22.59
CA ILE A 842 -24.50 19.83 23.43
C ILE A 842 -24.58 20.87 24.52
N ILE A 843 -24.72 20.41 25.76
CA ILE A 843 -25.22 21.24 26.85
C ILE A 843 -24.19 21.29 27.97
N GLY A 883 -14.54 15.23 18.39
CA GLY A 883 -14.92 14.29 19.43
C GLY A 883 -16.41 14.19 19.64
N TYR A 884 -17.18 14.76 18.70
CA TYR A 884 -18.62 14.87 18.90
C TYR A 884 -19.31 13.50 18.92
N LEU A 885 -18.91 12.59 18.02
CA LEU A 885 -19.56 11.28 18.00
C LEU A 885 -19.28 10.50 19.28
N SER A 886 -18.13 10.75 19.92
CA SER A 886 -17.85 10.12 21.22
C SER A 886 -18.88 10.54 22.26
N GLN A 887 -19.30 11.80 22.24
CA GLN A 887 -20.29 12.27 23.21
C GLN A 887 -21.63 11.55 23.00
N VAL A 888 -22.09 11.48 21.75
CA VAL A 888 -23.34 10.80 21.46
C VAL A 888 -23.25 9.35 21.90
N VAL A 889 -22.14 8.70 21.58
CA VAL A 889 -21.93 7.32 22.00
C VAL A 889 -22.04 7.21 23.51
N ASN A 890 -21.28 8.03 24.23
CA ASN A 890 -21.31 7.96 25.69
C ASN A 890 -22.70 8.24 26.22
N VAL A 891 -23.47 9.09 25.52
CA VAL A 891 -24.84 9.35 25.91
C VAL A 891 -25.71 8.11 25.69
N VAL A 892 -25.64 7.54 24.48
CA VAL A 892 -26.50 6.42 24.12
C VAL A 892 -26.24 5.22 25.01
N ALA A 893 -25.00 5.08 25.50
CA ALA A 893 -24.70 4.00 26.42
C ALA A 893 -25.40 4.19 27.76
N LYS A 894 -25.41 5.42 28.27
CA LYS A 894 -26.12 5.70 29.51
C LYS A 894 -27.60 5.42 29.35
N LEU A 895 -28.19 5.78 28.21
CA LEU A 895 -29.60 5.56 28.00
C LEU A 895 -29.95 4.07 28.07
N VAL A 896 -29.06 3.20 27.59
CA VAL A 896 -29.33 1.78 27.68
C VAL A 896 -29.42 1.36 29.14
N LEU A 897 -28.50 1.87 29.98
CA LEU A 897 -28.58 1.59 31.41
C LEU A 897 -29.83 2.22 32.02
N LYS A 898 -30.06 3.51 31.72
CA LYS A 898 -31.10 4.28 32.40
C LYS A 898 -32.49 3.73 32.10
N TYR A 899 -32.75 3.34 30.85
CA TYR A 899 -34.09 3.01 30.41
C TYR A 899 -34.33 1.53 30.17
N ASN A 900 -33.37 0.66 30.48
CA ASN A 900 -33.55 -0.78 30.30
C ASN A 900 -33.97 -1.07 28.85
N ALA A 901 -33.12 -0.63 27.93
CA ALA A 901 -33.53 -0.46 26.55
C ALA A 901 -32.58 -1.17 25.58
N ILE A 902 -33.13 -1.49 24.41
CA ILE A 902 -32.31 -1.95 23.28
C ILE A 902 -32.12 -0.78 22.31
N ILE A 903 -31.35 -1.00 21.25
CA ILE A 903 -31.03 0.06 20.29
C ILE A 903 -31.48 -0.40 18.91
N CYS A 904 -32.07 0.53 18.16
CA CYS A 904 -32.52 0.27 16.80
C CYS A 904 -31.88 1.27 15.85
N LEU A 905 -31.21 0.75 14.82
CA LEU A 905 -30.53 1.56 13.82
C LEU A 905 -31.07 1.23 12.44
N GLU A 906 -30.80 2.13 11.49
CA GLU A 906 -31.12 1.86 10.10
C GLU A 906 -30.32 0.67 9.59
N ASP A 907 -30.99 -0.22 8.86
CA ASP A 907 -30.33 -1.24 8.07
C ASP A 907 -29.99 -0.62 6.71
N LEU A 908 -28.69 -0.37 6.46
CA LEU A 908 -28.26 0.20 5.19
C LEU A 908 -28.22 -0.91 4.13
N ASN A 909 -29.41 -1.33 3.70
CA ASN A 909 -29.56 -2.58 2.95
C ASN A 909 -29.37 -2.39 1.45
N PHE A 910 -30.18 -1.54 0.82
CA PHE A 910 -30.07 -1.35 -0.62
C PHE A 910 -29.28 -0.11 -1.02
N GLY A 911 -29.15 0.87 -0.14
CA GLY A 911 -28.44 2.10 -0.46
C GLY A 911 -26.94 1.93 -0.51
N VAL A 919 -21.01 12.65 3.26
CA VAL A 919 -22.30 12.00 3.09
C VAL A 919 -22.85 11.64 4.48
N GLU A 920 -24.16 11.81 4.65
CA GLU A 920 -24.78 11.53 5.94
C GLU A 920 -24.50 10.09 6.38
N LYS A 921 -24.52 9.15 5.43
CA LYS A 921 -24.43 7.74 5.79
C LYS A 921 -23.02 7.29 6.09
N GLN A 922 -22.03 8.16 5.97
CA GLN A 922 -20.67 7.78 6.36
C GLN A 922 -20.40 8.03 7.83
N VAL A 923 -20.85 9.16 8.37
CA VAL A 923 -20.73 9.35 9.82
C VAL A 923 -21.58 8.30 10.54
N TYR A 924 -22.74 7.95 9.97
CA TYR A 924 -23.58 6.93 10.58
C TYR A 924 -22.80 5.63 10.77
N GLN A 925 -22.09 5.19 9.73
CA GLN A 925 -21.31 3.97 9.83
C GLN A 925 -20.13 4.13 10.78
N LYS A 926 -19.53 5.32 10.86
CA LYS A 926 -18.54 5.57 11.89
C LYS A 926 -19.17 5.45 13.28
N PHE A 927 -20.37 5.99 13.45
CA PHE A 927 -21.05 5.95 14.73
C PHE A 927 -21.34 4.51 15.15
N GLU A 928 -21.84 3.70 14.22
CA GLU A 928 -21.96 2.26 14.47
C GLU A 928 -20.68 1.70 15.08
N LYS A 929 -19.59 1.78 14.30
CA LYS A 929 -18.31 1.22 14.70
C LYS A 929 -17.96 1.66 16.12
N MET A 930 -18.05 2.96 16.39
CA MET A 930 -17.75 3.47 17.72
C MET A 930 -18.71 2.92 18.75
N LEU A 931 -20.00 2.81 18.38
CA LEU A 931 -21.01 2.34 19.32
C LEU A 931 -20.85 0.85 19.61
N ILE A 932 -20.55 0.05 18.59
CA ILE A 932 -20.32 -1.37 18.80
C ILE A 932 -19.01 -1.59 19.54
N ASP A 933 -17.97 -0.82 19.20
CA ASP A 933 -16.73 -0.87 19.96
C ASP A 933 -17.00 -0.64 21.45
N LYS A 934 -17.68 0.47 21.75
CA LYS A 934 -17.94 0.85 23.13
C LYS A 934 -18.66 -0.25 23.90
N LEU A 935 -19.74 -0.78 23.33
CA LEU A 935 -20.55 -1.76 24.03
C LEU A 935 -19.87 -3.13 24.14
N ASN A 936 -18.73 -3.35 23.48
CA ASN A 936 -17.98 -4.57 23.71
C ASN A 936 -17.57 -4.69 25.17
N TYR A 937 -17.27 -3.57 25.80
CA TYR A 937 -16.71 -3.56 27.16
C TYR A 937 -16.98 -2.16 27.73
N LEU A 938 -18.10 -2.03 28.45
CA LEU A 938 -18.56 -0.74 28.94
C LEU A 938 -18.23 -0.61 30.43
N VAL A 939 -17.58 0.50 30.78
CA VAL A 939 -17.22 0.81 32.15
C VAL A 939 -17.70 2.23 32.43
N ILE A 940 -18.45 2.39 33.51
CA ILE A 940 -19.09 3.66 33.85
C ILE A 940 -18.26 4.45 34.86
N ASP A 941 -17.76 3.76 35.88
CA ASP A 941 -17.13 4.39 37.03
C ASP A 941 -15.72 4.81 36.63
N LYS A 942 -15.58 6.06 36.18
CA LYS A 942 -14.30 6.63 35.80
C LYS A 942 -13.70 7.51 36.89
N SER A 943 -13.98 7.23 38.16
CA SER A 943 -13.51 8.09 39.24
C SER A 943 -12.04 7.81 39.58
N ARG A 944 -11.33 8.89 39.97
CA ARG A 944 -9.92 8.76 40.30
C ARG A 944 -9.70 7.86 41.50
N GLU A 945 -10.54 8.00 42.53
CA GLU A 945 -10.36 7.23 43.76
C GLU A 945 -10.79 5.79 43.56
N GLN A 946 -11.71 5.53 42.63
CA GLN A 946 -12.02 4.18 42.17
C GLN A 946 -12.31 3.26 43.36
N THR A 947 -13.44 3.54 44.01
CA THR A 947 -13.69 2.94 45.31
C THR A 947 -14.39 1.58 45.22
N SER A 948 -15.41 1.45 44.36
CA SER A 948 -16.19 0.22 44.24
C SER A 948 -16.22 -0.24 42.79
N PRO A 949 -15.07 -0.69 42.26
CA PRO A 949 -15.02 -1.14 40.86
C PRO A 949 -15.63 -2.51 40.62
N LYS A 950 -15.95 -3.29 41.65
CA LYS A 950 -16.55 -4.60 41.42
C LYS A 950 -18.05 -4.52 41.16
N GLU A 951 -18.67 -3.36 41.36
CA GLU A 951 -20.09 -3.23 41.07
C GLU A 951 -20.32 -3.16 39.56
N LEU A 952 -21.58 -3.31 39.18
CA LEU A 952 -21.95 -3.39 37.77
C LEU A 952 -21.47 -2.16 37.02
N GLY A 953 -20.76 -2.39 35.91
CA GLY A 953 -20.19 -1.30 35.15
C GLY A 953 -18.94 -0.70 35.75
N GLY A 954 -18.41 -1.28 36.81
CA GLY A 954 -17.11 -0.89 37.31
C GLY A 954 -15.99 -1.59 36.57
N ALA A 955 -14.77 -1.07 36.75
CA ALA A 955 -13.63 -1.53 35.97
C ALA A 955 -13.52 -3.06 35.97
N LEU A 956 -13.68 -3.69 37.13
CA LEU A 956 -13.50 -5.13 37.26
C LEU A 956 -14.81 -5.90 37.09
N ASN A 957 -15.84 -5.28 36.54
CA ASN A 957 -17.11 -5.96 36.30
C ASN A 957 -17.80 -5.30 35.11
N ALA A 958 -17.06 -5.07 34.04
CA ALA A 958 -17.59 -4.34 32.90
C ALA A 958 -18.76 -5.09 32.26
N LEU A 959 -19.69 -4.33 31.73
CA LEU A 959 -20.75 -4.89 30.91
C LEU A 959 -20.25 -5.13 29.50
N GLN A 960 -20.88 -6.07 28.81
CA GLN A 960 -20.51 -6.44 27.44
C GLN A 960 -21.81 -6.66 26.68
N LEU A 961 -22.35 -5.60 26.13
CA LEU A 961 -23.70 -5.57 25.61
C LEU A 961 -23.78 -5.84 24.12
N THR A 962 -22.65 -6.01 23.44
CA THR A 962 -22.66 -6.18 21.99
C THR A 962 -21.53 -7.13 21.59
N SER A 963 -21.68 -7.74 20.43
CA SER A 963 -20.75 -8.75 19.97
C SER A 963 -19.56 -8.12 19.25
N LYS A 964 -18.39 -8.73 19.46
CA LYS A 964 -17.13 -8.35 18.86
C LYS A 964 -17.27 -7.98 17.39
N PHE A 965 -16.90 -6.74 17.06
CA PHE A 965 -17.11 -6.20 15.73
C PHE A 965 -16.13 -6.80 14.72
N LYS A 966 -16.65 -7.17 13.55
CA LYS A 966 -15.88 -7.92 12.57
C LYS A 966 -15.99 -7.42 11.13
N SER A 967 -16.86 -6.47 10.85
CA SER A 967 -16.98 -5.93 9.49
C SER A 967 -17.73 -4.60 9.50
N GLU A 970 -19.37 -10.24 8.71
CA GLU A 970 -19.82 -11.46 9.37
C GLU A 970 -21.03 -11.16 10.26
N LEU A 971 -21.62 -9.99 10.06
CA LEU A 971 -22.70 -9.51 10.92
C LEU A 971 -24.03 -9.61 10.20
N GLY A 972 -25.01 -10.19 10.87
CA GLY A 972 -26.36 -10.24 10.37
C GLY A 972 -27.15 -9.01 10.75
N LYS A 973 -28.33 -9.20 11.34
CA LYS A 973 -29.19 -8.10 11.74
C LYS A 973 -29.16 -7.85 13.25
N GLN A 974 -28.28 -8.52 13.98
CA GLN A 974 -28.20 -8.31 15.41
C GLN A 974 -26.75 -8.40 15.87
N SER A 975 -26.39 -7.52 16.80
CA SER A 975 -25.10 -7.54 17.48
C SER A 975 -25.42 -7.22 18.94
N GLY A 976 -25.80 -8.26 19.69
CA GLY A 976 -26.16 -8.06 21.09
C GLY A 976 -27.43 -7.25 21.21
N VAL A 977 -27.36 -6.17 21.99
CA VAL A 977 -28.53 -5.33 22.23
C VAL A 977 -28.85 -4.43 21.04
N ILE A 978 -28.09 -4.50 19.96
CA ILE A 978 -28.28 -3.64 18.80
C ILE A 978 -28.97 -4.42 17.69
N TYR A 979 -30.05 -3.86 17.17
CA TYR A 979 -30.83 -4.47 16.11
C TYR A 979 -30.95 -3.47 14.96
N TYR A 980 -31.09 -4.00 13.75
CA TYR A 980 -31.10 -3.18 12.54
C TYR A 980 -32.45 -3.33 11.86
N VAL A 981 -33.05 -2.21 11.49
CA VAL A 981 -34.41 -2.22 10.93
C VAL A 981 -34.48 -1.45 9.62
N PRO A 982 -35.40 -1.79 8.72
CA PRO A 982 -35.50 -1.08 7.46
C PRO A 982 -35.82 0.39 7.67
N ALA A 983 -35.25 1.23 6.79
CA ALA A 983 -35.49 2.67 6.83
C ALA A 983 -36.78 3.09 6.13
N TYR A 984 -37.58 2.13 5.66
CA TYR A 984 -38.71 2.44 4.80
C TYR A 984 -39.75 3.29 5.51
N LEU A 985 -40.03 4.46 4.96
CA LEU A 985 -41.05 5.37 5.50
C LEU A 985 -40.93 5.53 7.01
N THR A 986 -39.76 5.97 7.44
CA THR A 986 -39.56 6.33 8.83
C THR A 986 -39.72 7.82 9.08
N SER A 987 -39.32 8.65 8.12
CA SER A 987 -39.41 10.11 8.23
C SER A 987 -40.62 10.69 7.50
N LYS A 988 -41.10 10.04 6.45
CA LYS A 988 -42.23 10.54 5.66
C LYS A 988 -43.52 9.81 6.01
N ILE A 989 -43.90 9.79 7.28
CA ILE A 989 -45.14 9.12 7.70
C ILE A 989 -45.75 9.90 8.86
N ASP A 990 -47.04 10.16 8.78
CA ASP A 990 -47.72 10.84 9.88
C ASP A 990 -47.88 9.84 11.03
N PRO A 991 -47.15 9.97 12.13
CA PRO A 991 -47.27 8.99 13.22
C PRO A 991 -48.63 8.96 13.86
N THR A 992 -49.42 10.03 13.71
CA THR A 992 -50.72 10.11 14.38
C THR A 992 -51.82 9.42 13.59
N THR A 993 -51.64 9.22 12.29
CA THR A 993 -52.62 8.54 11.47
C THR A 993 -52.11 7.25 10.84
N GLY A 994 -50.81 7.12 10.62
CA GLY A 994 -50.30 6.07 9.76
C GLY A 994 -50.35 6.42 8.30
N PHE A 995 -50.65 7.67 7.97
CA PHE A 995 -50.75 8.08 6.58
C PHE A 995 -49.39 8.39 6.00
N ALA A 996 -49.18 7.97 4.75
CA ALA A 996 -48.00 8.32 3.97
C ALA A 996 -48.45 8.62 2.55
N ASN A 997 -47.64 9.39 1.83
CA ASN A 997 -47.91 9.66 0.43
C ASN A 997 -47.40 8.49 -0.40
N LEU A 998 -48.30 7.56 -0.72
CA LEU A 998 -47.98 6.40 -1.54
C LEU A 998 -48.30 6.63 -3.02
N PHE A 999 -48.81 7.80 -3.38
CA PHE A 999 -49.11 8.08 -4.79
C PHE A 999 -47.82 8.05 -5.61
N TYR A 1000 -47.76 7.15 -6.60
CA TYR A 1000 -46.70 7.15 -7.60
C TYR A 1000 -47.18 8.07 -8.74
N MET A 1001 -46.68 9.32 -8.75
CA MET A 1001 -47.25 10.38 -9.55
C MET A 1001 -46.30 10.88 -10.64
N LYS A 1002 -46.90 11.35 -11.74
CA LYS A 1002 -46.21 12.06 -12.82
C LYS A 1002 -47.28 12.55 -13.79
N CYS A 1003 -47.21 13.81 -14.23
CA CYS A 1003 -48.13 14.34 -15.23
C CYS A 1003 -47.59 13.94 -16.61
N GLU A 1004 -47.86 12.69 -16.98
CA GLU A 1004 -47.37 12.19 -18.26
C GLU A 1004 -48.11 12.83 -19.42
N ASN A 1005 -49.44 12.83 -19.36
CA ASN A 1005 -50.27 13.42 -20.41
C ASN A 1005 -51.70 13.50 -19.89
N VAL A 1006 -52.60 14.06 -20.71
CA VAL A 1006 -53.96 14.32 -20.25
C VAL A 1006 -54.75 13.03 -20.09
N GLU A 1007 -54.60 12.09 -21.03
CA GLU A 1007 -55.41 10.87 -20.95
C GLU A 1007 -55.17 10.14 -19.62
N LYS A 1008 -53.92 10.06 -19.20
CA LYS A 1008 -53.54 9.35 -17.99
C LYS A 1008 -53.68 10.22 -16.74
N SER A 1009 -53.82 11.53 -16.90
CA SER A 1009 -54.17 12.38 -15.77
C SER A 1009 -55.67 12.31 -15.48
N LYS A 1010 -56.50 12.28 -16.52
CA LYS A 1010 -57.95 12.30 -16.32
C LYS A 1010 -58.39 11.17 -15.41
N ARG A 1011 -57.95 9.94 -15.69
CA ARG A 1011 -58.35 8.80 -14.87
C ARG A 1011 -57.31 8.43 -13.83
N PHE A 1012 -56.34 9.32 -13.57
CA PHE A 1012 -55.73 9.37 -12.24
C PHE A 1012 -56.68 10.07 -11.28
N PHE A 1013 -57.19 11.24 -11.67
CA PHE A 1013 -58.13 11.99 -10.86
C PHE A 1013 -59.51 11.33 -10.80
N ASP A 1014 -59.83 10.45 -11.76
CA ASP A 1014 -61.06 9.66 -11.69
C ASP A 1014 -60.96 8.52 -10.69
N GLY A 1015 -59.79 8.30 -10.09
CA GLY A 1015 -59.66 7.33 -9.02
C GLY A 1015 -60.17 7.82 -7.68
N PHE A 1016 -60.33 9.13 -7.53
CA PHE A 1016 -60.79 9.69 -6.27
C PHE A 1016 -62.30 9.52 -6.12
N ASP A 1017 -62.72 9.18 -4.89
CA ASP A 1017 -64.14 9.15 -4.59
C ASP A 1017 -64.76 10.53 -4.77
N PHE A 1018 -64.08 11.56 -4.29
CA PHE A 1018 -64.58 12.92 -4.46
C PHE A 1018 -63.42 13.91 -4.41
N ILE A 1019 -63.66 15.07 -5.01
CA ILE A 1019 -62.85 16.27 -4.82
C ILE A 1019 -63.84 17.40 -4.60
N ARG A 1020 -63.75 18.06 -3.45
CA ARG A 1020 -64.74 19.05 -3.04
C ARG A 1020 -64.08 20.09 -2.15
N PHE A 1021 -64.79 21.18 -1.91
CA PHE A 1021 -64.33 22.26 -1.06
C PHE A 1021 -65.08 22.20 0.28
N ASN A 1022 -64.33 22.39 1.35
CA ASN A 1022 -64.88 22.53 2.70
C ASN A 1022 -64.76 24.03 3.02
N ALA A 1023 -65.83 24.78 2.75
CA ALA A 1023 -65.78 26.22 2.98
C ALA A 1023 -65.51 26.53 4.45
N LEU A 1024 -66.17 25.80 5.34
CA LEU A 1024 -66.05 26.07 6.77
C LEU A 1024 -64.60 26.05 7.22
N GLU A 1025 -63.89 24.98 6.91
CA GLU A 1025 -62.50 24.82 7.33
C GLU A 1025 -61.51 25.39 6.34
N ASN A 1026 -61.99 25.95 5.22
CA ASN A 1026 -61.13 26.62 4.25
C ASN A 1026 -60.06 25.68 3.72
N VAL A 1027 -60.49 24.51 3.25
CA VAL A 1027 -59.59 23.55 2.61
C VAL A 1027 -60.36 22.78 1.55
N PHE A 1028 -59.63 22.23 0.59
CA PHE A 1028 -60.18 21.29 -0.37
C PHE A 1028 -59.90 19.87 0.10
N GLU A 1029 -60.88 18.99 -0.11
CA GLU A 1029 -60.80 17.61 0.35
C GLU A 1029 -60.73 16.67 -0.84
N PHE A 1030 -59.77 15.75 -0.82
CA PHE A 1030 -59.61 14.70 -1.83
C PHE A 1030 -59.86 13.37 -1.13
N GLY A 1031 -61.01 12.75 -1.40
CA GLY A 1031 -61.35 11.47 -0.80
C GLY A 1031 -60.99 10.33 -1.75
N PHE A 1032 -60.48 9.25 -1.19
CA PHE A 1032 -60.04 8.15 -2.04
C PHE A 1032 -59.75 6.91 -1.20
N ASP A 1033 -59.50 5.82 -1.92
CA ASP A 1033 -58.99 4.56 -1.39
C ASP A 1033 -57.74 4.25 -2.20
N TYR A 1034 -56.63 3.97 -1.51
CA TYR A 1034 -55.38 3.70 -2.23
C TYR A 1034 -55.54 2.50 -3.16
N ARG A 1035 -56.41 1.57 -2.81
CA ARG A 1035 -56.63 0.36 -3.63
C ARG A 1035 -57.01 0.80 -5.05
N SER A 1036 -57.68 1.93 -5.21
CA SER A 1036 -58.07 2.42 -6.52
C SER A 1036 -56.88 2.87 -7.37
N PHE A 1037 -55.67 2.88 -6.80
CA PHE A 1037 -54.51 3.45 -7.47
C PHE A 1037 -53.33 2.50 -7.60
N THR A 1038 -53.23 1.46 -6.77
CA THR A 1038 -52.11 0.54 -6.84
C THR A 1038 -52.58 -0.85 -6.43
N GLN A 1039 -51.78 -1.85 -6.79
CA GLN A 1039 -52.02 -3.23 -6.40
C GLN A 1039 -51.32 -3.60 -5.11
N ARG A 1040 -50.48 -2.72 -4.58
CA ARG A 1040 -49.69 -3.04 -3.39
C ARG A 1040 -50.57 -3.11 -2.15
N ALA A 1041 -50.14 -3.90 -1.18
CA ALA A 1041 -50.85 -4.05 0.09
C ALA A 1041 -50.48 -2.87 0.98
N CYS A 1042 -51.19 -1.75 0.77
CA CYS A 1042 -50.86 -0.48 1.41
C CYS A 1042 -51.58 -0.35 2.76
N GLY A 1043 -51.27 -1.28 3.65
CA GLY A 1043 -51.83 -1.23 4.99
C GLY A 1043 -53.30 -1.58 5.08
N ILE A 1044 -53.81 -1.76 6.31
CA ILE A 1044 -55.17 -2.25 6.50
C ILE A 1044 -56.22 -1.15 6.42
N ASN A 1045 -55.81 0.10 6.38
CA ASN A 1045 -56.69 1.20 5.99
C ASN A 1045 -56.06 1.90 4.79
N SER A 1046 -56.72 1.82 3.65
CA SER A 1046 -56.30 2.50 2.44
C SER A 1046 -57.24 3.63 2.07
N LYS A 1047 -58.30 3.84 2.85
CA LYS A 1047 -59.24 4.95 2.65
C LYS A 1047 -58.74 6.17 3.43
N TRP A 1048 -58.68 7.31 2.75
CA TRP A 1048 -58.20 8.54 3.37
C TRP A 1048 -58.95 9.74 2.80
N THR A 1049 -58.93 10.84 3.56
CA THR A 1049 -59.37 12.14 3.09
C THR A 1049 -58.21 13.11 3.30
N VAL A 1050 -57.75 13.72 2.21
CA VAL A 1050 -56.53 14.51 2.18
C VAL A 1050 -56.91 15.97 1.93
N CYS A 1051 -56.38 16.87 2.75
CA CYS A 1051 -56.83 18.26 2.76
C CYS A 1051 -55.67 19.20 2.46
N THR A 1052 -56.00 20.31 1.77
CA THR A 1052 -55.03 21.35 1.44
C THR A 1052 -54.70 22.16 2.69
N ASN A 1053 -54.41 21.45 3.77
CA ASN A 1053 -54.21 22.06 5.07
C ASN A 1053 -52.86 22.76 5.15
N GLY A 1054 -52.88 24.06 5.44
CA GLY A 1054 -51.71 24.75 5.94
C GLY A 1054 -50.72 25.23 4.89
N GLU A 1055 -49.58 25.70 5.40
CA GLU A 1055 -48.49 26.21 4.60
C GLU A 1055 -47.58 25.07 4.13
N ARG A 1056 -46.82 25.34 3.08
CA ARG A 1056 -45.79 24.44 2.61
C ARG A 1056 -44.58 25.25 2.15
N ILE A 1057 -43.39 24.69 2.34
CA ILE A 1057 -42.15 25.30 1.85
C ILE A 1057 -41.77 24.62 0.55
N ILE A 1058 -41.56 25.42 -0.50
CA ILE A 1058 -41.38 24.92 -1.86
C ILE A 1058 -40.09 25.49 -2.44
N LYS A 1059 -39.21 24.61 -2.91
CA LYS A 1059 -38.19 24.99 -3.87
C LYS A 1059 -38.87 25.24 -5.22
N TYR A 1060 -38.52 26.32 -5.92
CA TYR A 1060 -39.25 26.60 -7.15
C TYR A 1060 -38.37 27.21 -8.23
N ARG A 1061 -38.89 27.18 -9.46
CA ARG A 1061 -38.11 27.45 -10.67
C ARG A 1061 -37.84 28.94 -10.74
N ASN A 1062 -36.58 29.33 -10.52
CA ASN A 1062 -36.18 30.72 -10.39
C ASN A 1062 -35.21 31.05 -11.52
N PRO A 1063 -35.48 32.06 -12.36
CA PRO A 1063 -34.50 32.43 -13.38
C PRO A 1063 -33.13 32.76 -12.80
N ASP A 1064 -33.06 33.25 -11.56
CA ASP A 1064 -31.81 33.64 -10.92
C ASP A 1064 -31.20 32.51 -10.09
N LYS A 1065 -31.76 31.29 -10.18
CA LYS A 1065 -31.18 30.06 -9.64
C LYS A 1065 -30.80 30.17 -8.16
N ASN A 1066 -31.80 30.42 -7.34
CA ASN A 1066 -31.67 30.33 -5.88
C ASN A 1066 -30.43 31.06 -5.39
N ASP A 1070 -35.07 29.41 -5.92
CA ASP A 1070 -35.27 29.93 -4.57
C ASP A 1070 -36.33 29.09 -3.89
N GLU A 1071 -36.69 29.42 -2.64
CA GLU A 1071 -37.78 28.72 -1.96
C GLU A 1071 -38.75 29.74 -1.37
N LYS A 1072 -40.01 29.33 -1.28
CA LYS A 1072 -41.08 30.21 -0.85
C LYS A 1072 -42.09 29.42 -0.04
N VAL A 1073 -42.98 30.14 0.64
CA VAL A 1073 -44.02 29.56 1.47
C VAL A 1073 -45.34 29.73 0.72
N VAL A 1074 -46.09 28.63 0.59
CA VAL A 1074 -47.33 28.64 -0.19
C VAL A 1074 -48.48 28.11 0.64
N VAL A 1075 -49.68 28.62 0.34
CA VAL A 1075 -50.91 28.25 1.01
C VAL A 1075 -51.78 27.54 -0.03
N VAL A 1076 -51.77 26.21 0.00
CA VAL A 1076 -52.28 25.46 -1.16
C VAL A 1076 -53.75 25.75 -1.42
N THR A 1077 -54.53 26.03 -0.38
CA THR A 1077 -55.95 26.29 -0.60
C THR A 1077 -56.15 27.51 -1.50
N ASP A 1078 -55.40 28.59 -1.27
CA ASP A 1078 -55.62 29.80 -2.05
C ASP A 1078 -55.13 29.64 -3.50
N GLU A 1079 -54.09 28.84 -3.73
CA GLU A 1079 -53.69 28.58 -5.11
C GLU A 1079 -54.65 27.61 -5.78
N MET A 1080 -55.11 26.58 -5.04
CA MET A 1080 -56.14 25.69 -5.56
C MET A 1080 -57.37 26.48 -5.98
N LYS A 1081 -57.65 27.60 -5.29
CA LYS A 1081 -58.70 28.51 -5.74
C LYS A 1081 -58.30 29.20 -7.05
N ASN A 1082 -57.16 29.91 -7.05
CA ASN A 1082 -56.76 30.67 -8.23
C ASN A 1082 -56.78 29.83 -9.49
N LEU A 1083 -56.37 28.57 -9.39
CA LEU A 1083 -56.41 27.69 -10.57
C LEU A 1083 -57.86 27.38 -10.94
N PHE A 1084 -58.64 26.83 -10.01
CA PHE A 1084 -60.04 26.55 -10.29
C PHE A 1084 -60.77 27.80 -10.78
N GLU A 1085 -60.41 28.98 -10.25
CA GLU A 1085 -61.04 30.20 -10.74
C GLU A 1085 -60.60 30.50 -12.17
N GLN A 1086 -59.29 30.44 -12.43
CA GLN A 1086 -58.80 30.64 -13.80
C GLN A 1086 -59.53 29.74 -14.79
N TYR A 1087 -59.77 28.49 -14.43
CA TYR A 1087 -60.43 27.52 -15.29
C TYR A 1087 -61.90 27.34 -14.97
N LYS A 1088 -62.52 28.34 -14.34
CA LYS A 1088 -63.96 28.43 -14.13
C LYS A 1088 -64.58 27.10 -13.70
N ILE A 1089 -64.15 26.63 -12.54
CA ILE A 1089 -64.71 25.42 -11.93
C ILE A 1089 -65.56 25.85 -10.74
N PRO A 1090 -66.76 25.27 -10.56
CA PRO A 1090 -67.68 25.79 -9.51
C PRO A 1090 -67.57 25.04 -8.17
N TYR A 1091 -66.58 25.44 -7.36
CA TYR A 1091 -66.24 24.74 -6.13
C TYR A 1091 -66.97 25.27 -4.90
N GLU A 1092 -67.41 26.53 -4.92
CA GLU A 1092 -67.68 27.23 -3.67
C GLU A 1092 -68.79 26.60 -2.84
N ASP A 1093 -69.75 25.92 -3.47
CA ASP A 1093 -70.89 25.38 -2.73
C ASP A 1093 -70.61 24.02 -2.08
N GLY A 1094 -69.43 23.45 -2.29
CA GLY A 1094 -69.10 22.19 -1.66
C GLY A 1094 -69.57 20.95 -2.38
N ARG A 1095 -69.85 21.06 -3.67
CA ARG A 1095 -70.18 19.90 -4.48
C ARG A 1095 -68.93 19.04 -4.70
N ASN A 1096 -69.15 17.82 -5.18
CA ASN A 1096 -68.06 17.00 -5.70
C ASN A 1096 -67.73 17.48 -7.10
N VAL A 1097 -66.60 18.16 -7.26
CA VAL A 1097 -66.22 18.73 -8.54
C VAL A 1097 -65.38 17.73 -9.34
N LYS A 1098 -65.36 16.47 -8.92
CA LYS A 1098 -64.53 15.50 -9.62
C LYS A 1098 -64.89 15.45 -11.10
N ASP A 1099 -66.17 15.23 -11.39
CA ASP A 1099 -66.62 15.07 -12.78
C ASP A 1099 -66.34 16.30 -13.61
N MET A 1100 -66.18 17.46 -12.98
CA MET A 1100 -65.91 18.71 -13.69
C MET A 1100 -64.43 18.95 -13.90
N ILE A 1101 -63.60 18.37 -13.03
CA ILE A 1101 -62.15 18.50 -13.16
C ILE A 1101 -61.64 17.60 -14.28
N ILE A 1102 -62.02 16.33 -14.27
CA ILE A 1102 -61.55 15.40 -15.29
C ILE A 1102 -62.11 15.73 -16.66
N SER A 1103 -63.04 16.69 -16.74
CA SER A 1103 -63.57 17.15 -18.01
C SER A 1103 -62.71 18.21 -18.68
N ASN A 1104 -61.72 18.75 -17.97
CA ASN A 1104 -60.83 19.73 -18.57
C ASN A 1104 -59.92 19.06 -19.59
N GLU A 1105 -59.65 19.76 -20.68
CA GLU A 1105 -58.89 19.19 -21.79
C GLU A 1105 -57.43 19.61 -21.79
N GLU A 1106 -57.09 20.76 -21.23
CA GLU A 1106 -55.74 21.27 -21.32
C GLU A 1106 -54.81 20.56 -20.35
N ALA A 1107 -53.60 20.24 -20.85
CA ALA A 1107 -52.60 19.61 -19.99
C ALA A 1107 -52.06 20.58 -18.95
N GLU A 1108 -51.99 21.88 -19.28
CA GLU A 1108 -51.48 22.85 -18.31
C GLU A 1108 -52.29 22.82 -17.01
N PHE A 1109 -53.60 22.58 -17.11
CA PHE A 1109 -54.43 22.47 -15.92
C PHE A 1109 -53.97 21.31 -15.04
N TYR A 1110 -53.72 20.15 -15.64
CA TYR A 1110 -53.32 18.99 -14.86
C TYR A 1110 -51.90 19.14 -14.31
N ARG A 1111 -50.99 19.75 -15.07
CA ARG A 1111 -49.66 20.03 -14.53
C ARG A 1111 -49.76 20.77 -13.20
N ARG A 1112 -50.60 21.82 -13.19
CA ARG A 1112 -50.70 22.68 -12.01
C ARG A 1112 -51.53 22.04 -10.92
N LEU A 1113 -52.51 21.20 -11.27
CA LEU A 1113 -53.25 20.46 -10.26
C LEU A 1113 -52.37 19.39 -9.62
N TYR A 1114 -51.54 18.70 -10.41
CA TYR A 1114 -50.61 17.74 -9.84
C TYR A 1114 -49.67 18.43 -8.85
N ARG A 1115 -49.11 19.57 -9.25
CA ARG A 1115 -48.16 20.27 -8.39
C ARG A 1115 -48.80 20.68 -7.06
N LEU A 1116 -50.03 21.18 -7.11
CA LEU A 1116 -50.72 21.55 -5.87
C LEU A 1116 -50.99 20.34 -5.00
N LEU A 1117 -51.45 19.24 -5.61
CA LEU A 1117 -51.67 18.03 -4.86
C LEU A 1117 -50.36 17.47 -4.32
N GLN A 1118 -49.32 17.43 -5.16
CA GLN A 1118 -48.01 17.03 -4.66
C GLN A 1118 -47.61 17.86 -3.46
N GLN A 1119 -47.69 19.19 -3.58
CA GLN A 1119 -47.30 20.06 -2.48
C GLN A 1119 -48.14 19.81 -1.25
N THR A 1120 -49.45 19.60 -1.42
CA THR A 1120 -50.28 19.18 -0.30
C THR A 1120 -49.73 17.90 0.34
N LEU A 1121 -49.31 16.94 -0.49
CA LEU A 1121 -48.80 15.66 -0.01
C LEU A 1121 -47.37 15.74 0.52
N GLN A 1122 -46.70 16.88 0.32
CA GLN A 1122 -45.33 17.05 0.76
C GLN A 1122 -45.27 17.18 2.27
N MET A 1123 -45.24 16.07 2.99
CA MET A 1123 -45.35 16.13 4.43
C MET A 1123 -44.13 16.80 5.06
N ARG A 1124 -42.93 16.44 4.64
CA ARG A 1124 -41.73 17.07 5.18
C ARG A 1124 -41.48 18.40 4.47
N ASN A 1125 -41.26 19.45 5.25
CA ASN A 1125 -41.05 20.80 4.74
C ASN A 1125 -39.80 21.36 5.37
N SER A 1126 -38.81 21.71 4.55
CA SER A 1126 -37.54 22.21 5.05
C SER A 1126 -37.15 23.49 4.32
N THR A 1127 -36.18 24.18 4.94
CA THR A 1127 -35.51 25.41 4.45
C THR A 1127 -34.05 25.04 4.16
N SER A 1128 -33.48 25.59 3.09
CA SER A 1128 -32.09 25.35 2.81
C SER A 1128 -31.32 25.62 4.08
N ASP A 1129 -31.49 26.80 4.65
CA ASP A 1129 -30.86 27.04 5.94
C ASP A 1129 -31.67 26.28 6.94
N GLY A 1130 -31.02 25.69 7.95
CA GLY A 1130 -31.74 24.86 8.90
C GLY A 1130 -32.87 25.53 9.67
N THR A 1131 -33.20 26.77 9.34
CA THR A 1131 -34.22 27.49 10.09
C THR A 1131 -35.41 26.62 10.39
N ARG A 1132 -35.75 25.71 9.50
CA ARG A 1132 -36.96 24.93 9.70
C ARG A 1132 -36.98 23.57 9.05
N ASP A 1133 -37.40 22.55 9.78
CA ASP A 1133 -37.53 21.21 9.23
C ASP A 1133 -38.66 20.58 10.00
N TYR A 1134 -39.85 20.66 9.45
CA TYR A 1134 -41.03 20.17 10.16
C TYR A 1134 -41.85 19.23 9.30
N ILE A 1135 -42.77 18.53 9.95
CA ILE A 1135 -43.70 17.59 9.31
C ILE A 1135 -45.11 18.06 9.60
N ILE A 1136 -45.94 18.17 8.55
CA ILE A 1136 -47.34 18.51 8.70
C ILE A 1136 -48.16 17.50 7.88
N SER A 1137 -49.24 16.98 8.50
CA SER A 1137 -50.05 16.00 7.81
C SER A 1137 -51.20 16.67 7.07
N PRO A 1138 -51.64 16.09 5.96
CA PRO A 1138 -52.86 16.56 5.31
C PRO A 1138 -54.08 15.73 5.70
N VAL A 1139 -53.97 14.98 6.80
CA VAL A 1139 -55.06 14.14 7.30
C VAL A 1139 -55.33 14.49 8.75
N LYS A 1140 -56.60 14.56 9.12
CA LYS A 1140 -56.97 14.74 10.52
C LYS A 1140 -56.77 13.44 11.30
N ASN A 1141 -56.30 13.58 12.55
CA ASN A 1141 -56.02 12.43 13.41
C ASN A 1141 -57.09 12.30 14.51
N LYS A 1142 -56.76 11.54 15.55
CA LYS A 1142 -57.73 11.27 16.61
C LYS A 1142 -58.12 12.54 17.37
N ARG A 1143 -57.33 13.60 17.27
CA ARG A 1143 -57.57 14.85 17.97
C ARG A 1143 -58.17 15.91 17.07
N GLU A 1144 -58.84 15.48 15.99
CA GLU A 1144 -59.47 16.40 15.04
C GLU A 1144 -58.51 17.50 14.62
N ALA A 1145 -57.21 17.18 14.63
CA ALA A 1145 -56.16 18.11 14.26
C ALA A 1145 -55.29 17.48 13.18
N TYR A 1146 -54.61 18.33 12.42
CA TYR A 1146 -53.62 17.89 11.45
C TYR A 1146 -52.25 17.91 12.12
N PHE A 1147 -51.58 16.76 12.15
CA PHE A 1147 -50.32 16.65 12.86
C PHE A 1147 -49.33 17.70 12.34
N ASN A 1148 -48.71 18.42 13.26
CA ASN A 1148 -47.69 19.41 12.93
C ASN A 1148 -46.61 19.36 13.99
N SER A 1149 -45.37 19.10 13.57
CA SER A 1149 -44.30 18.89 14.53
C SER A 1149 -43.87 20.19 15.22
N GLU A 1150 -44.06 21.32 14.54
CA GLU A 1150 -43.69 22.61 15.14
C GLU A 1150 -44.50 22.90 16.40
N LEU A 1151 -45.71 22.36 16.48
CA LEU A 1151 -46.59 22.56 17.62
C LEU A 1151 -46.40 21.47 18.67
N SER A 1152 -45.28 20.76 18.62
CA SER A 1152 -45.07 19.65 19.54
C SER A 1152 -44.77 20.15 20.94
N ASP A 1153 -45.28 19.42 21.93
CA ASP A 1153 -45.04 19.67 23.34
C ASP A 1153 -44.05 18.68 23.93
N GLY A 1154 -43.45 17.84 23.08
CA GLY A 1154 -42.58 16.78 23.54
C GLY A 1154 -43.23 15.41 23.58
N SER A 1155 -44.56 15.35 23.54
CA SER A 1155 -45.25 14.07 23.47
C SER A 1155 -45.22 13.46 22.08
N VAL A 1156 -44.86 14.24 21.07
CA VAL A 1156 -44.72 13.76 19.69
C VAL A 1156 -43.42 14.29 19.10
N PRO A 1157 -42.99 13.78 17.96
CA PRO A 1157 -41.71 14.23 17.37
C PRO A 1157 -41.65 15.74 17.16
N LYS A 1158 -40.54 16.32 17.61
CA LYS A 1158 -40.35 17.77 17.49
C LYS A 1158 -40.10 18.20 16.04
N ASP A 1159 -39.46 17.36 15.24
CA ASP A 1159 -39.14 17.69 13.87
C ASP A 1159 -39.09 16.41 13.04
N ALA A 1160 -38.75 16.57 11.75
CA ALA A 1160 -38.73 15.42 10.85
C ALA A 1160 -37.65 14.43 11.24
N ASP A 1161 -36.46 14.91 11.64
CA ASP A 1161 -35.41 13.99 12.05
C ASP A 1161 -35.86 13.14 13.23
N ALA A 1162 -36.49 13.79 14.23
CA ALA A 1162 -37.02 13.05 15.37
C ALA A 1162 -38.03 12.01 14.92
N ASN A 1163 -38.91 12.37 13.99
CA ASN A 1163 -39.90 11.42 13.49
C ASN A 1163 -39.22 10.18 12.94
N GLY A 1164 -38.15 10.35 12.16
CA GLY A 1164 -37.36 9.23 11.72
C GLY A 1164 -36.91 8.37 12.89
N ALA A 1165 -36.24 8.99 13.86
CA ALA A 1165 -35.78 8.26 15.04
C ALA A 1165 -36.94 7.61 15.78
N TYR A 1166 -38.06 8.33 15.92
CA TYR A 1166 -39.23 7.76 16.59
C TYR A 1166 -39.69 6.49 15.89
N ASN A 1167 -39.91 6.56 14.58
CA ASN A 1167 -40.45 5.42 13.84
C ASN A 1167 -39.43 4.31 13.69
N ILE A 1168 -38.13 4.61 13.78
CA ILE A 1168 -37.14 3.53 13.87
C ILE A 1168 -37.28 2.83 15.22
N ALA A 1169 -37.47 3.59 16.30
CA ALA A 1169 -37.68 2.98 17.60
C ALA A 1169 -38.95 2.15 17.62
N ARG A 1170 -40.01 2.60 16.94
CA ARG A 1170 -41.25 1.84 16.92
C ARG A 1170 -41.04 0.46 16.31
N LYS A 1171 -40.26 0.38 15.22
CA LYS A 1171 -40.00 -0.92 14.62
C LYS A 1171 -39.28 -1.84 15.59
N GLY A 1172 -38.51 -1.29 16.54
CA GLY A 1172 -37.93 -2.10 17.58
C GLY A 1172 -38.99 -2.82 18.41
N LEU A 1173 -40.10 -2.14 18.69
CA LEU A 1173 -41.20 -2.81 19.38
C LEU A 1173 -41.67 -4.03 18.60
N TRP A 1174 -41.68 -3.92 17.27
CA TRP A 1174 -42.07 -5.04 16.44
C TRP A 1174 -41.06 -6.19 16.56
N VAL A 1175 -39.76 -5.88 16.67
CA VAL A 1175 -38.80 -6.95 16.87
C VAL A 1175 -38.94 -7.52 18.27
N LEU A 1176 -39.16 -6.66 19.27
CA LEU A 1176 -39.40 -7.16 20.62
C LEU A 1176 -40.56 -8.15 20.62
N GLU A 1177 -41.59 -7.91 19.81
CA GLU A 1177 -42.67 -8.87 19.68
C GLU A 1177 -42.18 -10.16 19.03
N GLN A 1178 -41.25 -10.06 18.07
CA GLN A 1178 -40.71 -11.27 17.46
C GLN A 1178 -39.87 -12.07 18.45
N ILE A 1179 -39.01 -11.39 19.21
CA ILE A 1179 -38.11 -12.08 20.13
C ILE A 1179 -38.89 -12.79 21.22
N ARG A 1180 -39.85 -12.08 21.83
CA ARG A 1180 -40.60 -12.67 22.93
C ARG A 1180 -41.45 -13.84 22.46
N GLN A 1181 -41.97 -13.77 21.25
CA GLN A 1181 -42.97 -14.73 20.78
C GLN A 1181 -42.34 -15.99 20.21
N LYS A 1182 -41.01 -16.04 20.00
CA LYS A 1182 -40.33 -17.25 19.57
C LYS A 1182 -39.81 -18.05 20.78
N SER A 1183 -39.39 -19.28 20.51
CA SER A 1183 -38.93 -20.19 21.55
C SER A 1183 -37.49 -19.90 21.95
N GLU A 1184 -37.09 -20.52 23.06
CA GLU A 1184 -35.69 -20.50 23.50
C GLU A 1184 -34.78 -21.06 22.42
N GLY A 1185 -33.86 -20.23 21.94
CA GLY A 1185 -32.77 -20.66 21.10
C GLY A 1185 -33.00 -20.58 19.61
N GLU A 1186 -34.24 -20.43 19.17
CA GLU A 1186 -34.54 -20.50 17.74
C GLU A 1186 -34.04 -19.26 17.01
N LYS A 1187 -33.71 -19.43 15.74
CA LYS A 1187 -33.36 -18.30 14.89
C LYS A 1187 -34.51 -17.31 14.85
N ILE A 1188 -34.19 -16.02 14.89
CA ILE A 1188 -35.18 -14.96 14.93
C ILE A 1188 -35.10 -14.17 13.63
N ASN A 1189 -36.22 -14.12 12.92
CA ASN A 1189 -36.29 -13.43 11.64
C ASN A 1189 -36.67 -11.97 11.88
N LEU A 1190 -35.84 -11.05 11.38
CA LEU A 1190 -36.06 -9.62 11.58
C LEU A 1190 -36.23 -8.89 10.26
N ALA A 1191 -36.72 -9.57 9.22
CA ALA A 1191 -36.95 -8.93 7.93
C ALA A 1191 -38.38 -8.39 7.90
N MET A 1192 -38.53 -7.12 8.26
CA MET A 1192 -39.86 -6.51 8.30
C MET A 1192 -40.22 -6.01 6.91
N THR A 1193 -41.32 -6.56 6.36
CA THR A 1193 -41.76 -6.17 5.04
C THR A 1193 -42.36 -4.76 5.08
N ASN A 1194 -42.40 -4.12 3.90
CA ASN A 1194 -43.00 -2.79 3.82
C ASN A 1194 -44.48 -2.84 4.17
N ALA A 1195 -45.16 -3.95 3.85
CA ALA A 1195 -46.59 -4.05 4.17
C ALA A 1195 -46.84 -4.20 5.65
N GLU A 1196 -45.94 -4.87 6.38
CA GLU A 1196 -46.13 -5.03 7.82
C GLU A 1196 -45.99 -3.68 8.52
N TRP A 1197 -45.02 -2.87 8.11
CA TRP A 1197 -44.81 -1.58 8.74
C TRP A 1197 -46.03 -0.70 8.58
N LEU A 1198 -46.52 -0.52 7.35
CA LEU A 1198 -47.72 0.27 7.12
C LEU A 1198 -48.88 -0.21 7.98
N GLU A 1199 -49.00 -1.53 8.15
CA GLU A 1199 -50.04 -2.07 9.02
C GLU A 1199 -49.81 -1.67 10.47
N TYR A 1200 -48.57 -1.85 10.95
CA TYR A 1200 -48.24 -1.45 12.31
C TYR A 1200 -48.40 0.06 12.48
N ALA A 1201 -47.96 0.83 11.47
CA ALA A 1201 -48.03 2.28 11.56
C ALA A 1201 -49.46 2.77 11.66
N GLN A 1202 -50.39 2.12 10.95
CA GLN A 1202 -51.77 2.58 10.91
C GLN A 1202 -52.60 2.07 12.09
N THR A 1203 -52.09 1.12 12.87
CA THR A 1203 -52.82 0.57 14.01
C THR A 1203 -52.27 1.01 15.36
N HIS A 1204 -50.95 1.01 15.53
CA HIS A 1204 -50.31 1.44 16.77
C HIS A 1204 -50.02 2.93 16.73
N LEU A 1205 -51.04 3.73 16.42
CA LEU A 1205 -50.88 5.10 15.99
C LEU A 1205 -50.89 6.09 17.16
N LEU A 1206 -50.35 7.28 16.88
CA LEU A 1206 -50.20 8.37 17.86
C LEU A 1206 -49.02 8.10 18.79
N LEU B 1 12.66 10.40 -52.93
CA LEU B 1 13.71 11.21 -52.24
C LEU B 1 13.84 10.80 -50.77
N MET B 2 12.69 10.71 -50.09
CA MET B 2 12.64 10.29 -48.69
C MET B 2 11.68 9.13 -48.55
N TYR B 3 12.06 8.12 -47.77
CA TYR B 3 11.34 6.85 -47.78
C TYR B 3 9.88 7.00 -47.36
N TYR B 4 9.54 8.03 -46.60
CA TYR B 4 8.19 8.16 -46.06
C TYR B 4 7.22 8.84 -47.02
N GLU B 5 7.70 9.43 -48.12
CA GLU B 5 6.80 10.09 -49.06
C GLU B 5 5.68 9.15 -49.50
N SER B 6 5.96 7.85 -49.56
CA SER B 6 4.98 6.84 -49.92
C SER B 6 3.99 6.54 -48.82
N LEU B 7 4.14 7.15 -47.65
CA LEU B 7 3.34 6.77 -46.48
C LEU B 7 2.28 7.82 -46.19
N THR B 8 1.49 8.17 -47.21
CA THR B 8 0.31 8.98 -47.05
C THR B 8 -0.90 8.20 -47.55
N LYS B 9 -2.07 8.57 -47.04
CA LYS B 9 -3.34 7.93 -47.40
C LYS B 9 -3.22 6.42 -47.29
N GLN B 10 -2.94 5.98 -46.05
CA GLN B 10 -2.75 4.58 -45.70
C GLN B 10 -3.95 3.96 -45.02
N TYR B 11 -4.65 4.70 -44.16
CA TYR B 11 -5.89 4.22 -43.57
C TYR B 11 -6.65 5.39 -42.96
N PRO B 12 -7.95 5.25 -42.78
CA PRO B 12 -8.75 6.29 -42.11
C PRO B 12 -8.55 6.25 -40.61
N VAL B 13 -8.82 7.41 -39.99
CA VAL B 13 -8.62 7.62 -38.56
C VAL B 13 -9.83 8.39 -38.05
N SER B 14 -10.39 7.95 -36.92
CA SER B 14 -11.54 8.62 -36.33
C SER B 14 -11.10 9.44 -35.12
N LYS B 15 -11.52 10.70 -35.08
CA LYS B 15 -11.19 11.62 -34.00
C LYS B 15 -12.46 12.28 -33.48
N THR B 16 -12.48 12.53 -32.18
CA THR B 16 -13.50 13.37 -31.56
C THR B 16 -12.89 14.72 -31.24
N ILE B 17 -13.56 15.79 -31.68
CA ILE B 17 -13.07 17.15 -31.57
C ILE B 17 -14.02 17.92 -30.67
N ARG B 18 -13.47 18.62 -29.69
CA ARG B 18 -14.27 19.28 -28.66
C ARG B 18 -14.13 20.79 -28.75
N ASN B 19 -15.26 21.48 -28.64
CA ASN B 19 -15.29 22.92 -28.69
C ASN B 19 -16.29 23.43 -27.68
N GLU B 20 -16.15 24.70 -27.32
CA GLU B 20 -17.11 25.36 -26.46
C GLU B 20 -18.32 25.81 -27.26
N LEU B 21 -19.47 25.82 -26.60
CA LEU B 21 -20.70 26.36 -27.17
C LEU B 21 -21.05 27.62 -26.39
N ILE B 22 -21.17 28.74 -27.11
CA ILE B 22 -21.49 30.03 -26.52
C ILE B 22 -22.91 30.39 -26.93
N PRO B 23 -23.85 30.50 -26.00
CA PRO B 23 -25.23 30.82 -26.38
C PRO B 23 -25.33 32.19 -27.02
N ILE B 24 -26.21 32.30 -28.00
CA ILE B 24 -26.41 33.52 -28.79
C ILE B 24 -27.79 34.08 -28.47
N GLY B 25 -27.84 35.37 -28.14
CA GLY B 25 -29.12 36.01 -27.94
C GLY B 25 -29.90 35.42 -26.79
N LYS B 26 -31.19 35.23 -26.99
CA LYS B 26 -32.09 34.74 -25.96
C LYS B 26 -32.04 33.23 -25.79
N THR B 27 -31.04 32.58 -26.37
CA THR B 27 -30.99 31.12 -26.31
C THR B 27 -30.75 30.64 -24.89
N LEU B 28 -29.88 31.31 -24.14
CA LEU B 28 -29.68 30.91 -22.75
C LEU B 28 -30.91 31.20 -21.91
N ASP B 29 -31.68 32.23 -22.30
CA ASP B 29 -32.96 32.48 -21.65
C ASP B 29 -33.94 31.35 -21.95
N ASN B 30 -34.02 30.94 -23.21
CA ASN B 30 -34.93 29.86 -23.59
C ASN B 30 -34.61 28.58 -22.84
N ILE B 31 -33.33 28.26 -22.69
CA ILE B 31 -32.94 27.03 -22.00
C ILE B 31 -33.45 27.06 -20.56
N ARG B 32 -33.22 28.17 -19.86
CA ARG B 32 -33.69 28.27 -18.48
C ARG B 32 -35.22 28.20 -18.43
N GLN B 33 -35.88 28.99 -19.28
CA GLN B 33 -37.34 29.03 -19.29
C GLN B 33 -37.93 27.65 -19.51
N ASN B 34 -37.34 26.87 -20.41
CA ASN B 34 -37.83 25.52 -20.68
C ASN B 34 -37.34 24.48 -19.68
N ASN B 35 -36.57 24.89 -18.66
CA ASN B 35 -35.95 23.96 -17.72
C ASN B 35 -35.42 22.72 -18.46
N ILE B 36 -34.77 22.95 -19.60
CA ILE B 36 -34.19 21.84 -20.36
C ILE B 36 -33.12 21.14 -19.55
N LEU B 37 -32.24 21.91 -18.90
CA LEU B 37 -31.14 21.29 -18.17
C LEU B 37 -31.65 20.45 -17.00
N GLU B 38 -32.61 20.97 -16.24
CA GLU B 38 -33.02 20.36 -14.97
C GLU B 38 -33.21 18.85 -15.11
N SER B 39 -33.89 18.42 -16.16
CA SER B 39 -34.20 16.99 -16.28
C SER B 39 -32.94 16.18 -16.55
N ASP B 40 -32.15 16.60 -17.55
CA ASP B 40 -30.91 15.88 -17.84
C ASP B 40 -29.94 15.93 -16.67
N VAL B 41 -30.03 16.96 -15.83
CA VAL B 41 -29.23 17.01 -14.61
C VAL B 41 -29.63 15.87 -13.68
N LYS B 42 -30.93 15.73 -13.41
CA LYS B 42 -31.39 14.62 -12.58
C LYS B 42 -30.91 13.29 -13.14
N ARG B 43 -30.97 13.16 -14.47
CA ARG B 43 -30.53 11.93 -15.13
C ARG B 43 -29.06 11.64 -14.84
N LYS B 44 -28.22 12.68 -14.80
CA LYS B 44 -26.83 12.52 -14.42
C LYS B 44 -26.71 12.08 -12.96
N GLN B 45 -27.42 12.75 -12.06
CA GLN B 45 -27.31 12.45 -10.64
C GLN B 45 -27.75 11.03 -10.33
N ASN B 46 -28.78 10.54 -11.02
CA ASN B 46 -29.35 9.22 -10.76
C ASN B 46 -28.56 8.09 -11.41
N TYR B 47 -27.64 8.39 -12.32
CA TYR B 47 -26.98 7.35 -13.11
C TYR B 47 -26.33 6.32 -12.21
N GLU B 48 -25.54 6.77 -11.22
CA GLU B 48 -24.87 5.83 -10.33
C GLU B 48 -25.84 5.18 -9.36
N HIS B 49 -26.98 5.82 -9.10
CA HIS B 49 -28.01 5.23 -8.27
C HIS B 49 -28.70 4.08 -9.00
N VAL B 50 -28.88 4.21 -10.32
CA VAL B 50 -29.59 3.18 -11.07
C VAL B 50 -28.65 2.05 -11.47
N LYS B 51 -27.37 2.34 -11.72
CA LYS B 51 -26.41 1.27 -11.95
C LYS B 51 -26.31 0.35 -10.75
N GLY B 52 -26.62 0.86 -9.56
CA GLY B 52 -26.63 0.05 -8.36
C GLY B 52 -27.88 -0.80 -8.25
N ILE B 53 -29.04 -0.19 -8.47
CA ILE B 53 -30.30 -0.94 -8.48
C ILE B 53 -30.21 -2.08 -9.48
N LEU B 54 -29.71 -1.80 -10.68
CA LEU B 54 -29.52 -2.85 -11.67
C LEU B 54 -28.54 -3.90 -11.16
N ASP B 55 -27.46 -3.46 -10.49
CA ASP B 55 -26.54 -4.41 -9.88
C ASP B 55 -27.25 -5.26 -8.82
N GLU B 56 -28.18 -4.65 -8.08
CA GLU B 56 -28.89 -5.43 -7.06
C GLU B 56 -29.82 -6.45 -7.69
N TYR B 57 -30.33 -6.19 -8.90
CA TYR B 57 -31.12 -7.24 -9.52
C TYR B 57 -30.25 -8.33 -10.11
N HIS B 58 -29.13 -7.97 -10.76
CA HIS B 58 -28.19 -8.99 -11.20
C HIS B 58 -27.87 -9.95 -10.06
N LYS B 59 -27.62 -9.42 -8.87
CA LYS B 59 -27.34 -10.26 -7.71
C LYS B 59 -28.49 -11.21 -7.43
N GLN B 60 -29.72 -10.68 -7.37
CA GLN B 60 -30.86 -11.50 -6.96
C GLN B 60 -31.14 -12.60 -7.97
N LEU B 61 -31.05 -12.29 -9.26
CA LEU B 61 -31.26 -13.33 -10.27
C LEU B 61 -30.30 -14.49 -10.06
N ILE B 62 -29.00 -14.19 -9.93
CA ILE B 62 -27.99 -15.23 -9.77
C ILE B 62 -28.28 -16.06 -8.52
N ASN B 63 -28.58 -15.39 -7.41
CA ASN B 63 -28.84 -16.10 -6.16
C ASN B 63 -30.23 -16.75 -6.14
N GLU B 64 -31.08 -16.43 -7.10
CA GLU B 64 -32.30 -17.21 -7.31
C GLU B 64 -32.08 -18.37 -8.29
N ALA B 65 -31.22 -18.18 -9.28
CA ALA B 65 -31.02 -19.21 -10.30
C ALA B 65 -30.20 -20.38 -9.80
N LEU B 66 -29.31 -20.15 -8.83
CA LEU B 66 -28.37 -21.17 -8.39
C LEU B 66 -28.74 -21.78 -7.04
N ASP B 67 -29.91 -21.43 -6.49
CA ASP B 67 -30.42 -22.09 -5.31
C ASP B 67 -31.11 -23.40 -5.67
N ASN B 68 -31.08 -24.35 -4.75
CA ASN B 68 -31.61 -25.69 -4.99
C ASN B 68 -31.03 -26.30 -6.26
N CYS B 69 -29.89 -25.76 -6.68
CA CYS B 69 -29.21 -26.19 -7.91
C CYS B 69 -28.27 -27.35 -7.61
N THR B 70 -27.99 -28.13 -8.64
CA THR B 70 -27.01 -29.21 -8.58
C THR B 70 -26.40 -29.35 -9.96
N LEU B 71 -25.09 -29.59 -10.01
CA LEU B 71 -24.34 -29.58 -11.26
C LEU B 71 -23.87 -30.99 -11.62
N PRO B 72 -24.21 -31.50 -12.81
CA PRO B 72 -23.92 -32.91 -13.10
C PRO B 72 -22.47 -33.32 -12.97
N SER B 73 -21.56 -32.61 -13.61
CA SER B 73 -20.17 -33.08 -13.77
C SER B 73 -19.34 -32.99 -12.49
N LEU B 74 -19.96 -32.72 -11.35
CA LEU B 74 -19.21 -32.30 -10.17
C LEU B 74 -18.35 -33.43 -9.61
N LYS B 75 -18.91 -34.63 -9.46
CA LYS B 75 -18.16 -35.72 -8.86
C LYS B 75 -16.93 -36.09 -9.70
N ILE B 76 -17.05 -36.06 -11.03
CA ILE B 76 -15.93 -36.46 -11.88
C ILE B 76 -14.75 -35.52 -11.70
N ALA B 77 -15.02 -34.21 -11.70
CA ALA B 77 -13.96 -33.23 -11.49
C ALA B 77 -13.24 -33.48 -10.17
N ALA B 78 -14.01 -33.58 -9.08
CA ALA B 78 -13.42 -33.81 -7.76
C ALA B 78 -12.52 -35.04 -7.75
N GLU B 79 -12.98 -36.13 -8.35
CA GLU B 79 -12.19 -37.36 -8.34
C GLU B 79 -10.84 -37.17 -9.04
N ILE B 80 -10.80 -36.32 -10.06
CA ILE B 80 -9.55 -36.01 -10.72
C ILE B 80 -8.64 -35.20 -9.79
N TYR B 81 -9.23 -34.32 -8.97
CA TYR B 81 -8.47 -33.44 -8.08
C TYR B 81 -7.99 -34.17 -6.83
N LEU B 82 -8.81 -35.06 -6.29
CA LEU B 82 -8.56 -35.65 -4.99
C LEU B 82 -7.78 -36.96 -5.06
N LYS B 83 -7.87 -37.67 -6.19
CA LYS B 83 -7.23 -38.97 -6.27
C LYS B 83 -5.76 -38.87 -5.92
N ASN B 84 -5.21 -39.94 -5.37
CA ASN B 84 -3.79 -39.99 -5.04
C ASN B 84 -2.94 -40.37 -6.23
N GLN B 85 -3.57 -40.85 -7.32
CA GLN B 85 -2.85 -41.29 -8.52
C GLN B 85 -2.55 -40.08 -9.40
N LYS B 86 -1.58 -39.28 -8.95
CA LYS B 86 -1.21 -38.05 -9.65
C LYS B 86 -0.54 -38.37 -10.98
N GLU B 87 -1.00 -37.72 -12.06
CA GLU B 87 -0.45 -37.96 -13.39
C GLU B 87 -0.51 -36.69 -14.21
N VAL B 88 0.32 -36.64 -15.27
CA VAL B 88 0.50 -35.41 -16.03
C VAL B 88 -0.82 -34.94 -16.62
N SER B 89 -1.67 -35.87 -17.05
CA SER B 89 -2.91 -35.50 -17.70
C SER B 89 -3.83 -34.69 -16.79
N ASP B 90 -3.68 -34.83 -15.47
CA ASP B 90 -4.73 -34.40 -14.55
C ASP B 90 -5.04 -32.92 -14.68
N ARG B 91 -4.01 -32.07 -14.67
CA ARG B 91 -4.25 -30.63 -14.79
C ARG B 91 -5.15 -30.34 -16.00
N GLU B 92 -4.88 -31.01 -17.12
CA GLU B 92 -5.68 -30.79 -18.32
C GLU B 92 -7.08 -31.40 -18.18
N ASP B 93 -7.19 -32.57 -17.53
CA ASP B 93 -8.50 -33.19 -17.37
C ASP B 93 -9.34 -32.44 -16.33
N PHE B 94 -8.71 -31.96 -15.26
CA PHE B 94 -9.45 -31.14 -14.30
C PHE B 94 -9.92 -29.85 -14.95
N ASN B 95 -9.08 -29.23 -15.77
CA ASN B 95 -9.49 -28.03 -16.49
C ASN B 95 -10.65 -28.34 -17.42
N LYS B 96 -10.60 -29.49 -18.11
CA LYS B 96 -11.68 -29.84 -19.03
C LYS B 96 -13.02 -29.94 -18.30
N THR B 97 -13.04 -30.64 -17.16
CA THR B 97 -14.28 -30.80 -16.41
C THR B 97 -14.72 -29.50 -15.75
N GLN B 98 -13.80 -28.54 -15.55
CA GLN B 98 -14.21 -27.23 -15.08
C GLN B 98 -14.95 -26.47 -16.18
N ASP B 99 -14.43 -26.51 -17.41
CA ASP B 99 -15.16 -25.91 -18.52
C ASP B 99 -16.58 -26.48 -18.61
N LEU B 100 -16.70 -27.79 -18.38
CA LEU B 100 -18.02 -28.43 -18.36
C LEU B 100 -18.89 -27.84 -17.25
N LEU B 101 -18.34 -27.60 -16.06
CA LEU B 101 -19.14 -27.07 -14.97
C LEU B 101 -19.54 -25.62 -15.19
N ARG B 102 -18.66 -24.81 -15.80
CA ARG B 102 -19.03 -23.43 -16.11
C ARG B 102 -20.22 -23.41 -17.06
N LYS B 103 -20.26 -24.32 -18.04
CA LYS B 103 -21.38 -24.38 -18.96
C LYS B 103 -22.66 -24.79 -18.26
N GLU B 104 -22.56 -25.71 -17.28
CA GLU B 104 -23.74 -26.10 -16.51
C GLU B 104 -24.22 -24.96 -15.62
N VAL B 105 -23.28 -24.21 -15.03
CA VAL B 105 -23.66 -23.06 -14.21
C VAL B 105 -24.39 -22.03 -15.06
N VAL B 106 -23.84 -21.72 -16.23
CA VAL B 106 -24.45 -20.70 -17.08
C VAL B 106 -25.81 -21.18 -17.59
N GLU B 107 -25.92 -22.46 -17.92
CA GLU B 107 -27.23 -23.01 -18.27
C GLU B 107 -28.26 -22.68 -17.19
N LYS B 108 -27.86 -22.79 -15.92
CA LYS B 108 -28.80 -22.54 -14.82
C LYS B 108 -29.15 -21.06 -14.70
N LEU B 109 -28.19 -20.17 -14.97
CA LEU B 109 -28.49 -18.74 -14.90
C LEU B 109 -29.44 -18.32 -16.00
N LYS B 110 -29.23 -18.83 -17.22
CA LYS B 110 -30.11 -18.54 -18.34
C LYS B 110 -31.50 -19.13 -18.13
N ALA B 111 -31.64 -20.12 -17.24
CA ALA B 111 -32.94 -20.71 -16.96
C ALA B 111 -33.84 -19.79 -16.15
N HIS B 112 -33.30 -18.70 -15.59
CA HIS B 112 -34.11 -17.82 -14.77
C HIS B 112 -35.15 -17.13 -15.64
N GLU B 113 -36.36 -17.00 -15.12
CA GLU B 113 -37.48 -16.51 -15.91
C GLU B 113 -37.28 -15.09 -16.43
N ASN B 114 -36.41 -14.31 -15.80
CA ASN B 114 -36.18 -12.93 -16.20
C ASN B 114 -34.87 -12.72 -16.95
N PHE B 115 -34.13 -13.79 -17.24
CA PHE B 115 -32.82 -13.64 -17.88
C PHE B 115 -32.94 -12.94 -19.23
N THR B 116 -34.07 -13.09 -19.92
CA THR B 116 -34.23 -12.48 -21.23
C THR B 116 -34.34 -10.96 -21.15
N LYS B 117 -34.63 -10.42 -19.97
CA LYS B 117 -34.88 -9.00 -19.79
C LYS B 117 -33.66 -8.23 -19.33
N ILE B 118 -32.60 -8.92 -18.91
CA ILE B 118 -31.49 -8.31 -18.18
C ILE B 118 -30.90 -7.14 -18.97
N GLY B 119 -30.23 -7.43 -20.09
CA GLY B 119 -29.43 -6.43 -20.74
C GLY B 119 -30.18 -5.49 -21.66
N LYS B 120 -31.49 -5.34 -21.47
CA LYS B 120 -32.32 -4.67 -22.46
C LYS B 120 -33.42 -3.87 -21.77
N LYS B 121 -34.09 -3.05 -22.59
CA LYS B 121 -34.90 -1.94 -22.09
C LYS B 121 -36.00 -2.38 -21.12
N ASP B 122 -36.50 -3.61 -21.25
CA ASP B 122 -37.63 -4.02 -20.43
C ASP B 122 -37.34 -3.95 -18.93
N ILE B 123 -36.07 -4.07 -18.54
CA ILE B 123 -35.76 -4.41 -17.14
C ILE B 123 -36.21 -3.32 -16.18
N LEU B 124 -36.01 -2.06 -16.56
CA LEU B 124 -36.39 -0.97 -15.66
C LEU B 124 -37.89 -0.97 -15.39
N ASP B 125 -38.67 -1.55 -16.31
CA ASP B 125 -40.05 -1.14 -16.51
C ASP B 125 -41.02 -1.64 -15.46
N LEU B 126 -40.67 -2.69 -14.71
CA LEU B 126 -41.64 -3.29 -13.82
C LEU B 126 -41.04 -3.95 -12.61
N LEU B 127 -40.22 -4.97 -12.86
CA LEU B 127 -39.59 -5.75 -11.81
C LEU B 127 -39.21 -4.83 -10.66
N GLU B 128 -38.68 -3.66 -11.02
CA GLU B 128 -37.97 -2.80 -10.09
C GLU B 128 -38.86 -2.26 -8.98
N LYS B 129 -40.19 -2.40 -9.07
CA LYS B 129 -41.06 -1.95 -7.99
C LYS B 129 -41.21 -2.96 -6.86
N LEU B 130 -40.66 -4.17 -6.99
CA LEU B 130 -41.04 -5.25 -6.07
C LEU B 130 -40.49 -5.01 -4.66
N PRO B 131 -39.23 -4.63 -4.46
CA PRO B 131 -38.75 -4.46 -3.07
C PRO B 131 -38.48 -3.05 -2.59
N SER B 132 -38.79 -2.02 -3.37
CA SER B 132 -38.32 -0.67 -3.06
C SER B 132 -39.43 0.25 -2.56
N GLU B 135 -39.39 4.41 -2.78
CA GLU B 135 -40.05 5.24 -3.78
C GLU B 135 -39.05 6.16 -4.44
N ASP B 136 -38.12 6.71 -3.63
CA ASP B 136 -37.01 7.45 -4.21
C ASP B 136 -36.24 6.59 -5.19
N ASP B 137 -36.28 5.26 -4.99
CA ASP B 137 -35.80 4.34 -6.01
C ASP B 137 -36.61 4.47 -7.29
N TYR B 138 -37.94 4.61 -7.17
CA TYR B 138 -38.77 4.65 -8.37
C TYR B 138 -38.58 5.96 -9.14
N ASN B 139 -38.50 7.08 -8.43
CA ASN B 139 -38.27 8.35 -9.10
C ASN B 139 -36.95 8.32 -9.87
N ALA B 140 -35.94 7.65 -9.33
CA ALA B 140 -34.64 7.58 -9.99
C ALA B 140 -34.74 6.78 -11.29
N LEU B 141 -35.33 5.59 -11.23
CA LEU B 141 -35.51 4.78 -12.44
C LEU B 141 -36.39 5.50 -13.45
N GLU B 142 -37.53 6.03 -13.00
CA GLU B 142 -38.45 6.71 -13.91
C GLU B 142 -37.73 7.73 -14.78
N SER B 143 -36.79 8.47 -14.20
CA SER B 143 -36.07 9.51 -14.93
C SER B 143 -35.35 9.00 -16.16
N PHE B 144 -35.19 7.68 -16.30
CA PHE B 144 -34.48 7.10 -17.43
C PHE B 144 -35.41 6.46 -18.47
N ARG B 145 -36.74 6.57 -18.30
CA ARG B 145 -37.65 6.12 -19.34
C ARG B 145 -37.40 6.92 -20.61
N ASN B 146 -37.22 6.22 -21.72
CA ASN B 146 -36.86 6.77 -23.02
C ASN B 146 -35.39 7.18 -23.09
N PHE B 147 -34.57 6.80 -22.11
CA PHE B 147 -33.16 7.15 -22.14
C PHE B 147 -32.28 5.98 -21.69
N TYR B 148 -32.71 4.75 -21.99
CA TYR B 148 -31.97 3.57 -21.56
C TYR B 148 -30.61 3.43 -22.28
N THR B 149 -30.36 4.22 -23.33
CA THR B 149 -29.07 4.12 -24.01
C THR B 149 -27.92 4.66 -23.18
N TYR B 150 -28.21 5.37 -22.09
CA TYR B 150 -27.16 5.72 -21.14
C TYR B 150 -26.37 4.49 -20.72
N PHE B 151 -27.08 3.43 -20.36
CA PHE B 151 -26.48 2.22 -19.82
C PHE B 151 -25.87 1.34 -20.89
N THR B 152 -25.65 1.85 -22.09
CA THR B 152 -25.05 1.05 -23.15
C THR B 152 -23.72 0.47 -22.71
N SER B 153 -22.83 1.32 -22.17
CA SER B 153 -21.54 0.81 -21.71
C SER B 153 -21.71 -0.12 -20.52
N TYR B 154 -22.59 0.23 -19.59
CA TYR B 154 -22.79 -0.60 -18.40
C TYR B 154 -23.25 -2.00 -18.76
N ASN B 155 -24.20 -2.11 -19.71
CA ASN B 155 -24.69 -3.42 -20.11
C ASN B 155 -23.58 -4.27 -20.69
N LYS B 156 -22.79 -3.71 -21.62
CA LYS B 156 -21.70 -4.46 -22.23
C LYS B 156 -20.80 -5.09 -21.16
N VAL B 157 -20.54 -4.34 -20.09
CA VAL B 157 -19.67 -4.80 -19.02
C VAL B 157 -20.35 -5.80 -18.11
N ARG B 158 -21.68 -5.93 -18.19
CA ARG B 158 -22.41 -6.92 -17.40
C ARG B 158 -22.79 -8.15 -18.21
N GLU B 159 -22.93 -8.04 -19.53
CA GLU B 159 -22.98 -9.23 -20.37
C GLU B 159 -21.86 -10.19 -19.98
N ASN B 160 -20.72 -9.62 -19.58
CA ASN B 160 -19.56 -10.39 -19.13
C ASN B 160 -19.92 -11.42 -18.08
N LEU B 161 -20.72 -11.03 -17.08
CA LEU B 161 -20.97 -11.90 -15.95
C LEU B 161 -21.42 -13.29 -16.39
N TYR B 162 -22.29 -13.36 -17.39
CA TYR B 162 -22.95 -14.58 -17.80
C TYR B 162 -22.16 -15.36 -18.82
N SER B 163 -20.86 -15.12 -18.91
CA SER B 163 -20.01 -15.85 -19.83
C SER B 163 -19.53 -17.13 -19.17
N ASP B 164 -19.46 -18.20 -19.97
CA ASP B 164 -18.84 -19.44 -19.54
C ASP B 164 -17.34 -19.45 -19.78
N LYS B 165 -16.83 -18.50 -20.55
CA LYS B 165 -15.43 -18.50 -20.93
C LYS B 165 -14.55 -18.32 -19.70
N GLU B 166 -13.27 -18.67 -19.85
CA GLU B 166 -12.34 -18.59 -18.72
C GLU B 166 -11.94 -17.12 -18.56
N LYS B 167 -12.87 -16.35 -18.01
CA LYS B 167 -12.68 -14.92 -17.76
C LYS B 167 -12.96 -14.65 -16.30
N SER B 168 -12.00 -13.99 -15.63
CA SER B 168 -12.04 -13.88 -14.17
C SER B 168 -13.25 -13.10 -13.66
N SER B 169 -13.84 -12.26 -14.50
CA SER B 169 -14.95 -11.43 -14.08
C SER B 169 -16.28 -12.17 -14.07
N THR B 170 -16.32 -13.40 -14.56
CA THR B 170 -17.58 -14.08 -14.77
C THR B 170 -18.03 -14.80 -13.50
N VAL B 171 -19.35 -14.97 -13.39
CA VAL B 171 -19.90 -15.76 -12.29
C VAL B 171 -19.32 -17.17 -12.32
N ALA B 172 -19.39 -17.80 -13.50
CA ALA B 172 -18.93 -19.18 -13.64
C ALA B 172 -17.51 -19.35 -13.14
N TYR B 173 -16.60 -18.45 -13.56
CA TYR B 173 -15.21 -18.58 -13.18
C TYR B 173 -15.03 -18.44 -11.67
N ARG B 174 -15.74 -17.49 -11.06
CA ARG B 174 -15.63 -17.29 -9.62
C ARG B 174 -15.97 -18.56 -8.86
N LEU B 175 -17.03 -19.26 -9.29
CA LEU B 175 -17.47 -20.46 -8.59
C LEU B 175 -16.57 -21.65 -8.90
N ILE B 176 -16.33 -21.91 -10.17
CA ILE B 176 -15.74 -23.17 -10.59
C ILE B 176 -14.22 -23.12 -10.56
N ASN B 177 -13.64 -22.01 -10.99
CA ASN B 177 -12.19 -21.96 -11.16
C ASN B 177 -11.46 -21.45 -9.93
N GLU B 178 -12.10 -20.61 -9.12
CA GLU B 178 -11.50 -20.11 -7.89
C GLU B 178 -12.01 -20.86 -6.66
N ASN B 179 -13.33 -20.88 -6.45
CA ASN B 179 -13.87 -21.42 -5.21
C ASN B 179 -13.74 -22.95 -5.17
N PHE B 180 -14.15 -23.63 -6.24
CA PHE B 180 -14.15 -25.09 -6.22
C PHE B 180 -12.82 -25.67 -5.78
N PRO B 181 -11.69 -25.32 -6.37
CA PRO B 181 -10.40 -25.82 -5.85
C PRO B 181 -10.20 -25.57 -4.37
N LYS B 182 -10.60 -24.40 -3.86
CA LYS B 182 -10.51 -24.16 -2.43
C LYS B 182 -11.37 -25.15 -1.65
N PHE B 183 -12.59 -25.39 -2.11
CA PHE B 183 -13.46 -26.36 -1.45
C PHE B 183 -12.77 -27.72 -1.39
N LEU B 184 -12.19 -28.16 -2.51
CA LEU B 184 -11.51 -29.46 -2.55
C LEU B 184 -10.25 -29.44 -1.68
N ASP B 185 -9.51 -28.33 -1.68
CA ASP B 185 -8.36 -28.23 -0.79
C ASP B 185 -8.78 -28.49 0.66
N ASN B 186 -9.96 -27.99 1.04
CA ASN B 186 -10.42 -28.17 2.41
C ASN B 186 -10.77 -29.62 2.70
N VAL B 187 -11.38 -30.32 1.75
CA VAL B 187 -11.71 -31.72 2.02
C VAL B 187 -10.44 -32.54 2.17
N LYS B 188 -9.40 -32.22 1.39
CA LYS B 188 -8.10 -32.80 1.67
C LYS B 188 -7.67 -32.49 3.10
N SER B 189 -7.80 -31.22 3.51
CA SER B 189 -7.39 -30.82 4.84
C SER B 189 -8.15 -31.59 5.92
N TYR B 190 -9.45 -31.81 5.71
CA TYR B 190 -10.28 -32.45 6.74
C TYR B 190 -9.84 -33.88 7.04
N ARG B 191 -9.11 -34.51 6.13
CA ARG B 191 -8.52 -35.82 6.44
C ARG B 191 -7.69 -35.75 7.72
N PHE B 192 -6.97 -34.64 7.91
CA PHE B 192 -6.13 -34.42 9.08
C PHE B 192 -6.90 -33.83 10.25
N VAL B 193 -8.17 -33.50 10.06
CA VAL B 193 -9.01 -32.92 11.10
C VAL B 193 -9.99 -33.97 11.62
N LYS B 194 -10.48 -34.85 10.74
CA LYS B 194 -11.23 -36.02 11.19
C LYS B 194 -10.31 -37.01 11.89
N THR B 195 -9.13 -37.26 11.30
CA THR B 195 -7.99 -37.67 12.10
C THR B 195 -7.73 -36.60 13.14
N ALA B 196 -7.23 -37.00 14.31
CA ALA B 196 -7.03 -36.12 15.45
C ALA B 196 -8.36 -35.66 16.03
N GLY B 197 -9.49 -36.16 15.53
CA GLY B 197 -10.75 -36.09 16.26
C GLY B 197 -11.22 -34.72 16.65
N ILE B 198 -10.93 -33.72 15.84
CA ILE B 198 -11.31 -32.34 16.14
C ILE B 198 -12.80 -32.14 15.82
N LEU B 199 -13.50 -31.46 16.72
CA LEU B 199 -14.88 -31.04 16.50
C LEU B 199 -15.04 -29.66 17.11
N ALA B 200 -15.94 -28.87 16.53
CA ALA B 200 -16.04 -27.46 16.88
C ALA B 200 -17.31 -27.18 17.69
N ASP B 201 -17.20 -26.19 18.57
CA ASP B 201 -18.35 -25.75 19.36
C ASP B 201 -19.42 -25.20 18.42
N GLY B 202 -20.58 -25.85 18.42
CA GLY B 202 -21.65 -25.50 17.52
C GLY B 202 -21.72 -26.34 16.27
N LEU B 203 -20.83 -27.32 16.12
CA LEU B 203 -20.79 -28.19 14.95
C LEU B 203 -21.00 -29.62 15.41
N GLY B 204 -22.06 -30.26 14.91
CA GLY B 204 -22.26 -31.66 15.14
C GLY B 204 -21.39 -32.51 14.23
N GLU B 205 -21.17 -33.77 14.63
CA GLU B 205 -20.30 -34.65 13.86
C GLU B 205 -20.69 -34.65 12.38
N GLU B 206 -21.95 -35.00 12.10
CA GLU B 206 -22.44 -34.95 10.73
C GLU B 206 -22.44 -33.52 10.20
N GLU B 207 -22.67 -32.54 11.07
CA GLU B 207 -22.68 -31.15 10.64
C GLU B 207 -21.34 -30.74 10.04
N GLN B 208 -20.23 -31.22 10.62
CA GLN B 208 -18.92 -30.96 10.05
C GLN B 208 -18.69 -31.80 8.81
N ASP B 209 -18.84 -33.12 8.94
CA ASP B 209 -18.53 -34.03 7.84
C ASP B 209 -19.16 -33.56 6.54
N SER B 210 -20.39 -33.04 6.60
CA SER B 210 -21.11 -32.67 5.39
C SER B 210 -20.45 -31.52 4.66
N LEU B 211 -19.76 -30.64 5.40
CA LEU B 211 -19.03 -29.56 4.74
C LEU B 211 -18.00 -30.07 3.76
N PHE B 212 -17.64 -31.35 3.86
CA PHE B 212 -16.50 -31.91 3.14
C PHE B 212 -16.89 -33.16 2.37
N ILE B 213 -18.15 -33.22 1.94
CA ILE B 213 -18.57 -34.13 0.88
C ILE B 213 -18.80 -33.29 -0.37
N VAL B 214 -18.31 -33.79 -1.50
CA VAL B 214 -18.30 -33.01 -2.74
C VAL B 214 -19.68 -32.42 -3.03
N GLU B 215 -20.73 -33.23 -2.85
CA GLU B 215 -22.06 -32.80 -3.24
C GLU B 215 -22.53 -31.58 -2.48
N THR B 216 -21.85 -31.19 -1.39
CA THR B 216 -22.20 -30.01 -0.63
C THR B 216 -21.75 -28.71 -1.31
N PHE B 217 -20.81 -28.79 -2.26
CA PHE B 217 -20.41 -27.60 -2.99
C PHE B 217 -21.59 -26.99 -3.74
N ASN B 218 -22.57 -27.82 -4.13
CA ASN B 218 -23.77 -27.28 -4.76
C ASN B 218 -24.49 -26.30 -3.85
N LYS B 219 -24.36 -26.48 -2.54
CA LYS B 219 -24.98 -25.58 -1.57
C LYS B 219 -24.23 -24.26 -1.46
N THR B 220 -23.01 -24.17 -1.99
CA THR B 220 -22.21 -22.97 -1.91
C THR B 220 -22.20 -22.17 -3.21
N LEU B 221 -23.15 -22.44 -4.10
CA LEU B 221 -23.25 -21.69 -5.35
C LEU B 221 -23.97 -20.35 -5.16
N THR B 222 -24.54 -20.10 -3.99
CA THR B 222 -25.24 -18.87 -3.69
C THR B 222 -24.52 -18.14 -2.56
N GLN B 223 -24.62 -16.81 -2.57
CA GLN B 223 -23.89 -16.01 -1.59
C GLN B 223 -24.32 -16.38 -0.17
N ASP B 224 -25.63 -16.57 0.06
CA ASP B 224 -26.08 -16.99 1.38
C ASP B 224 -25.47 -18.33 1.77
N GLY B 225 -25.09 -19.15 0.78
CA GLY B 225 -24.48 -20.44 1.05
C GLY B 225 -22.98 -20.35 1.25
N ILE B 226 -22.34 -19.37 0.59
CA ILE B 226 -20.92 -19.12 0.82
C ILE B 226 -20.72 -18.54 2.21
N ASP B 227 -21.64 -17.67 2.66
CA ASP B 227 -21.55 -17.13 4.01
C ASP B 227 -21.74 -18.23 5.05
N THR B 228 -22.72 -19.11 4.83
CA THR B 228 -22.94 -20.24 5.73
C THR B 228 -21.67 -21.10 5.82
N TYR B 229 -21.08 -21.44 4.67
CA TYR B 229 -19.85 -22.21 4.65
C TYR B 229 -18.73 -21.48 5.38
N ASN B 230 -18.42 -20.25 4.94
CA ASN B 230 -17.32 -19.51 5.55
C ASN B 230 -17.51 -19.37 7.05
N SER B 231 -18.75 -19.19 7.49
CA SER B 231 -19.03 -19.06 8.91
C SER B 231 -18.64 -20.34 9.65
N GLN B 232 -19.19 -21.48 9.23
CA GLN B 232 -18.93 -22.73 9.93
C GLN B 232 -17.49 -23.19 9.76
N VAL B 233 -16.86 -22.87 8.62
CA VAL B 233 -15.45 -23.22 8.44
C VAL B 233 -14.58 -22.42 9.40
N GLY B 234 -14.93 -21.17 9.66
CA GLY B 234 -14.21 -20.40 10.65
C GLY B 234 -14.25 -21.04 12.02
N LYS B 235 -15.35 -21.71 12.35
CA LYS B 235 -15.41 -22.42 13.62
C LYS B 235 -14.36 -23.53 13.68
N ILE B 236 -14.25 -24.31 12.60
CA ILE B 236 -13.25 -25.38 12.58
C ILE B 236 -11.85 -24.80 12.71
N ASN B 237 -11.59 -23.67 12.03
CA ASN B 237 -10.27 -23.08 12.07
C ASN B 237 -9.86 -22.72 13.50
N SER B 238 -10.81 -22.34 14.34
CA SER B 238 -10.49 -22.08 15.74
C SER B 238 -10.09 -23.36 16.46
N SER B 239 -10.92 -24.41 16.36
CA SER B 239 -10.56 -25.68 16.96
C SER B 239 -9.19 -26.14 16.49
N ILE B 240 -8.89 -25.95 15.21
CA ILE B 240 -7.60 -26.38 14.68
C ILE B 240 -6.48 -25.56 15.30
N ASN B 241 -6.67 -24.23 15.40
CA ASN B 241 -5.64 -23.40 16.01
C ASN B 241 -5.44 -23.78 17.47
N LEU B 242 -6.53 -24.09 18.18
CA LEU B 242 -6.44 -24.56 19.55
C LEU B 242 -5.68 -25.88 19.61
N TYR B 243 -6.05 -26.84 18.76
CA TYR B 243 -5.37 -28.13 18.75
C TYR B 243 -3.89 -27.98 18.43
N ASN B 244 -3.57 -27.12 17.46
CA ASN B 244 -2.16 -26.91 17.10
C ASN B 244 -1.38 -26.33 18.27
N GLN B 245 -2.02 -25.54 19.10
CA GLN B 245 -1.35 -24.88 20.22
C GLN B 245 -1.27 -25.77 21.45
N LYS B 246 -2.20 -26.71 21.60
CA LYS B 246 -1.98 -27.79 22.57
C LYS B 246 -0.69 -28.52 22.26
N ASN B 247 -0.59 -29.12 21.07
CA ASN B 247 0.63 -29.78 20.62
C ASN B 247 1.68 -28.75 20.19
N PHE B 253 4.35 -34.40 17.20
CA PHE B 253 3.45 -34.69 16.09
C PHE B 253 3.55 -33.61 15.01
N ARG B 254 3.00 -33.91 13.84
CA ARG B 254 2.99 -32.95 12.75
C ARG B 254 1.77 -32.03 12.86
N LYS B 255 1.92 -30.81 12.37
CA LYS B 255 0.93 -29.75 12.47
C LYS B 255 -0.22 -30.00 11.49
N ILE B 256 -1.37 -29.38 11.79
CA ILE B 256 -2.58 -29.58 10.99
C ILE B 256 -2.90 -28.31 10.20
N PRO B 257 -3.32 -28.43 8.95
CA PRO B 257 -3.67 -27.25 8.16
C PRO B 257 -5.05 -26.71 8.49
N LYS B 258 -5.16 -25.39 8.43
CA LYS B 258 -6.46 -24.74 8.60
C LYS B 258 -7.21 -24.70 7.27
N MET B 259 -8.51 -24.42 7.36
CA MET B 259 -9.37 -24.43 6.19
C MET B 259 -9.31 -23.10 5.45
N LYS B 260 -9.40 -23.16 4.13
CA LYS B 260 -9.52 -21.97 3.30
C LYS B 260 -10.98 -21.55 3.22
N MET B 261 -11.19 -20.28 2.92
CA MET B 261 -12.52 -19.71 2.81
C MET B 261 -12.81 -19.34 1.36
N LEU B 262 -14.06 -19.52 0.96
CA LEU B 262 -14.46 -19.29 -0.41
C LEU B 262 -14.57 -17.80 -0.70
N TYR B 263 -14.10 -17.38 -1.88
CA TYR B 263 -14.30 -16.00 -2.29
C TYR B 263 -15.79 -15.69 -2.42
N LYS B 264 -16.15 -14.45 -2.11
CA LYS B 264 -17.51 -14.02 -2.31
C LYS B 264 -17.84 -13.98 -3.80
N GLN B 265 -19.14 -13.96 -4.09
CA GLN B 265 -19.63 -13.95 -5.45
C GLN B 265 -19.15 -12.71 -6.20
N ILE B 266 -19.15 -12.80 -7.52
CA ILE B 266 -18.93 -11.61 -8.34
C ILE B 266 -20.03 -10.61 -8.06
N LEU B 267 -19.65 -9.34 -7.96
CA LEU B 267 -20.46 -8.21 -7.52
C LEU B 267 -20.63 -8.16 -6.00
N SER B 268 -20.00 -9.05 -5.23
CA SER B 268 -20.12 -9.01 -3.78
C SER B 268 -19.46 -7.75 -3.23
N ASP B 269 -20.03 -7.25 -2.12
CA ASP B 269 -19.62 -5.96 -1.55
C ASP B 269 -18.14 -5.91 -1.17
N ASP B 276 -19.12 5.19 -0.44
CA ASP B 276 -18.44 4.59 -1.59
C ASP B 276 -17.19 5.39 -1.94
N GLU B 277 -17.03 6.54 -1.26
CA GLU B 277 -15.97 7.49 -1.58
C GLU B 277 -15.94 8.61 -0.53
N PHE B 278 -14.78 8.80 0.11
CA PHE B 278 -14.74 9.61 1.32
C PHE B 278 -15.31 11.00 1.08
N GLN B 279 -16.00 11.52 2.11
CA GLN B 279 -16.63 12.83 2.06
C GLN B 279 -16.16 13.76 3.17
N SER B 280 -15.27 13.33 4.05
CA SER B 280 -14.77 14.21 5.09
C SER B 280 -13.45 13.68 5.62
N ASP B 281 -12.68 14.59 6.22
CA ASP B 281 -11.42 14.19 6.83
C ASP B 281 -11.64 13.19 7.95
N GLU B 282 -12.69 13.38 8.76
CA GLU B 282 -12.89 12.52 9.91
C GLU B 282 -13.21 11.09 9.50
N VAL B 283 -13.92 10.91 8.39
CA VAL B 283 -14.24 9.57 7.91
C VAL B 283 -12.97 8.89 7.40
N LEU B 284 -12.18 9.62 6.60
CA LEU B 284 -10.91 9.10 6.12
C LEU B 284 -10.00 8.70 7.27
N ILE B 285 -9.78 9.62 8.21
CA ILE B 285 -8.84 9.38 9.29
C ILE B 285 -9.22 8.12 10.06
N ASP B 286 -10.52 7.94 10.35
CA ASP B 286 -10.93 6.84 11.21
C ASP B 286 -11.01 5.51 10.47
N ASN B 287 -11.02 5.51 9.15
CA ASN B 287 -10.91 4.24 8.42
C ASN B 287 -9.47 3.82 8.25
N VAL B 288 -8.55 4.79 8.10
CA VAL B 288 -7.13 4.47 8.14
C VAL B 288 -6.71 4.06 9.55
N GLU B 289 -7.34 4.66 10.56
CA GLU B 289 -7.08 4.25 11.94
C GLU B 289 -7.64 2.86 12.21
N SER B 290 -8.94 2.68 11.99
CA SER B 290 -9.59 1.40 12.28
C SER B 290 -8.90 0.28 11.54
N TYR B 291 -8.74 0.43 10.23
CA TYR B 291 -8.09 -0.62 9.46
C TYR B 291 -6.66 -0.85 9.94
N GLY B 292 -5.91 0.23 10.18
CA GLY B 292 -4.55 0.08 10.64
C GLY B 292 -4.46 -0.65 11.96
N SER B 293 -5.38 -0.36 12.88
CA SER B 293 -5.39 -1.05 14.17
C SER B 293 -5.78 -2.50 14.01
N VAL B 294 -6.78 -2.78 13.17
CA VAL B 294 -7.20 -4.16 12.94
C VAL B 294 -6.07 -4.96 12.31
N LEU B 295 -5.44 -4.40 11.28
CA LEU B 295 -4.36 -5.10 10.58
C LEU B 295 -3.19 -5.38 11.53
N ILE B 296 -2.75 -4.35 12.27
CA ILE B 296 -1.57 -4.49 13.11
C ILE B 296 -1.71 -5.69 14.04
N GLU B 297 -2.86 -5.81 14.70
CA GLU B 297 -3.04 -6.94 15.60
C GLU B 297 -2.78 -8.25 14.87
N SER B 298 -3.37 -8.40 13.68
CA SER B 298 -3.24 -9.65 12.93
C SER B 298 -1.78 -9.91 12.57
N LEU B 299 -1.05 -8.86 12.25
CA LEU B 299 0.38 -9.01 11.95
C LEU B 299 1.20 -9.31 13.19
N LYS B 300 0.72 -8.89 14.36
CA LYS B 300 1.40 -9.20 15.61
C LYS B 300 0.95 -10.52 16.20
N SER B 301 -0.10 -11.11 15.67
CA SER B 301 -0.63 -12.37 16.18
C SER B 301 0.27 -13.52 15.76
N SER B 302 -0.16 -14.74 16.08
CA SER B 302 0.50 -15.96 15.67
C SER B 302 0.36 -16.23 14.17
N LYS B 303 -0.45 -15.46 13.45
CA LYS B 303 -0.67 -15.74 12.04
C LYS B 303 0.61 -15.59 11.22
N VAL B 304 1.54 -14.74 11.67
CA VAL B 304 2.74 -14.52 10.89
C VAL B 304 3.75 -15.62 11.13
N SER B 305 3.98 -15.98 12.40
CA SER B 305 4.92 -17.05 12.70
C SER B 305 4.48 -18.37 12.10
N ALA B 306 3.16 -18.61 12.08
CA ALA B 306 2.64 -19.86 11.53
C ALA B 306 2.94 -19.99 10.05
N PHE B 307 2.80 -18.89 9.31
CA PHE B 307 3.12 -18.89 7.89
C PHE B 307 4.61 -19.04 7.65
N PHE B 308 5.42 -18.34 8.45
CA PHE B 308 6.86 -18.50 8.36
C PHE B 308 7.27 -19.95 8.63
N ASP B 309 6.79 -20.53 9.73
CA ASP B 309 7.16 -21.89 10.07
C ASP B 309 6.71 -22.87 8.98
N ALA B 310 5.44 -22.80 8.60
CA ALA B 310 4.93 -23.67 7.54
C ALA B 310 5.77 -23.54 6.27
N LEU B 311 6.14 -22.30 5.93
CA LEU B 311 6.90 -22.07 4.72
C LEU B 311 8.31 -22.63 4.83
N ARG B 312 8.93 -22.50 6.01
CA ARG B 312 10.26 -23.07 6.20
C ARG B 312 10.19 -24.60 6.19
N GLU B 313 9.17 -25.17 6.85
CA GLU B 313 9.07 -26.63 6.94
C GLU B 313 8.70 -27.25 5.61
N SER B 314 8.02 -26.51 4.73
CA SER B 314 7.76 -27.03 3.39
C SER B 314 9.05 -27.22 2.59
N LYS B 315 10.03 -26.36 2.85
CA LYS B 315 11.30 -26.40 2.11
C LYS B 315 11.05 -26.33 0.61
N GLY B 316 9.92 -25.75 0.22
CA GLY B 316 9.59 -25.49 -1.17
C GLY B 316 8.53 -26.40 -1.75
N LYS B 317 8.31 -27.58 -1.16
CA LYS B 317 7.50 -28.60 -1.82
C LYS B 317 6.05 -28.15 -1.97
N ASN B 318 5.54 -28.23 -3.19
CA ASN B 318 4.15 -27.89 -3.51
C ASN B 318 3.83 -26.44 -3.19
N VAL B 319 4.83 -25.56 -3.29
CA VAL B 319 4.62 -24.13 -3.17
C VAL B 319 5.10 -23.49 -4.47
N TYR B 320 4.32 -22.54 -4.99
CA TYR B 320 4.54 -21.98 -6.33
C TYR B 320 4.51 -20.46 -6.22
N VAL B 321 5.23 -19.80 -7.14
CA VAL B 321 5.68 -18.42 -6.92
C VAL B 321 5.63 -17.62 -8.22
N LYS B 322 5.41 -16.30 -8.07
CA LYS B 322 5.32 -15.38 -9.18
C LYS B 322 6.69 -15.08 -9.78
N ASN B 323 6.73 -14.19 -10.78
CA ASN B 323 7.93 -13.84 -11.54
C ASN B 323 8.72 -12.72 -10.86
N ASP B 324 9.07 -12.90 -9.58
CA ASP B 324 9.84 -11.88 -8.86
C ASP B 324 10.66 -12.48 -7.72
N LYS B 374 3.52 -18.19 -15.78
CA LYS B 374 3.25 -17.26 -14.70
C LYS B 374 3.63 -17.81 -13.34
N SER B 375 4.01 -19.08 -13.28
CA SER B 375 4.28 -19.75 -12.02
C SER B 375 5.55 -20.58 -12.11
N TYR B 376 6.23 -20.70 -10.98
CA TYR B 376 7.48 -21.45 -10.87
C TYR B 376 7.51 -22.05 -9.46
N SER B 377 7.96 -23.29 -9.34
CA SER B 377 7.93 -23.99 -8.05
C SER B 377 9.17 -23.65 -7.24
N LEU B 378 8.98 -23.33 -5.96
CA LEU B 378 10.11 -23.18 -5.07
C LEU B 378 10.89 -24.47 -4.91
N GLU B 379 10.20 -25.61 -5.05
CA GLU B 379 10.85 -26.89 -4.87
C GLU B 379 12.13 -26.98 -5.70
N HIS B 380 12.03 -26.64 -6.99
CA HIS B 380 13.21 -26.76 -7.83
C HIS B 380 14.24 -25.67 -7.47
N LEU B 381 13.77 -24.45 -7.20
CA LEU B 381 14.69 -23.38 -6.85
C LEU B 381 15.49 -23.70 -5.60
N CYS B 382 14.84 -24.28 -4.59
CA CYS B 382 15.54 -24.62 -3.36
C CYS B 382 16.38 -25.88 -3.52
N ASN B 383 16.00 -26.78 -4.43
CA ASN B 383 16.85 -27.93 -4.73
C ASN B 383 18.14 -27.54 -5.46
N LEU B 384 18.29 -26.28 -5.85
CA LEU B 384 19.56 -25.82 -6.41
C LEU B 384 20.66 -25.81 -5.34
N SER B 385 20.29 -25.76 -4.07
CA SER B 385 21.23 -26.01 -2.97
C SER B 385 20.44 -26.25 -1.69
N CYS B 389 21.30 -20.95 1.27
CA CYS B 389 20.86 -21.92 0.28
C CYS B 389 19.42 -21.71 -0.13
N ASN B 390 18.63 -21.18 0.80
CA ASN B 390 17.20 -21.44 0.79
C ASN B 390 16.35 -20.35 0.15
N LEU B 391 16.84 -19.12 0.03
CA LEU B 391 16.03 -18.05 -0.51
C LEU B 391 14.84 -17.76 0.41
N ILE B 392 14.08 -18.79 0.79
CA ILE B 392 12.93 -18.64 1.65
C ILE B 392 13.26 -17.74 2.85
N GLU B 393 14.44 -17.91 3.44
CA GLU B 393 14.75 -17.09 4.60
C GLU B 393 14.94 -15.62 4.23
N ASN B 394 15.38 -15.33 3.01
CA ASN B 394 15.40 -13.95 2.57
C ASN B 394 13.99 -13.39 2.46
N TYR B 395 13.08 -14.16 1.84
CA TYR B 395 11.70 -13.72 1.69
C TYR B 395 11.06 -13.40 3.03
N ILE B 396 11.10 -14.34 3.97
CA ILE B 396 10.44 -14.11 5.24
C ILE B 396 11.10 -12.95 5.98
N HIS B 397 12.42 -12.86 5.91
CA HIS B 397 13.09 -11.73 6.55
C HIS B 397 12.74 -10.41 5.88
N GLN B 398 12.39 -10.42 4.58
CA GLN B 398 11.92 -9.19 3.95
C GLN B 398 10.43 -8.95 4.21
N ILE B 399 9.66 -10.01 4.46
CA ILE B 399 8.30 -9.82 4.96
C ILE B 399 8.35 -9.31 6.40
N SER B 400 9.25 -9.87 7.20
CA SER B 400 9.40 -9.40 8.57
C SER B 400 9.65 -7.90 8.61
N ASP B 401 10.40 -7.39 7.64
CA ASP B 401 10.75 -5.97 7.63
C ASP B 401 9.60 -5.10 7.15
N ASP B 402 8.79 -5.59 6.21
CA ASP B 402 7.61 -4.84 5.80
C ASP B 402 6.66 -4.63 6.96
N ILE B 403 6.54 -5.63 7.83
CA ILE B 403 5.65 -5.53 8.97
C ILE B 403 6.15 -4.47 9.94
N GLU B 404 7.45 -4.44 10.21
CA GLU B 404 7.98 -3.45 11.14
C GLU B 404 7.81 -2.03 10.61
N ASN B 405 7.84 -1.85 9.29
CA ASN B 405 7.62 -0.51 8.72
C ASN B 405 6.15 -0.11 8.80
N ILE B 406 5.24 -1.07 8.61
CA ILE B 406 3.83 -0.80 8.86
C ILE B 406 3.62 -0.39 10.31
N ILE B 407 4.35 -1.04 11.23
CA ILE B 407 4.15 -0.80 12.65
C ILE B 407 4.68 0.58 13.05
N ILE B 408 5.88 0.95 12.56
CA ILE B 408 6.38 2.27 12.90
C ILE B 408 5.57 3.35 12.18
N ASN B 409 5.19 3.09 10.93
CA ASN B 409 4.40 4.07 10.19
C ASN B 409 3.00 4.23 10.78
N ASN B 410 2.49 3.22 11.48
CA ASN B 410 1.20 3.35 12.15
C ASN B 410 1.29 4.32 13.32
N GLU B 411 2.38 4.24 14.10
CA GLU B 411 2.55 5.18 15.20
C GLU B 411 2.75 6.60 14.70
N THR B 412 3.68 6.79 13.75
CA THR B 412 3.88 8.09 13.14
C THR B 412 2.54 8.69 12.71
N PHE B 413 1.68 7.87 12.11
CA PHE B 413 0.34 8.31 11.74
C PHE B 413 -0.46 8.70 12.97
N LEU B 414 -0.45 7.83 13.99
CA LEU B 414 -1.14 8.16 15.24
C LEU B 414 -0.59 9.44 15.85
N ARG B 415 0.73 9.57 15.90
CA ARG B 415 1.35 10.78 16.43
C ARG B 415 0.94 12.01 15.63
N ILE B 416 1.21 12.00 14.33
CA ILE B 416 1.06 13.21 13.53
C ILE B 416 -0.41 13.52 13.25
N VAL B 417 -1.20 12.49 12.95
CA VAL B 417 -2.54 12.71 12.44
C VAL B 417 -3.58 12.70 13.56
N ILE B 418 -3.54 11.69 14.42
CA ILE B 418 -4.55 11.58 15.46
C ILE B 418 -4.28 12.57 16.58
N ASN B 419 -3.01 12.81 16.91
CA ASN B 419 -2.66 13.57 18.10
C ASN B 419 -2.15 14.98 17.81
N GLU B 420 -1.91 15.35 16.56
CA GLU B 420 -1.30 16.64 16.28
C GLU B 420 -1.91 17.38 15.11
N HIS B 421 -2.90 16.82 14.42
CA HIS B 421 -3.56 17.51 13.32
C HIS B 421 -4.72 18.33 13.86
N ASP B 422 -4.75 19.61 13.51
CA ASP B 422 -5.83 20.50 13.96
C ASP B 422 -7.00 20.33 13.00
N ARG B 423 -8.08 19.72 13.49
CA ARG B 423 -9.19 19.30 12.63
C ARG B 423 -10.12 20.43 12.25
N SER B 424 -9.74 21.68 12.50
CA SER B 424 -10.40 22.80 11.86
C SER B 424 -9.81 23.11 10.49
N ARG B 425 -8.68 22.51 10.15
CA ARG B 425 -7.94 22.79 8.92
C ARG B 425 -8.01 21.58 7.99
N LYS B 426 -7.94 21.85 6.69
CA LYS B 426 -8.11 20.78 5.71
C LYS B 426 -6.93 19.82 5.81
N LEU B 427 -7.22 18.55 6.15
CA LEU B 427 -6.18 17.53 6.19
C LEU B 427 -5.36 17.52 4.91
N ALA B 428 -6.04 17.69 3.77
CA ALA B 428 -5.35 17.71 2.47
C ALA B 428 -4.29 18.81 2.37
N LYS B 429 -4.21 19.70 3.35
CA LYS B 429 -3.28 20.83 3.30
C LYS B 429 -2.31 20.82 4.48
N ASN B 430 -2.24 19.73 5.23
CA ASN B 430 -1.21 19.53 6.25
C ASN B 430 -0.24 18.51 5.66
N ARG B 431 0.80 19.01 4.97
CA ARG B 431 1.73 18.13 4.28
C ARG B 431 2.22 17.01 5.19
N LYS B 432 2.50 17.33 6.46
CA LYS B 432 2.99 16.30 7.38
C LYS B 432 2.02 15.13 7.47
N ALA B 433 0.73 15.44 7.66
CA ALA B 433 -0.26 14.39 7.86
C ALA B 433 -0.53 13.62 6.57
N VAL B 434 -0.50 14.31 5.43
CA VAL B 434 -0.70 13.64 4.15
C VAL B 434 0.42 12.64 3.90
N LYS B 435 1.66 13.02 4.22
CA LYS B 435 2.78 12.10 4.04
C LYS B 435 2.66 10.91 4.98
N ALA B 436 2.32 11.14 6.25
CA ALA B 436 2.22 10.06 7.20
C ALA B 436 1.18 9.03 6.76
N ILE B 437 0.03 9.51 6.28
CA ILE B 437 -1.00 8.60 5.78
C ILE B 437 -0.48 7.87 4.55
N LYS B 438 0.15 8.60 3.63
CA LYS B 438 0.69 7.98 2.42
C LYS B 438 1.73 6.93 2.78
N ASP B 439 2.68 7.29 3.66
CA ASP B 439 3.71 6.33 4.04
C ASP B 439 3.11 5.12 4.74
N PHE B 440 2.05 5.33 5.52
CA PHE B 440 1.42 4.20 6.22
C PHE B 440 0.78 3.25 5.21
N LEU B 441 -0.08 3.76 4.33
CA LEU B 441 -0.73 2.90 3.36
C LEU B 441 0.27 2.32 2.37
N ASP B 442 1.31 3.09 2.02
CA ASP B 442 2.38 2.54 1.20
C ASP B 442 3.00 1.33 1.87
N SER B 443 3.38 1.47 3.15
CA SER B 443 4.02 0.35 3.85
C SER B 443 3.12 -0.88 3.90
N ILE B 444 1.80 -0.69 3.85
CA ILE B 444 0.91 -1.85 3.83
C ILE B 444 0.88 -2.47 2.43
N LYS B 445 0.85 -1.62 1.39
CA LYS B 445 0.83 -2.11 0.02
C LYS B 445 2.01 -3.04 -0.25
N VAL B 446 3.21 -2.59 0.12
CA VAL B 446 4.44 -3.38 -0.13
C VAL B 446 4.28 -4.74 0.54
N LEU B 447 3.63 -4.83 1.68
CA LEU B 447 3.47 -6.13 2.38
C LEU B 447 2.51 -6.98 1.55
N GLU B 448 1.44 -6.37 1.06
CA GLU B 448 0.41 -7.07 0.26
C GLU B 448 1.06 -7.58 -1.04
N ARG B 449 1.93 -6.78 -1.64
CA ARG B 449 2.62 -7.11 -2.90
C ARG B 449 3.54 -8.30 -2.63
N GLU B 450 4.35 -8.21 -1.59
CA GLU B 450 5.31 -9.26 -1.29
C GLU B 450 4.61 -10.57 -0.94
N LEU B 451 3.56 -10.51 -0.11
CA LEU B 451 2.82 -11.73 0.19
C LEU B 451 2.20 -12.32 -1.06
N LYS B 452 1.77 -11.47 -1.98
CA LYS B 452 1.15 -11.95 -3.21
C LYS B 452 2.14 -12.59 -4.16
N LEU B 453 3.44 -12.56 -3.84
CA LEU B 453 4.40 -13.33 -4.61
C LEU B 453 4.22 -14.82 -4.42
N ILE B 454 3.65 -15.25 -3.29
CA ILE B 454 3.33 -16.66 -3.07
C ILE B 454 1.86 -16.89 -3.37
N ASN B 455 1.51 -16.90 -4.66
CA ASN B 455 0.32 -17.58 -5.13
C ASN B 455 0.70 -18.36 -6.37
N SER B 456 -0.03 -19.44 -6.63
CA SER B 456 0.19 -20.24 -7.83
C SER B 456 -0.28 -19.43 -9.04
N SER B 457 -0.23 -20.05 -10.22
CA SER B 457 -0.98 -19.49 -11.34
C SER B 457 -2.48 -19.59 -11.10
N GLY B 458 -2.89 -20.28 -10.04
CA GLY B 458 -4.26 -20.67 -9.80
C GLY B 458 -4.46 -22.14 -10.06
N GLN B 459 -3.85 -22.63 -11.15
CA GLN B 459 -4.23 -23.90 -11.75
C GLN B 459 -3.47 -25.11 -11.20
N GLU B 460 -2.52 -24.94 -10.28
CA GLU B 460 -1.80 -26.10 -9.75
C GLU B 460 -2.72 -26.89 -8.83
N LEU B 461 -2.87 -28.19 -9.12
CA LEU B 461 -3.72 -29.06 -8.31
C LEU B 461 -3.05 -29.54 -7.03
N GLU B 462 -1.74 -29.31 -6.91
CA GLU B 462 -0.90 -30.04 -5.97
C GLU B 462 -0.45 -29.20 -4.79
N LYS B 463 -0.97 -27.99 -4.64
CA LYS B 463 -0.34 -26.99 -3.79
C LYS B 463 -0.48 -27.34 -2.30
N ASP B 464 0.53 -26.91 -1.54
CA ASP B 464 0.71 -27.36 -0.16
C ASP B 464 -0.39 -26.84 0.74
N LEU B 465 -0.97 -27.74 1.54
CA LEU B 465 -2.17 -27.40 2.30
C LEU B 465 -1.86 -26.45 3.46
N ILE B 466 -0.72 -26.65 4.13
CA ILE B 466 -0.43 -25.85 5.32
C ILE B 466 0.00 -24.44 4.93
N VAL B 467 0.96 -24.34 4.02
CA VAL B 467 1.47 -23.04 3.60
C VAL B 467 0.35 -22.18 3.06
N TYR B 468 -0.47 -22.74 2.15
CA TYR B 468 -1.47 -21.94 1.50
C TYR B 468 -2.64 -21.59 2.43
N SER B 469 -2.89 -22.41 3.45
CA SER B 469 -3.90 -22.03 4.44
C SER B 469 -3.38 -20.95 5.37
N ALA B 470 -2.15 -21.12 5.88
CA ALA B 470 -1.52 -20.05 6.65
C ALA B 470 -1.46 -18.76 5.84
N HIS B 471 -1.06 -18.87 4.58
CA HIS B 471 -0.92 -17.71 3.71
C HIS B 471 -2.26 -17.02 3.49
N GLU B 472 -3.33 -17.79 3.24
CA GLU B 472 -4.64 -17.20 3.01
C GLU B 472 -5.11 -16.39 4.21
N GLU B 473 -5.02 -16.97 5.41
CA GLU B 473 -5.42 -16.25 6.61
C GLU B 473 -4.73 -14.90 6.70
N LEU B 474 -3.45 -14.86 6.36
CA LEU B 474 -2.63 -13.66 6.49
C LEU B 474 -2.85 -12.69 5.35
N LEU B 475 -3.36 -13.17 4.23
CA LEU B 475 -3.64 -12.30 3.09
C LEU B 475 -5.00 -11.63 3.22
N VAL B 476 -5.93 -12.24 3.97
CA VAL B 476 -7.11 -11.52 4.43
C VAL B 476 -6.66 -10.39 5.34
N GLU B 477 -7.56 -9.43 5.57
CA GLU B 477 -7.25 -8.11 6.11
C GLU B 477 -6.56 -7.26 5.05
N LEU B 478 -5.48 -7.78 4.44
CA LEU B 478 -4.83 -7.04 3.36
C LEU B 478 -5.73 -6.86 2.15
N LYS B 479 -6.77 -7.69 2.04
CA LYS B 479 -7.78 -7.52 1.00
C LYS B 479 -8.30 -6.09 0.95
N GLN B 480 -8.42 -5.44 2.10
CA GLN B 480 -9.07 -4.13 2.17
C GLN B 480 -8.20 -2.99 1.65
N VAL B 481 -6.88 -3.16 1.65
CA VAL B 481 -6.00 -2.01 1.49
C VAL B 481 -6.14 -1.39 0.11
N ASP B 482 -6.47 -2.19 -0.90
CA ASP B 482 -6.49 -1.68 -2.27
C ASP B 482 -7.55 -0.61 -2.44
N SER B 483 -8.78 -0.89 -2.00
CA SER B 483 -9.82 0.12 -2.04
C SER B 483 -9.48 1.30 -1.13
N LEU B 484 -9.08 1.01 0.11
CA LEU B 484 -8.72 2.05 1.06
C LEU B 484 -7.66 2.98 0.47
N TYR B 485 -6.64 2.41 -0.18
CA TYR B 485 -5.57 3.21 -0.76
C TYR B 485 -6.09 4.12 -1.86
N ASN B 486 -6.93 3.58 -2.76
CA ASN B 486 -7.39 4.36 -3.89
C ASN B 486 -8.34 5.46 -3.45
N MET B 487 -9.19 5.18 -2.45
CA MET B 487 -10.07 6.22 -1.94
C MET B 487 -9.30 7.24 -1.12
N THR B 488 -8.32 6.79 -0.33
CA THR B 488 -7.48 7.74 0.40
C THR B 488 -6.76 8.67 -0.56
N ARG B 489 -6.11 8.13 -1.59
CA ARG B 489 -5.44 8.94 -2.60
C ARG B 489 -6.45 9.94 -3.16
N ASN B 490 -7.45 9.47 -3.90
CA ASN B 490 -8.38 10.35 -4.58
C ASN B 490 -8.83 11.55 -3.75
N TYR B 491 -9.14 11.32 -2.47
CA TYR B 491 -9.70 12.38 -1.65
C TYR B 491 -8.70 13.49 -1.38
N LEU B 492 -7.46 13.13 -1.05
CA LEU B 492 -6.45 14.12 -0.70
C LEU B 492 -5.83 14.78 -1.93
N THR B 493 -5.82 14.11 -3.07
CA THR B 493 -5.34 14.73 -4.30
C THR B 493 -6.43 15.50 -5.02
N LYS B 494 -7.66 15.47 -4.51
CA LYS B 494 -8.79 16.12 -5.13
C LYS B 494 -8.47 17.56 -5.50
N LYS B 495 -8.74 17.93 -6.75
CA LYS B 495 -8.45 19.27 -7.25
C LYS B 495 -9.54 20.24 -6.80
N PRO B 496 -9.29 21.54 -6.97
CA PRO B 496 -10.27 22.55 -6.52
C PRO B 496 -11.47 22.72 -7.45
N PHE B 497 -11.50 22.04 -8.58
CA PHE B 497 -12.61 22.15 -9.52
C PHE B 497 -13.05 20.76 -9.93
N SER B 498 -14.25 20.69 -10.51
CA SER B 498 -14.85 19.44 -10.93
C SER B 498 -14.90 19.38 -12.45
N THR B 499 -14.50 18.26 -13.02
CA THR B 499 -14.64 18.01 -14.45
C THR B 499 -15.97 17.36 -14.79
N GLU B 500 -16.82 17.08 -13.79
CA GLU B 500 -18.06 16.35 -14.04
C GLU B 500 -19.02 17.20 -14.85
N LYS B 501 -19.52 16.64 -15.94
CA LYS B 501 -20.40 17.35 -16.86
C LYS B 501 -21.66 16.53 -17.09
N VAL B 502 -22.67 17.18 -17.64
CA VAL B 502 -23.98 16.58 -17.88
C VAL B 502 -24.15 16.41 -19.39
N LYS B 503 -24.61 15.23 -19.81
CA LYS B 503 -25.01 15.07 -21.19
C LYS B 503 -26.37 15.71 -21.41
N LEU B 504 -26.48 16.53 -22.44
CA LEU B 504 -27.73 17.21 -22.77
C LEU B 504 -28.43 16.48 -23.91
N ASN B 505 -29.75 16.40 -23.81
CA ASN B 505 -30.56 15.74 -24.82
C ASN B 505 -31.67 16.62 -25.37
N PHE B 506 -32.03 17.70 -24.70
CA PHE B 506 -33.03 18.64 -25.20
C PHE B 506 -34.37 17.94 -25.48
N ASN B 507 -34.70 16.99 -24.62
CA ASN B 507 -35.94 16.21 -24.74
C ASN B 507 -36.03 15.52 -26.10
N ARG B 508 -34.91 14.95 -26.53
CA ARG B 508 -34.88 14.15 -27.76
C ARG B 508 -33.73 13.16 -27.64
N SER B 509 -34.05 11.87 -27.64
CA SER B 509 -33.03 10.84 -27.51
C SER B 509 -32.05 10.89 -28.68
N THR B 510 -32.56 11.12 -29.90
CA THR B 510 -31.76 11.09 -31.11
C THR B 510 -30.96 12.36 -31.35
N LEU B 511 -30.69 13.15 -30.31
CA LEU B 511 -30.12 14.47 -30.54
C LEU B 511 -28.74 14.37 -31.17
N LEU B 512 -28.54 15.11 -32.26
CA LEU B 512 -27.29 15.08 -33.03
C LEU B 512 -26.86 13.67 -33.37
N ASN B 513 -27.81 12.75 -33.44
CA ASN B 513 -27.49 11.40 -33.87
C ASN B 513 -27.02 11.37 -35.32
N GLY B 514 -27.30 12.43 -36.07
CA GLY B 514 -26.86 12.53 -37.45
C GLY B 514 -27.17 13.87 -38.09
N TRP B 515 -26.16 14.43 -38.78
CA TRP B 515 -26.32 15.70 -39.48
C TRP B 515 -26.91 15.49 -40.85
N ASP B 516 -26.32 14.55 -41.58
CA ASP B 516 -26.47 14.45 -43.02
C ASP B 516 -27.90 14.04 -43.36
N ARG B 517 -28.26 14.28 -44.62
CA ARG B 517 -29.66 14.31 -45.04
C ARG B 517 -30.39 15.39 -44.24
N ASN B 518 -31.40 15.99 -44.86
CA ASN B 518 -32.24 16.98 -44.21
C ASN B 518 -33.34 16.27 -43.42
N LYS B 519 -33.04 15.07 -42.92
CA LYS B 519 -33.78 14.50 -41.79
C LYS B 519 -33.34 15.11 -40.47
N GLU B 520 -33.06 16.41 -40.53
CA GLU B 520 -32.75 17.22 -39.37
C GLU B 520 -33.93 17.27 -38.41
N THR B 521 -35.16 17.09 -38.92
CA THR B 521 -36.33 17.09 -38.06
C THR B 521 -36.27 15.99 -37.01
N ASP B 522 -35.53 14.92 -37.26
CA ASP B 522 -35.35 13.87 -36.27
C ASP B 522 -34.32 14.28 -35.22
N ASN B 523 -33.15 14.70 -35.67
CA ASN B 523 -32.00 14.94 -34.81
C ASN B 523 -31.88 16.39 -34.35
N LEU B 524 -32.68 17.29 -34.91
CA LEU B 524 -32.86 18.65 -34.42
C LEU B 524 -31.63 19.54 -34.57
N GLY B 525 -30.53 19.04 -35.12
CA GLY B 525 -29.27 19.75 -35.13
C GLY B 525 -28.88 20.18 -36.54
N VAL B 526 -28.57 21.47 -36.69
CA VAL B 526 -28.08 22.02 -37.94
C VAL B 526 -26.83 22.85 -37.66
N LEU B 527 -25.98 22.97 -38.68
CA LEU B 527 -24.75 23.76 -38.61
C LEU B 527 -24.88 24.98 -39.50
N LEU B 528 -24.58 26.16 -38.94
CA LEU B 528 -24.61 27.42 -39.66
C LEU B 528 -23.25 28.09 -39.61
N LEU B 529 -22.92 28.81 -40.69
CA LEU B 529 -21.67 29.57 -40.78
C LEU B 529 -21.99 31.01 -41.15
N LYS B 530 -21.27 31.96 -40.51
CA LYS B 530 -21.47 33.39 -40.76
C LYS B 530 -20.21 34.14 -40.34
N ASP B 531 -19.75 35.04 -41.20
CA ASP B 531 -18.66 35.97 -40.88
C ASP B 531 -17.44 35.24 -40.31
N GLY B 532 -17.10 34.10 -40.89
CA GLY B 532 -15.96 33.35 -40.44
C GLY B 532 -16.15 32.61 -39.13
N LYS B 533 -17.29 32.78 -38.47
CA LYS B 533 -17.61 32.06 -37.25
C LYS B 533 -18.39 30.78 -37.59
N TYR B 534 -18.56 29.91 -36.60
CA TYR B 534 -19.26 28.65 -36.76
C TYR B 534 -20.35 28.53 -35.70
N TYR B 535 -21.48 27.93 -36.06
CA TYR B 535 -22.61 27.87 -35.16
C TYR B 535 -23.28 26.50 -35.21
N LEU B 536 -23.89 26.15 -34.09
CA LEU B 536 -24.76 24.99 -33.96
C LEU B 536 -26.15 25.47 -33.59
N GLY B 537 -27.15 24.95 -34.29
CA GLY B 537 -28.56 25.19 -33.94
C GLY B 537 -29.19 23.89 -33.47
N ILE B 538 -30.06 24.00 -32.47
CA ILE B 538 -30.84 22.88 -31.98
C ILE B 538 -32.29 23.33 -31.88
N MET B 539 -33.16 22.74 -32.68
CA MET B 539 -34.55 23.15 -32.75
C MET B 539 -35.34 22.66 -31.53
N ASN B 540 -36.30 23.47 -31.12
CA ASN B 540 -37.23 23.04 -30.09
C ASN B 540 -38.07 21.88 -30.61
N THR B 541 -38.31 20.88 -29.75
CA THR B 541 -39.07 19.72 -30.19
C THR B 541 -40.47 20.09 -30.65
N SER B 542 -41.02 21.23 -30.17
CA SER B 542 -42.26 21.75 -30.69
C SER B 542 -42.09 22.42 -32.06
N ALA B 543 -40.85 22.65 -32.50
CA ALA B 543 -40.58 23.49 -33.66
C ALA B 543 -39.49 22.86 -34.53
N ASN B 544 -39.62 21.56 -34.80
CA ASN B 544 -38.58 20.82 -35.50
C ASN B 544 -38.79 20.79 -37.02
N LYS B 545 -39.41 21.82 -37.59
CA LYS B 545 -39.54 21.92 -39.05
C LYS B 545 -39.03 23.26 -39.57
N ALA B 546 -38.29 24.01 -38.77
CA ALA B 546 -37.92 25.37 -39.14
C ALA B 546 -37.01 25.43 -40.37
N PHE B 547 -36.40 24.31 -40.75
CA PHE B 547 -35.37 24.32 -41.78
C PHE B 547 -35.68 23.36 -42.92
N VAL B 548 -36.97 23.18 -43.22
CA VAL B 548 -37.38 22.34 -44.33
C VAL B 548 -37.51 23.22 -45.57
N ASN B 549 -38.41 24.20 -45.53
CA ASN B 549 -38.55 25.20 -46.59
C ASN B 549 -38.38 26.58 -45.98
N PRO B 550 -37.19 26.95 -45.53
CA PRO B 550 -36.96 28.25 -44.94
C PRO B 550 -37.10 29.33 -46.00
N PRO B 551 -37.50 30.54 -45.64
CA PRO B 551 -37.70 31.61 -46.63
C PRO B 551 -36.42 31.87 -47.42
N VAL B 552 -36.62 32.40 -48.64
CA VAL B 552 -35.51 32.58 -49.57
C VAL B 552 -34.65 33.76 -49.14
N ALA B 553 -33.37 33.71 -49.49
CA ALA B 553 -32.40 34.72 -49.12
C ALA B 553 -32.76 36.04 -49.81
N LYS B 554 -33.12 37.05 -49.01
CA LYS B 554 -33.47 38.35 -49.55
C LYS B 554 -32.43 39.43 -49.31
N THR B 555 -31.49 39.22 -48.39
CA THR B 555 -30.62 40.28 -47.93
C THR B 555 -29.15 39.88 -48.07
N GLU B 556 -28.28 40.81 -47.69
CA GLU B 556 -26.84 40.55 -47.62
C GLU B 556 -26.45 39.89 -46.29
N LYS B 557 -27.29 40.02 -45.26
CA LYS B 557 -26.98 39.44 -43.93
C LYS B 557 -27.59 38.06 -43.84
N VAL B 558 -26.85 37.04 -44.28
CA VAL B 558 -27.33 35.68 -44.30
C VAL B 558 -26.32 34.76 -43.60
N PHE B 559 -26.84 33.77 -42.89
CA PHE B 559 -26.07 32.58 -42.55
C PHE B 559 -25.92 31.68 -43.78
N LYS B 560 -25.04 30.69 -43.68
CA LYS B 560 -24.97 29.60 -44.65
C LYS B 560 -25.22 28.29 -43.92
N LYS B 561 -26.40 27.71 -44.11
CA LYS B 561 -26.71 26.42 -43.49
C LYS B 561 -25.98 25.31 -44.22
N VAL B 562 -25.42 24.38 -43.46
CA VAL B 562 -24.81 23.19 -44.04
C VAL B 562 -25.92 22.22 -44.38
N ASP B 563 -26.02 21.83 -45.65
CA ASP B 563 -26.90 20.76 -46.10
C ASP B 563 -26.01 19.55 -46.32
N TYR B 564 -26.07 18.60 -45.39
CA TYR B 564 -25.17 17.46 -45.38
C TYR B 564 -25.86 16.27 -46.03
N LYS B 565 -25.21 15.70 -47.05
CA LYS B 565 -25.71 14.54 -47.77
C LYS B 565 -24.72 13.40 -47.61
N LEU B 566 -25.22 12.22 -47.27
CA LEU B 566 -24.35 11.06 -47.10
C LEU B 566 -25.05 9.81 -47.61
N LEU B 567 -24.28 8.97 -48.28
CA LEU B 567 -24.71 7.61 -48.64
C LEU B 567 -23.83 6.64 -47.86
N PRO B 568 -24.34 6.05 -46.78
CA PRO B 568 -23.46 5.27 -45.90
C PRO B 568 -23.16 3.87 -46.39
N VAL B 569 -21.95 3.41 -46.08
CA VAL B 569 -21.49 2.05 -46.30
C VAL B 569 -22.12 1.44 -47.53
N PRO B 570 -21.69 1.82 -48.74
CA PRO B 570 -22.30 1.26 -49.94
C PRO B 570 -22.26 -0.26 -50.00
N ASN B 571 -21.20 -0.89 -49.47
CA ASN B 571 -21.09 -2.34 -49.55
C ASN B 571 -22.26 -3.06 -48.88
N GLN B 572 -23.01 -2.37 -48.02
CA GLN B 572 -24.24 -2.90 -47.45
C GLN B 572 -25.49 -2.22 -47.99
N MET B 573 -25.46 -0.90 -48.14
CA MET B 573 -26.69 -0.16 -48.45
C MET B 573 -27.18 -0.45 -49.87
N LEU B 574 -26.27 -0.51 -50.84
CA LEU B 574 -26.71 -0.73 -52.22
C LEU B 574 -27.39 -2.08 -52.38
N PRO B 575 -26.85 -3.18 -51.87
CA PRO B 575 -27.64 -4.43 -51.85
C PRO B 575 -28.94 -4.30 -51.08
N LYS B 576 -28.92 -3.69 -49.89
CA LYS B 576 -30.11 -3.66 -49.05
C LYS B 576 -31.23 -2.85 -49.67
N VAL B 577 -30.91 -1.77 -50.39
CA VAL B 577 -31.94 -0.91 -50.95
C VAL B 577 -32.45 -1.43 -52.29
N PHE B 578 -31.56 -1.91 -53.16
CA PHE B 578 -31.96 -2.28 -54.50
C PHE B 578 -32.60 -3.67 -54.56
N PHE B 579 -32.24 -4.56 -53.63
CA PHE B 579 -32.77 -5.92 -53.62
C PHE B 579 -33.82 -6.13 -52.52
N ALA B 580 -34.40 -5.05 -52.00
CA ALA B 580 -35.47 -5.18 -51.03
C ALA B 580 -36.75 -5.67 -51.71
N LYS B 581 -37.44 -6.60 -51.04
CA LYS B 581 -38.67 -7.16 -51.58
C LYS B 581 -39.66 -6.08 -51.99
N SER B 582 -39.64 -4.93 -51.31
CA SER B 582 -40.56 -3.84 -51.57
C SER B 582 -40.06 -2.87 -52.65
N ASN B 583 -38.76 -2.87 -52.94
CA ASN B 583 -38.19 -1.98 -53.95
C ASN B 583 -37.82 -2.68 -55.24
N ILE B 584 -37.62 -4.00 -55.22
CA ILE B 584 -36.90 -4.68 -56.28
C ILE B 584 -37.63 -4.53 -57.62
N ASP B 585 -38.95 -4.35 -57.60
CA ASP B 585 -39.66 -4.12 -58.85
C ASP B 585 -39.47 -2.72 -59.39
N PHE B 586 -39.03 -1.77 -58.57
CA PHE B 586 -38.73 -0.44 -59.09
C PHE B 586 -37.36 -0.40 -59.76
N TYR B 587 -36.37 -1.07 -59.17
CA TYR B 587 -35.03 -1.11 -59.76
C TYR B 587 -34.88 -2.24 -60.76
N ASN B 588 -35.66 -3.30 -60.60
CA ASN B 588 -35.83 -4.35 -61.60
C ASN B 588 -34.52 -4.96 -62.07
N PRO B 589 -33.85 -5.72 -61.20
CA PRO B 589 -32.73 -6.54 -61.65
C PRO B 589 -33.21 -7.74 -62.44
N SER B 590 -32.36 -8.22 -63.34
CA SER B 590 -32.59 -9.51 -63.98
C SER B 590 -32.47 -10.60 -62.91
N SER B 591 -33.24 -11.68 -63.10
CA SER B 591 -33.13 -12.80 -62.18
C SER B 591 -31.71 -13.35 -62.16
N GLU B 592 -30.99 -13.21 -63.28
CA GLU B 592 -29.58 -13.55 -63.35
C GLU B 592 -28.79 -12.76 -62.32
N ILE B 593 -28.76 -11.44 -62.51
CA ILE B 593 -27.99 -10.55 -61.63
C ILE B 593 -28.36 -10.79 -60.18
N TYR B 594 -29.67 -10.90 -59.89
CA TYR B 594 -30.11 -11.17 -58.54
C TYR B 594 -29.57 -12.52 -58.05
N SER B 595 -29.88 -13.59 -58.78
CA SER B 595 -29.45 -14.92 -58.36
C SER B 595 -27.94 -14.98 -58.23
N ASN B 596 -27.22 -14.49 -59.24
CA ASN B 596 -25.77 -14.45 -59.17
C ASN B 596 -25.28 -13.49 -58.09
N TYR B 597 -26.10 -12.51 -57.69
CA TYR B 597 -25.71 -11.71 -56.54
C TYR B 597 -25.80 -12.54 -55.26
N LYS B 598 -26.93 -13.21 -55.04
CA LYS B 598 -27.11 -13.97 -53.81
C LYS B 598 -26.26 -15.23 -53.79
N LYS B 599 -25.80 -15.69 -54.96
CA LYS B 599 -24.79 -16.74 -54.98
C LYS B 599 -23.42 -16.20 -54.62
N GLY B 600 -23.24 -14.88 -54.66
CA GLY B 600 -21.99 -14.26 -54.24
C GLY B 600 -20.96 -14.10 -55.32
N THR B 601 -21.33 -14.25 -56.59
CA THR B 601 -20.36 -14.35 -57.67
C THR B 601 -19.46 -13.13 -57.81
N HIS B 602 -19.84 -12.00 -57.21
CA HIS B 602 -19.03 -10.78 -57.27
C HIS B 602 -17.88 -10.79 -56.29
N LYS B 603 -17.98 -11.58 -55.23
CA LYS B 603 -16.88 -11.76 -54.30
C LYS B 603 -15.74 -12.51 -55.01
N LYS B 604 -14.75 -12.94 -54.25
CA LYS B 604 -13.62 -13.69 -54.77
C LYS B 604 -13.64 -15.10 -54.18
N GLY B 605 -13.42 -16.09 -55.03
CA GLY B 605 -13.45 -17.47 -54.62
C GLY B 605 -13.34 -18.36 -55.85
N ASN B 606 -13.71 -19.62 -55.69
CA ASN B 606 -13.61 -20.54 -56.81
C ASN B 606 -14.70 -20.24 -57.84
N MET B 607 -15.94 -20.62 -57.56
CA MET B 607 -17.05 -20.40 -58.49
C MET B 607 -17.54 -18.96 -58.35
N PHE B 608 -16.70 -18.04 -58.83
CA PHE B 608 -16.90 -16.60 -58.72
C PHE B 608 -16.36 -15.95 -60.00
N SER B 609 -17.03 -14.88 -60.43
CA SER B 609 -16.90 -14.40 -61.81
C SER B 609 -16.59 -12.93 -61.91
N LEU B 610 -15.81 -12.57 -62.94
CA LEU B 610 -15.55 -11.17 -63.26
C LEU B 610 -16.73 -10.54 -63.99
N GLU B 611 -17.29 -11.24 -64.99
CA GLU B 611 -18.33 -10.63 -65.80
C GLU B 611 -19.56 -10.29 -64.97
N ASP B 612 -19.99 -11.20 -64.10
CA ASP B 612 -21.13 -10.91 -63.24
C ASP B 612 -20.81 -9.76 -62.28
N CYS B 613 -19.63 -9.79 -61.67
CA CYS B 613 -19.16 -8.66 -60.88
C CYS B 613 -19.33 -7.35 -61.63
N HIS B 614 -19.07 -7.36 -62.95
CA HIS B 614 -19.18 -6.14 -63.74
C HIS B 614 -20.64 -5.81 -64.06
N ASN B 615 -21.46 -6.81 -64.33
CA ASN B 615 -22.87 -6.54 -64.58
C ASN B 615 -23.60 -6.13 -63.30
N LEU B 616 -23.16 -6.64 -62.15
CA LEU B 616 -23.70 -6.12 -60.89
C LEU B 616 -23.40 -4.64 -60.75
N ILE B 617 -22.14 -4.26 -60.99
CA ILE B 617 -21.74 -2.86 -60.94
C ILE B 617 -22.56 -2.04 -61.92
N ASP B 618 -22.86 -2.60 -63.10
CA ASP B 618 -23.70 -1.90 -64.06
C ASP B 618 -25.10 -1.70 -63.52
N PHE B 619 -25.67 -2.74 -62.91
CA PHE B 619 -27.01 -2.62 -62.34
C PHE B 619 -27.01 -1.62 -61.18
N PHE B 620 -25.92 -1.57 -60.41
CA PHE B 620 -25.83 -0.59 -59.33
C PHE B 620 -25.77 0.83 -59.90
N LYS B 621 -24.88 1.08 -60.86
CA LYS B 621 -24.76 2.41 -61.44
C LYS B 621 -26.12 2.91 -61.92
N GLU B 622 -26.86 2.06 -62.63
CA GLU B 622 -28.14 2.48 -63.19
C GLU B 622 -29.20 2.65 -62.12
N SER B 623 -29.17 1.81 -61.09
CA SER B 623 -30.12 1.97 -59.99
C SER B 623 -29.84 3.24 -59.20
N ILE B 624 -28.57 3.59 -59.05
CA ILE B 624 -28.21 4.87 -58.44
C ILE B 624 -28.92 6.00 -59.17
N SER B 625 -28.87 5.98 -60.50
CA SER B 625 -29.52 7.02 -61.29
C SER B 625 -31.03 7.04 -61.12
N LYS B 626 -31.63 5.89 -60.77
CA LYS B 626 -33.06 5.83 -60.55
C LYS B 626 -33.46 6.24 -59.14
N HIS B 627 -32.51 6.26 -58.21
CA HIS B 627 -32.83 6.56 -56.82
C HIS B 627 -33.18 8.04 -56.67
N GLU B 628 -34.20 8.30 -55.85
CA GLU B 628 -34.65 9.67 -55.62
C GLU B 628 -33.49 10.57 -55.20
N ASP B 629 -32.83 10.23 -54.10
CA ASP B 629 -31.77 11.06 -53.57
C ASP B 629 -30.42 10.77 -54.20
N TRP B 630 -30.04 9.50 -54.27
CA TRP B 630 -28.66 9.14 -54.62
C TRP B 630 -28.28 9.52 -56.04
N SER B 631 -29.25 9.81 -56.89
CA SER B 631 -28.94 10.37 -58.20
C SER B 631 -28.30 11.75 -58.06
N LYS B 632 -28.62 12.46 -56.99
CA LYS B 632 -28.16 13.83 -56.80
C LYS B 632 -26.68 13.92 -56.41
N PHE B 633 -26.03 12.81 -56.06
CA PHE B 633 -24.61 12.86 -55.74
C PHE B 633 -23.73 13.02 -56.97
N GLY B 634 -24.30 12.93 -58.18
CA GLY B 634 -23.55 13.18 -59.39
C GLY B 634 -22.31 12.32 -59.54
N PHE B 635 -22.43 11.03 -59.28
CA PHE B 635 -21.27 10.15 -59.27
C PHE B 635 -20.57 10.13 -60.62
N LYS B 636 -19.23 10.21 -60.58
CA LYS B 636 -18.39 10.06 -61.76
C LYS B 636 -17.53 8.80 -61.57
N PHE B 637 -17.76 7.80 -62.41
CA PHE B 637 -17.21 6.48 -62.20
C PHE B 637 -16.16 6.11 -63.23
N SER B 638 -15.20 5.31 -62.78
CA SER B 638 -14.32 4.61 -63.71
C SER B 638 -15.14 3.74 -64.65
N ASP B 639 -14.51 3.34 -65.74
CA ASP B 639 -15.12 2.35 -66.62
C ASP B 639 -15.37 1.07 -65.84
N THR B 640 -16.55 0.48 -66.05
CA THR B 640 -16.89 -0.75 -65.33
C THR B 640 -15.84 -1.83 -65.56
N ALA B 641 -15.28 -1.87 -66.77
CA ALA B 641 -14.27 -2.88 -67.10
C ALA B 641 -13.02 -2.75 -66.24
N SER B 642 -12.76 -1.57 -65.69
CA SER B 642 -11.50 -1.32 -65.00
C SER B 642 -11.45 -2.02 -63.65
N TYR B 643 -12.59 -2.22 -63.00
CA TYR B 643 -12.61 -2.73 -61.64
C TYR B 643 -12.17 -4.18 -61.60
N ASN B 644 -11.18 -4.50 -60.74
CA ASN B 644 -10.84 -5.89 -60.50
C ASN B 644 -11.99 -6.61 -59.80
N ASP B 645 -12.57 -5.98 -58.79
CA ASP B 645 -13.63 -6.60 -57.99
C ASP B 645 -14.56 -5.52 -57.46
N ILE B 646 -15.57 -5.96 -56.71
CA ILE B 646 -16.69 -5.10 -56.37
C ILE B 646 -16.30 -4.01 -55.39
N SER B 647 -15.26 -4.24 -54.58
CA SER B 647 -14.89 -3.25 -53.58
C SER B 647 -14.38 -1.96 -54.21
N GLU B 648 -13.59 -2.06 -55.28
CA GLU B 648 -13.07 -0.86 -55.93
C GLU B 648 -14.22 0.08 -56.33
N PHE B 649 -15.35 -0.49 -56.74
CA PHE B 649 -16.53 0.32 -57.05
C PHE B 649 -17.17 0.89 -55.78
N TYR B 650 -17.29 0.05 -54.75
CA TYR B 650 -17.89 0.53 -53.50
C TYR B 650 -17.09 1.70 -52.93
N ARG B 651 -15.76 1.64 -53.01
CA ARG B 651 -14.96 2.78 -52.57
C ARG B 651 -15.30 4.02 -53.37
N GLU B 652 -15.46 3.88 -54.69
CA GLU B 652 -15.83 5.02 -55.51
C GLU B 652 -17.18 5.58 -55.08
N VAL B 653 -18.09 4.73 -54.60
CA VAL B 653 -19.37 5.19 -54.10
C VAL B 653 -19.23 5.79 -52.70
N GLU B 654 -18.35 5.22 -51.88
CA GLU B 654 -18.15 5.74 -50.53
C GLU B 654 -17.48 7.12 -50.58
N LYS B 655 -16.41 7.24 -51.36
CA LYS B 655 -15.73 8.53 -51.48
C LYS B 655 -16.71 9.63 -51.91
N GLN B 656 -17.46 9.38 -52.99
CA GLN B 656 -18.27 10.42 -53.61
C GLN B 656 -19.67 10.53 -53.02
N GLY B 657 -20.06 9.64 -52.12
CA GLY B 657 -21.35 9.68 -51.48
C GLY B 657 -21.46 10.58 -50.27
N TYR B 658 -20.46 11.43 -50.02
CA TYR B 658 -20.48 12.43 -48.95
C TYR B 658 -20.37 13.80 -49.61
N LYS B 659 -21.31 14.69 -49.29
CA LYS B 659 -21.43 15.95 -50.01
C LYS B 659 -21.98 17.02 -49.08
N LEU B 660 -21.23 18.10 -48.91
CA LEU B 660 -21.67 19.27 -48.14
C LEU B 660 -21.94 20.43 -49.11
N THR B 661 -23.10 21.07 -48.93
CA THR B 661 -23.53 22.21 -49.72
C THR B 661 -24.10 23.25 -48.76
N TYR B 662 -24.44 24.43 -49.27
CA TYR B 662 -24.84 25.54 -48.40
C TYR B 662 -26.10 26.23 -48.89
N THR B 663 -26.98 26.54 -47.95
CA THR B 663 -28.19 27.32 -48.20
C THR B 663 -28.09 28.65 -47.45
N ASP B 664 -28.31 29.75 -48.15
CA ASP B 664 -28.28 31.07 -47.53
C ASP B 664 -29.58 31.35 -46.80
N ILE B 665 -29.48 31.73 -45.53
CA ILE B 665 -30.66 31.98 -44.69
C ILE B 665 -30.46 33.30 -43.98
N ASP B 666 -31.47 34.16 -44.05
CA ASP B 666 -31.39 35.52 -43.53
C ASP B 666 -31.21 35.53 -42.02
N GLU B 667 -30.40 36.48 -41.54
CA GLU B 667 -30.14 36.62 -40.11
C GLU B 667 -31.41 36.89 -39.33
N THR B 668 -32.41 37.51 -39.95
CA THR B 668 -33.64 37.83 -39.24
C THR B 668 -34.47 36.57 -38.99
N TYR B 669 -34.44 35.60 -39.91
CA TYR B 669 -35.17 34.36 -39.70
C TYR B 669 -34.60 33.59 -38.51
N ILE B 670 -33.27 33.47 -38.45
CA ILE B 670 -32.61 32.79 -37.33
C ILE B 670 -32.95 33.52 -36.03
N ASN B 671 -32.72 34.83 -36.00
CA ASN B 671 -33.03 35.60 -34.80
C ASN B 671 -34.49 35.42 -34.39
N ASP B 672 -35.40 35.37 -35.37
CA ASP B 672 -36.80 35.15 -35.07
C ASP B 672 -37.00 33.84 -34.32
N LEU B 673 -36.44 32.75 -34.84
CA LEU B 673 -36.58 31.46 -34.18
C LEU B 673 -36.03 31.50 -32.77
N ILE B 674 -34.95 32.25 -32.55
CA ILE B 674 -34.38 32.37 -31.21
C ILE B 674 -35.35 33.12 -30.31
N GLU B 675 -35.94 34.20 -30.82
CA GLU B 675 -36.82 35.03 -30.02
C GLU B 675 -38.11 34.29 -29.68
N ARG B 676 -38.61 33.47 -30.62
CA ARG B 676 -39.83 32.70 -30.39
C ARG B 676 -39.63 31.49 -29.48
N ASN B 677 -38.42 31.24 -28.97
CA ASN B 677 -38.13 30.01 -28.22
C ASN B 677 -38.40 28.78 -29.09
N GLU B 678 -38.03 28.87 -30.37
CA GLU B 678 -38.16 27.78 -31.30
C GLU B 678 -36.81 27.29 -31.81
N LEU B 679 -35.72 27.97 -31.48
CA LEU B 679 -34.38 27.55 -31.83
C LEU B 679 -33.43 27.87 -30.68
N TYR B 680 -32.52 26.93 -30.39
CA TYR B 680 -31.38 27.17 -29.52
C TYR B 680 -30.14 27.29 -30.42
N LEU B 681 -29.50 28.46 -30.41
CA LEU B 681 -28.33 28.72 -31.25
C LEU B 681 -27.11 28.94 -30.37
N PHE B 682 -25.98 28.36 -30.78
CA PHE B 682 -24.71 28.52 -30.09
C PHE B 682 -23.62 28.84 -31.10
N GLN B 683 -22.58 29.55 -30.65
CA GLN B 683 -21.37 29.68 -31.44
C GLN B 683 -20.41 28.57 -31.06
N ILE B 684 -19.82 27.91 -32.05
CA ILE B 684 -18.80 26.90 -31.82
C ILE B 684 -17.48 27.63 -31.58
N TYR B 685 -16.90 27.42 -30.41
CA TYR B 685 -15.82 28.28 -29.98
C TYR B 685 -14.68 27.55 -29.28
N ASN B 686 -13.46 28.00 -29.57
CA ASN B 686 -12.26 27.72 -28.79
C ASN B 686 -11.35 28.91 -28.98
N LYS B 687 -10.23 28.93 -28.24
CA LYS B 687 -9.44 30.16 -28.19
C LYS B 687 -8.89 30.56 -29.56
N ASP B 688 -8.70 29.61 -30.48
CA ASP B 688 -8.20 29.96 -31.79
C ASP B 688 -9.17 30.82 -32.59
N PHE B 689 -10.43 30.90 -32.17
CA PHE B 689 -11.42 31.75 -32.81
C PHE B 689 -11.53 33.13 -32.17
N SER B 690 -10.77 33.41 -31.11
CA SER B 690 -10.74 34.77 -30.59
C SER B 690 -10.06 35.68 -31.61
N MET B 691 -10.57 36.90 -31.72
CA MET B 691 -9.91 37.89 -32.57
C MET B 691 -8.53 38.26 -32.03
N TYR B 692 -8.20 37.86 -30.79
CA TYR B 692 -6.92 38.16 -30.18
C TYR B 692 -5.90 37.04 -30.35
N SER B 693 -6.21 36.01 -31.14
CA SER B 693 -5.32 34.87 -31.27
C SER B 693 -4.28 35.12 -32.34
N LYS B 694 -3.00 34.77 -32.14
CA LYS B 694 -2.02 35.04 -33.23
C LYS B 694 -0.96 33.94 -33.34
N GLY B 695 -0.56 33.54 -34.53
CA GLY B 695 0.55 32.59 -34.63
C GLY B 695 0.18 31.26 -35.25
N LYS B 696 -0.07 30.24 -34.44
CA LYS B 696 -0.34 28.88 -34.96
C LYS B 696 -1.60 28.33 -34.29
N LEU B 697 -2.34 27.48 -35.00
CA LEU B 697 -3.58 26.86 -34.58
C LEU B 697 -3.32 25.57 -33.80
N ASN B 698 -4.35 25.13 -33.07
CA ASN B 698 -4.38 23.79 -32.52
C ASN B 698 -4.81 22.82 -33.64
N LEU B 699 -4.26 21.61 -33.62
CA LEU B 699 -4.60 20.67 -34.68
C LEU B 699 -6.09 20.44 -34.78
N HIS B 700 -6.76 20.26 -33.64
CA HIS B 700 -8.18 19.93 -33.68
C HIS B 700 -9.01 21.07 -34.24
N THR B 701 -8.55 22.32 -34.12
CA THR B 701 -9.29 23.41 -34.73
C THR B 701 -9.05 23.45 -36.24
N LEU B 702 -7.86 23.06 -36.67
CA LEU B 702 -7.57 22.91 -38.10
C LEU B 702 -8.41 21.79 -38.71
N TYR B 703 -8.32 20.58 -38.14
CA TYR B 703 -9.15 19.48 -38.60
C TYR B 703 -10.60 19.93 -38.76
N PHE B 704 -11.10 20.63 -37.75
CA PHE B 704 -12.50 21.08 -37.74
C PHE B 704 -12.78 22.01 -38.92
N MET B 705 -11.94 23.04 -39.10
CA MET B 705 -12.10 23.95 -40.22
C MET B 705 -12.13 23.19 -41.54
N MET B 706 -11.20 22.25 -41.71
CA MET B 706 -11.11 21.51 -42.95
C MET B 706 -12.37 20.71 -43.26
N LEU B 707 -13.26 20.53 -42.28
CA LEU B 707 -14.55 19.92 -42.58
C LEU B 707 -15.29 20.72 -43.65
N PHE B 708 -15.25 22.05 -43.52
CA PHE B 708 -16.05 22.96 -44.32
C PHE B 708 -15.24 23.65 -45.39
N ASP B 709 -13.93 23.45 -45.40
CA ASP B 709 -13.08 24.01 -46.45
C ASP B 709 -13.55 23.52 -47.81
N GLN B 710 -13.49 24.40 -48.80
CA GLN B 710 -13.92 24.03 -50.14
C GLN B 710 -13.03 22.95 -50.73
N ARG B 711 -11.80 22.79 -50.23
CA ARG B 711 -10.93 21.69 -50.64
C ARG B 711 -11.36 20.34 -50.05
N ASN B 712 -12.58 20.26 -49.50
CA ASN B 712 -13.26 18.99 -49.29
C ASN B 712 -13.79 18.39 -50.59
N ILE B 713 -13.80 19.15 -51.68
CA ILE B 713 -14.28 18.62 -52.94
C ILE B 713 -13.41 17.45 -53.39
N ASP B 714 -12.08 17.64 -53.40
CA ASP B 714 -11.18 16.51 -53.64
C ASP B 714 -11.21 15.52 -52.47
N ASP B 715 -11.59 15.99 -51.28
CA ASP B 715 -11.94 15.15 -50.13
C ASP B 715 -10.79 14.25 -49.68
N VAL B 716 -9.54 14.66 -49.88
CA VAL B 716 -8.42 14.11 -49.11
C VAL B 716 -8.54 14.71 -47.71
N VAL B 717 -9.76 14.70 -47.18
CA VAL B 717 -10.25 15.70 -46.23
C VAL B 717 -10.95 14.90 -45.14
N TYR B 718 -11.72 15.59 -44.32
CA TYR B 718 -12.31 15.05 -43.11
C TYR B 718 -13.81 14.94 -43.33
N LYS B 719 -14.39 13.82 -42.90
CA LYS B 719 -15.83 13.63 -42.96
C LYS B 719 -16.43 13.92 -41.59
N LEU B 720 -17.59 14.56 -41.59
CA LEU B 720 -18.32 14.85 -40.37
C LEU B 720 -19.26 13.68 -40.10
N ASN B 721 -18.93 12.87 -39.10
CA ASN B 721 -19.77 11.75 -38.72
C ASN B 721 -20.95 12.25 -37.89
N GLY B 722 -21.93 11.37 -37.72
CA GLY B 722 -22.99 11.58 -36.75
C GLY B 722 -22.53 11.08 -35.38
N GLU B 723 -23.52 10.80 -34.52
CA GLU B 723 -23.26 10.37 -33.15
C GLU B 723 -22.54 11.46 -32.34
N ALA B 724 -22.97 12.71 -32.52
CA ALA B 724 -22.39 13.85 -31.81
C ALA B 724 -23.12 14.09 -30.49
N GLU B 725 -22.40 14.67 -29.53
CA GLU B 725 -22.89 14.84 -28.18
C GLU B 725 -22.71 16.28 -27.70
N VAL B 726 -23.59 16.71 -26.79
CA VAL B 726 -23.54 18.03 -26.20
C VAL B 726 -23.56 17.88 -24.68
N PHE B 727 -22.74 18.68 -24.00
CA PHE B 727 -22.57 18.56 -22.57
C PHE B 727 -22.66 19.92 -21.91
N TYR B 728 -22.93 19.90 -20.60
CA TYR B 728 -23.02 21.09 -19.77
C TYR B 728 -22.22 20.82 -18.50
N ARG B 729 -21.23 21.69 -18.23
CA ARG B 729 -20.45 21.60 -17.00
C ARG B 729 -20.73 22.82 -16.14
N PRO B 730 -21.36 22.68 -14.97
CA PRO B 730 -21.58 23.84 -14.11
C PRO B 730 -20.27 24.33 -13.50
N ALA B 731 -20.30 25.60 -13.07
CA ALA B 731 -19.16 26.15 -12.36
C ALA B 731 -18.90 25.33 -11.09
N SER B 732 -17.62 25.20 -10.75
CA SER B 732 -17.22 24.42 -9.59
C SER B 732 -16.16 25.12 -8.75
N ILE B 733 -15.70 26.30 -9.14
CA ILE B 733 -14.93 27.18 -8.27
C ILE B 733 -15.85 28.35 -7.92
N SER B 734 -16.11 28.54 -6.63
CA SER B 734 -16.97 29.62 -6.17
C SER B 734 -16.17 30.93 -6.10
N GLU B 735 -16.91 32.04 -6.05
CA GLU B 735 -16.28 33.35 -6.17
C GLU B 735 -15.41 33.70 -4.96
N ASP B 736 -15.58 33.03 -3.83
CA ASP B 736 -14.71 33.28 -2.69
C ASP B 736 -13.40 32.50 -2.77
N GLU B 737 -13.32 31.51 -3.65
CA GLU B 737 -12.15 30.65 -3.76
C GLU B 737 -11.31 30.95 -5.00
N LEU B 738 -11.73 31.91 -5.83
CA LEU B 738 -10.94 32.28 -6.99
C LEU B 738 -9.60 32.86 -6.57
N ILE B 739 -8.57 32.57 -7.36
CA ILE B 739 -7.25 33.18 -7.19
C ILE B 739 -7.02 34.05 -8.42
N ILE B 740 -6.90 35.35 -8.20
CA ILE B 740 -6.94 36.34 -9.26
C ILE B 740 -5.69 37.20 -9.19
N HIS B 741 -5.10 37.48 -10.36
CA HIS B 741 -4.01 38.43 -10.49
C HIS B 741 -4.62 39.73 -11.00
N LYS B 742 -4.88 40.65 -10.08
CA LYS B 742 -5.67 41.85 -10.36
C LYS B 742 -4.95 42.75 -11.37
N ALA B 743 -5.75 43.43 -12.19
CA ALA B 743 -5.21 44.19 -13.31
C ALA B 743 -4.21 45.24 -12.81
N GLY B 744 -3.06 45.31 -13.49
CA GLY B 744 -2.04 46.27 -13.18
C GLY B 744 -0.99 45.81 -12.18
N GLU B 745 -1.20 44.67 -11.52
CA GLU B 745 -0.22 44.17 -10.57
C GLU B 745 0.81 43.30 -11.28
N GLU B 746 2.06 43.37 -10.78
CA GLU B 746 3.14 42.62 -11.38
C GLU B 746 2.99 41.14 -11.07
N ILE B 747 3.09 40.31 -12.11
CA ILE B 747 3.08 38.85 -11.97
C ILE B 747 4.48 38.34 -12.29
N LYS B 748 5.04 37.55 -11.37
CA LYS B 748 6.37 37.01 -11.58
C LYS B 748 6.35 35.89 -12.61
N ASN B 749 7.45 35.75 -13.34
CA ASN B 749 7.60 34.73 -14.37
C ASN B 749 8.34 33.53 -13.80
N LYS B 750 7.81 32.35 -14.08
CA LYS B 750 8.24 31.11 -13.42
C LYS B 750 9.34 30.39 -14.17
N ASN B 751 9.51 30.65 -15.46
CA ASN B 751 10.57 30.02 -16.24
C ASN B 751 11.86 30.80 -16.02
N PRO B 752 12.81 30.26 -15.24
CA PRO B 752 14.05 31.02 -14.98
C PRO B 752 14.74 31.56 -16.22
N ASN B 753 14.55 30.93 -17.38
CA ASN B 753 15.17 31.47 -18.60
C ASN B 753 14.50 32.76 -19.04
N ARG B 754 13.21 32.92 -18.74
CA ARG B 754 12.57 34.22 -18.92
C ARG B 754 12.92 35.15 -17.76
N ALA B 755 12.95 34.61 -16.54
CA ALA B 755 13.19 35.44 -15.37
C ALA B 755 14.59 36.03 -15.35
N ARG B 756 15.54 35.38 -16.01
CA ARG B 756 16.91 35.91 -16.09
C ARG B 756 16.85 37.31 -16.69
N THR B 757 15.94 37.54 -17.64
CA THR B 757 15.75 38.86 -18.31
C THR B 757 14.46 39.54 -17.86
N LYS B 758 13.28 39.03 -18.21
CA LYS B 758 11.98 39.62 -17.82
C LYS B 758 11.55 38.97 -16.51
N GLU B 759 11.65 39.67 -15.37
CA GLU B 759 11.32 39.11 -14.04
C GLU B 759 9.82 38.97 -13.81
N THR B 760 8.99 39.90 -14.30
CA THR B 760 7.55 39.94 -14.11
C THR B 760 6.82 40.26 -15.42
N SER B 761 5.51 40.04 -15.41
CA SER B 761 4.62 40.51 -16.46
C SER B 761 3.47 41.27 -15.82
N THR B 762 2.95 42.26 -16.56
CA THR B 762 1.88 43.13 -16.08
C THR B 762 0.81 43.25 -17.15
N PHE B 763 -0.46 43.14 -16.73
CA PHE B 763 -1.58 43.10 -17.64
C PHE B 763 -2.63 44.12 -17.24
N SER B 764 -3.25 44.72 -18.26
CA SER B 764 -4.29 45.71 -18.06
C SER B 764 -5.64 45.04 -17.85
N TYR B 765 -5.64 43.84 -17.26
CA TYR B 765 -6.88 43.12 -16.98
C TYR B 765 -6.57 41.97 -16.03
N ASP B 766 -7.60 41.54 -15.31
CA ASP B 766 -7.44 40.46 -14.35
C ASP B 766 -7.14 39.15 -15.06
N ILE B 767 -6.37 38.28 -14.41
CA ILE B 767 -6.14 36.92 -14.86
C ILE B 767 -6.57 35.99 -13.72
N VAL B 768 -7.50 35.09 -14.01
CA VAL B 768 -8.18 34.29 -12.99
C VAL B 768 -7.69 32.84 -13.08
N LYS B 769 -7.32 32.28 -11.93
CA LYS B 769 -6.85 30.90 -11.90
C LYS B 769 -8.00 29.94 -12.22
N ASP B 770 -7.73 28.99 -13.12
CA ASP B 770 -8.71 27.97 -13.52
C ASP B 770 -10.07 28.61 -13.80
N LYS B 771 -10.01 29.66 -14.63
CA LYS B 771 -11.18 30.48 -14.94
C LYS B 771 -12.31 29.65 -15.53
N ARG B 772 -11.98 28.80 -16.51
CA ARG B 772 -13.01 28.03 -17.21
C ARG B 772 -13.94 27.28 -16.25
N TYR B 773 -13.44 26.89 -15.07
CA TYR B 773 -14.26 26.19 -14.10
C TYR B 773 -14.99 27.13 -13.16
N SER B 774 -14.77 28.44 -13.27
CA SER B 774 -15.51 29.41 -12.48
C SER B 774 -16.86 29.76 -13.09
N LYS B 775 -17.07 29.43 -14.37
CA LYS B 775 -18.33 29.70 -15.05
C LYS B 775 -18.79 28.44 -15.78
N ASP B 776 -20.11 28.36 -15.99
CA ASP B 776 -20.68 27.22 -16.69
C ASP B 776 -20.17 27.17 -18.13
N LYS B 777 -19.82 25.97 -18.59
CA LYS B 777 -19.42 25.76 -19.98
C LYS B 777 -20.30 24.68 -20.61
N PHE B 778 -20.92 25.03 -21.72
CA PHE B 778 -21.49 24.06 -22.65
C PHE B 778 -20.38 23.65 -23.62
N THR B 779 -20.33 22.37 -23.97
CA THR B 779 -19.36 21.95 -24.98
C THR B 779 -20.01 20.99 -25.97
N LEU B 780 -19.36 20.86 -27.12
CA LEU B 780 -19.83 20.05 -28.25
C LEU B 780 -18.72 19.08 -28.65
N HIS B 781 -19.04 17.80 -28.67
CA HIS B 781 -18.15 16.76 -29.16
C HIS B 781 -18.59 16.39 -30.58
N ILE B 782 -17.66 16.48 -31.53
CA ILE B 782 -17.96 16.20 -32.93
C ILE B 782 -17.03 15.09 -33.38
N PRO B 783 -17.55 13.91 -33.77
CA PRO B 783 -16.67 12.88 -34.30
C PRO B 783 -16.38 13.14 -35.76
N ILE B 784 -15.14 12.90 -36.16
CA ILE B 784 -14.76 13.03 -37.54
C ILE B 784 -13.97 11.80 -37.96
N THR B 785 -13.87 11.63 -39.27
CA THR B 785 -13.01 10.62 -39.87
C THR B 785 -12.05 11.37 -40.80
N MET B 786 -10.77 11.11 -40.62
CA MET B 786 -9.71 11.67 -41.44
C MET B 786 -9.21 10.58 -42.38
N ASN B 787 -8.75 11.01 -43.55
CA ASN B 787 -8.43 10.07 -44.63
C ASN B 787 -9.61 9.16 -44.94
N PHE B 788 -10.81 9.75 -44.96
CA PHE B 788 -12.02 9.04 -45.32
C PHE B 788 -11.96 8.61 -46.77
N GLY B 789 -12.45 7.39 -47.04
CA GLY B 789 -12.44 6.85 -48.37
C GLY B 789 -11.14 6.18 -48.78
N VAL B 790 -10.19 6.05 -47.87
CA VAL B 790 -8.90 5.46 -48.18
C VAL B 790 -8.98 3.95 -48.03
N ASP B 791 -8.35 3.24 -48.98
CA ASP B 791 -8.22 1.79 -48.93
C ASP B 791 -7.18 1.44 -47.87
N GLU B 792 -7.62 0.86 -46.76
CA GLU B 792 -6.73 0.57 -45.65
C GLU B 792 -5.68 -0.47 -46.03
N VAL B 793 -4.42 -0.15 -45.78
CA VAL B 793 -3.29 -1.07 -45.96
C VAL B 793 -3.24 -1.97 -44.72
N LYS B 794 -3.72 -3.20 -44.85
CA LYS B 794 -3.74 -4.09 -43.69
C LYS B 794 -2.36 -4.63 -43.35
N ARG B 795 -1.53 -4.91 -44.34
CA ARG B 795 -0.15 -5.37 -44.07
C ARG B 795 0.64 -4.07 -43.95
N PHE B 796 0.32 -3.26 -42.93
CA PHE B 796 0.82 -1.87 -42.83
C PHE B 796 2.29 -1.85 -42.51
N ASN B 797 2.76 -2.71 -41.60
CA ASN B 797 4.19 -2.76 -41.25
C ASN B 797 4.92 -3.02 -42.56
N ASP B 798 4.64 -4.17 -43.18
CA ASP B 798 5.21 -4.67 -44.45
C ASP B 798 5.29 -3.49 -45.42
N ALA B 799 4.22 -2.73 -45.52
CA ALA B 799 4.26 -1.54 -46.38
C ALA B 799 5.42 -0.58 -46.06
N VAL B 800 5.86 -0.48 -44.81
CA VAL B 800 6.99 0.42 -44.47
C VAL B 800 8.29 -0.25 -44.87
N ASN B 801 8.46 -1.52 -44.51
CA ASN B 801 9.67 -2.32 -44.80
C ASN B 801 10.01 -2.19 -46.28
N SER B 802 9.03 -2.42 -47.17
CA SER B 802 9.19 -2.30 -48.63
C SER B 802 9.88 -0.97 -48.96
N ALA B 803 9.37 0.15 -48.43
CA ALA B 803 9.89 1.51 -48.66
C ALA B 803 11.31 1.63 -48.10
N ILE B 804 11.55 0.99 -46.96
CA ILE B 804 12.86 1.01 -46.25
C ILE B 804 13.88 0.20 -47.04
N ARG B 805 13.44 -0.77 -47.83
CA ARG B 805 14.30 -1.66 -48.62
C ARG B 805 14.76 -0.97 -49.90
N ILE B 806 13.91 -0.09 -50.43
CA ILE B 806 14.12 0.65 -51.71
C ILE B 806 15.10 1.80 -51.53
N ASP B 807 15.21 2.36 -50.32
CA ASP B 807 16.10 3.52 -50.03
C ASP B 807 17.18 3.04 -49.07
N GLU B 808 18.46 3.12 -49.42
CA GLU B 808 19.53 2.57 -48.55
C GLU B 808 20.18 3.67 -47.68
N ASN B 809 19.75 4.91 -47.79
CA ASN B 809 20.26 6.04 -47.03
C ASN B 809 19.40 6.37 -45.80
N VAL B 810 18.72 5.37 -45.26
CA VAL B 810 17.87 5.58 -44.09
C VAL B 810 18.73 5.66 -42.84
N ASN B 811 18.40 6.61 -41.97
CA ASN B 811 19.13 6.87 -40.73
C ASN B 811 18.33 6.32 -39.55
N VAL B 812 18.95 6.25 -38.38
CA VAL B 812 18.31 5.71 -37.19
C VAL B 812 18.31 6.74 -36.07
N ILE B 813 17.15 6.88 -35.43
CA ILE B 813 16.98 7.65 -34.21
C ILE B 813 16.86 6.66 -33.05
N GLY B 814 17.78 6.75 -32.09
CA GLY B 814 17.73 5.94 -30.89
C GLY B 814 17.35 6.81 -29.70
N ILE B 815 16.37 6.34 -28.93
CA ILE B 815 15.86 7.08 -27.77
C ILE B 815 15.92 6.18 -26.55
N ASP B 816 16.73 6.60 -25.57
CA ASP B 816 16.95 5.86 -24.33
C ASP B 816 16.51 6.72 -23.15
N ARG B 817 16.10 6.06 -22.07
CA ARG B 817 15.84 6.71 -20.80
C ARG B 817 17.14 6.81 -20.01
N GLY B 818 17.47 8.01 -19.54
CA GLY B 818 18.73 8.27 -18.89
C GLY B 818 18.61 8.43 -17.38
N GLU B 819 19.78 8.52 -16.74
CA GLU B 819 19.89 8.74 -15.31
C GLU B 819 20.05 10.21 -14.95
N ARG B 820 20.70 10.99 -15.82
CA ARG B 820 20.74 12.45 -15.68
C ARG B 820 20.00 13.17 -16.78
N ASN B 821 19.48 12.46 -17.76
CA ASN B 821 18.75 13.04 -18.87
C ASN B 821 17.41 12.31 -18.96
N LEU B 822 16.31 13.06 -18.95
CA LEU B 822 15.01 12.44 -19.07
C LEU B 822 14.99 11.48 -20.25
N LEU B 823 15.21 12.02 -21.45
CA LEU B 823 15.36 11.25 -22.66
C LEU B 823 16.56 11.79 -23.41
N TYR B 824 17.39 10.89 -23.92
CA TYR B 824 18.50 11.25 -24.76
C TYR B 824 18.27 10.68 -26.15
N VAL B 825 18.51 11.49 -27.16
CA VAL B 825 18.31 11.09 -28.54
C VAL B 825 19.66 11.11 -29.24
N VAL B 826 19.93 10.09 -30.05
CA VAL B 826 21.11 10.04 -30.89
C VAL B 826 20.64 9.62 -32.28
N VAL B 827 21.00 10.41 -33.28
CA VAL B 827 20.71 10.09 -34.68
C VAL B 827 22.00 9.62 -35.32
N ILE B 828 21.90 8.56 -36.12
CA ILE B 828 23.06 7.99 -36.78
C ILE B 828 22.69 7.58 -38.20
N ASP B 829 23.70 7.48 -39.04
CA ASP B 829 23.51 7.07 -40.43
C ASP B 829 23.72 5.56 -40.56
N SER B 830 23.54 5.06 -41.79
CA SER B 830 23.54 3.62 -42.03
C SER B 830 24.89 2.97 -41.77
N LYS B 831 25.94 3.75 -41.51
CA LYS B 831 27.26 3.19 -41.23
C LYS B 831 27.74 3.48 -39.81
N GLY B 832 26.92 4.13 -38.99
CA GLY B 832 27.23 4.29 -37.58
C GLY B 832 27.93 5.58 -37.21
N ASN B 833 27.91 6.59 -38.06
CA ASN B 833 28.41 7.91 -37.69
C ASN B 833 27.30 8.69 -37.00
N ILE B 834 27.66 9.38 -35.92
CA ILE B 834 26.70 10.20 -35.19
C ILE B 834 26.40 11.44 -36.01
N LEU B 835 25.15 11.58 -36.45
CA LEU B 835 24.72 12.80 -37.12
C LEU B 835 24.36 13.88 -36.11
N GLU B 836 23.71 13.49 -35.01
CA GLU B 836 23.30 14.42 -33.98
C GLU B 836 23.03 13.66 -32.70
N GLN B 837 23.30 14.30 -31.57
CA GLN B 837 22.95 13.77 -30.25
C GLN B 837 22.52 14.93 -29.37
N ILE B 838 21.30 14.84 -28.83
CA ILE B 838 20.76 15.91 -28.00
C ILE B 838 20.10 15.33 -26.76
N SER B 839 20.18 16.09 -25.66
CA SER B 839 19.42 15.79 -24.47
C SER B 839 18.08 16.51 -24.53
N LEU B 840 17.01 15.76 -24.38
CA LEU B 840 15.67 16.33 -24.33
C LEU B 840 15.29 16.81 -22.95
N ASN B 841 16.26 16.97 -22.04
CA ASN B 841 15.97 17.65 -20.80
C ASN B 841 15.31 18.99 -21.08
N SER B 842 15.84 19.72 -22.06
CA SER B 842 15.35 21.04 -22.42
C SER B 842 14.64 20.98 -23.77
N ILE B 843 13.42 21.51 -23.81
CA ILE B 843 12.67 21.68 -25.04
C ILE B 843 12.77 23.15 -25.41
N ILE B 844 13.35 23.43 -26.57
CA ILE B 844 13.66 24.79 -26.98
C ILE B 844 12.63 25.24 -28.00
N ASN B 845 12.08 26.43 -27.79
CA ASN B 845 10.99 26.97 -28.61
C ASN B 845 11.60 27.97 -29.59
N LYS B 846 12.14 27.44 -30.67
CA LYS B 846 12.88 28.26 -31.62
C LYS B 846 12.09 29.49 -32.05
N GLU B 847 10.76 29.36 -32.14
CA GLU B 847 9.93 30.46 -32.64
C GLU B 847 9.97 31.66 -31.70
N TYR B 848 9.95 31.43 -30.38
CA TYR B 848 10.08 32.50 -29.40
C TYR B 848 11.46 32.52 -28.76
N ASP B 849 12.37 31.64 -29.18
CA ASP B 849 13.69 31.52 -28.58
C ASP B 849 13.62 31.44 -27.06
N ILE B 850 12.54 30.84 -26.56
CA ILE B 850 12.33 30.54 -25.15
C ILE B 850 12.73 29.09 -24.93
N GLU B 851 13.13 28.75 -23.71
CA GLU B 851 13.57 27.39 -23.40
C GLU B 851 13.05 26.95 -22.05
N THR B 852 12.56 25.71 -21.99
CA THR B 852 12.04 25.10 -20.77
C THR B 852 12.86 23.86 -20.47
N ASP B 853 13.48 23.81 -19.30
CA ASP B 853 14.21 22.63 -18.85
C ASP B 853 13.26 21.82 -17.97
N TYR B 854 12.69 20.76 -18.54
CA TYR B 854 11.77 19.91 -17.79
C TYR B 854 12.48 19.04 -16.77
N HIS B 855 13.79 18.82 -16.94
CA HIS B 855 14.56 18.08 -15.94
C HIS B 855 14.76 18.91 -14.68
N ALA B 856 15.04 20.20 -14.83
CA ALA B 856 15.09 21.10 -13.66
C ALA B 856 13.75 21.10 -12.94
N LEU B 857 12.65 21.29 -13.67
CA LEU B 857 11.34 21.30 -13.05
C LEU B 857 11.08 20.05 -12.22
N LEU B 858 11.57 18.90 -12.69
CA LEU B 858 11.32 17.66 -11.95
C LEU B 858 12.21 17.57 -10.71
N ASP B 859 13.43 18.10 -10.77
CA ASP B 859 14.28 18.08 -9.58
C ASP B 859 13.69 18.93 -8.46
N GLU B 860 13.08 20.07 -8.81
CA GLU B 860 12.46 20.93 -7.80
C GLU B 860 11.13 20.36 -7.33
N ARG B 861 10.32 19.83 -8.25
CA ARG B 861 9.01 19.28 -7.91
C ARG B 861 9.15 18.05 -7.01
N GLU B 862 10.26 17.33 -7.09
CA GLU B 862 10.47 16.13 -6.27
C GLU B 862 10.96 16.51 -4.88
N LYS B 870 6.51 12.58 -2.05
CA LYS B 870 6.49 12.70 -0.60
C LYS B 870 5.11 13.04 -0.09
N ASP B 871 4.19 13.30 -1.02
CA ASP B 871 2.77 13.42 -0.70
C ASP B 871 2.01 13.21 -2.00
N TRP B 872 0.71 12.95 -1.88
CA TRP B 872 -0.05 12.51 -3.04
C TRP B 872 -0.04 13.56 -4.15
N ASN B 873 -0.24 14.83 -3.80
CA ASN B 873 -0.32 15.86 -4.83
C ASN B 873 1.01 16.05 -5.52
N THR B 874 2.11 16.02 -4.76
CA THR B 874 3.43 16.07 -5.37
C THR B 874 3.63 14.92 -6.35
N VAL B 875 3.14 13.73 -6.01
CA VAL B 875 3.31 12.58 -6.90
C VAL B 875 2.44 12.72 -8.15
N GLU B 876 1.17 13.11 -7.97
CA GLU B 876 0.33 13.32 -9.14
C GLU B 876 0.83 14.49 -9.98
N ASN B 877 1.30 15.56 -9.34
CA ASN B 877 1.80 16.70 -10.09
C ASN B 877 3.04 16.33 -10.88
N ILE B 878 3.98 15.63 -10.25
CA ILE B 878 5.12 15.08 -10.98
C ILE B 878 4.62 14.22 -12.13
N ARG B 879 3.72 13.28 -11.83
CA ARG B 879 3.23 12.32 -12.82
C ARG B 879 2.61 13.01 -14.02
N ASP B 880 1.89 14.13 -13.79
CA ASP B 880 1.26 14.85 -14.89
C ASP B 880 2.25 15.75 -15.61
N LEU B 881 3.29 16.21 -14.93
CA LEU B 881 4.36 16.95 -15.60
C LEU B 881 5.10 16.08 -16.60
N LYS B 882 5.43 14.84 -16.20
CA LYS B 882 6.07 13.91 -17.13
C LYS B 882 5.22 13.72 -18.37
N ALA B 883 3.91 13.54 -18.19
CA ALA B 883 3.01 13.35 -19.32
C ALA B 883 2.97 14.57 -20.22
N GLY B 884 2.97 15.78 -19.64
CA GLY B 884 3.04 16.97 -20.47
C GLY B 884 4.36 17.08 -21.20
N TYR B 885 5.43 16.58 -20.59
CA TYR B 885 6.74 16.61 -21.21
C TYR B 885 6.80 15.67 -22.41
N LEU B 886 6.28 14.46 -22.24
CA LEU B 886 6.14 13.53 -23.36
C LEU B 886 5.34 14.17 -24.49
N SER B 887 4.19 14.75 -24.15
CA SER B 887 3.37 15.48 -25.09
C SER B 887 4.16 16.43 -25.96
N GLN B 888 5.25 16.96 -25.41
CA GLN B 888 6.05 17.94 -26.12
C GLN B 888 7.21 17.32 -26.87
N VAL B 889 7.68 16.14 -26.44
CA VAL B 889 8.79 15.51 -27.15
C VAL B 889 8.34 14.60 -28.28
N VAL B 890 7.03 14.30 -28.39
CA VAL B 890 6.59 13.58 -29.59
C VAL B 890 6.68 14.50 -30.80
N ASN B 891 6.55 15.81 -30.60
CA ASN B 891 6.75 16.73 -31.72
C ASN B 891 8.21 16.79 -32.11
N VAL B 892 9.11 16.79 -31.13
CA VAL B 892 10.54 16.85 -31.43
C VAL B 892 10.97 15.61 -32.19
N VAL B 893 10.51 14.44 -31.75
CA VAL B 893 10.88 13.20 -32.42
C VAL B 893 10.29 13.15 -33.83
N ALA B 894 9.01 13.46 -33.98
CA ALA B 894 8.42 13.52 -35.31
C ALA B 894 9.28 14.35 -36.26
N LYS B 895 9.64 15.57 -35.84
CA LYS B 895 10.37 16.46 -36.73
C LYS B 895 11.78 15.96 -37.02
N LEU B 896 12.36 15.18 -36.09
CA LEU B 896 13.62 14.50 -36.42
C LEU B 896 13.43 13.45 -37.51
N VAL B 897 12.33 12.70 -37.44
CA VAL B 897 12.10 11.66 -38.43
C VAL B 897 12.06 12.25 -39.83
N LEU B 898 11.46 13.43 -39.96
CA LEU B 898 11.36 14.06 -41.27
C LEU B 898 12.67 14.72 -41.67
N LYS B 899 13.39 15.28 -40.69
CA LYS B 899 14.66 15.94 -40.98
C LYS B 899 15.73 14.96 -41.44
N TYR B 900 15.71 13.72 -40.92
CA TYR B 900 16.84 12.80 -41.11
C TYR B 900 16.47 11.51 -41.84
N ASN B 901 15.30 11.46 -42.50
CA ASN B 901 14.97 10.28 -43.31
C ASN B 901 15.13 9.01 -42.51
N ALA B 902 14.70 9.04 -41.25
CA ALA B 902 15.15 8.08 -40.25
C ALA B 902 14.01 7.21 -39.73
N ILE B 903 14.41 6.12 -39.08
CA ILE B 903 13.50 5.27 -38.31
C ILE B 903 13.80 5.51 -36.83
N ILE B 904 12.94 4.96 -35.97
CA ILE B 904 13.04 5.16 -34.53
C ILE B 904 13.33 3.82 -33.87
N CYS B 905 14.20 3.86 -32.86
CA CYS B 905 14.49 2.69 -32.02
C CYS B 905 14.25 3.03 -30.57
N LEU B 906 13.57 2.12 -29.86
CA LEU B 906 13.21 2.28 -28.47
C LEU B 906 13.53 1.00 -27.72
N GLU B 907 13.52 1.10 -26.39
CA GLU B 907 13.62 -0.09 -25.56
C GLU B 907 12.42 -0.99 -25.79
N ASP B 908 12.67 -2.29 -25.81
CA ASP B 908 11.61 -3.30 -25.82
C ASP B 908 11.28 -3.60 -24.36
N LEU B 909 10.21 -2.98 -23.85
CA LEU B 909 9.89 -3.10 -22.42
C LEU B 909 9.34 -4.48 -22.04
N ASN B 910 9.13 -5.37 -23.00
CA ASN B 910 8.83 -6.76 -22.67
C ASN B 910 9.99 -7.46 -21.97
N PHE B 911 11.17 -6.85 -22.01
CA PHE B 911 12.32 -7.30 -21.24
C PHE B 911 12.67 -6.37 -20.08
N GLY B 912 12.00 -5.22 -19.98
CA GLY B 912 12.36 -4.21 -19.01
C GLY B 912 12.18 -4.64 -17.57
N GLY B 916 18.67 1.00 -13.39
CA GLY B 916 17.53 1.11 -12.49
C GLY B 916 17.29 2.51 -11.98
N ARG B 917 18.31 3.36 -12.06
CA ARG B 917 18.19 4.75 -11.61
C ARG B 917 17.77 5.68 -12.74
N GLN B 918 16.70 5.32 -13.44
CA GLN B 918 16.20 6.07 -14.57
C GLN B 918 15.00 6.89 -14.11
N LYS B 919 14.99 8.17 -14.44
CA LYS B 919 13.96 9.07 -13.93
C LYS B 919 12.65 8.98 -14.70
N VAL B 920 12.64 8.38 -15.88
CA VAL B 920 11.40 8.08 -16.59
C VAL B 920 11.02 6.65 -16.22
N GLU B 921 9.92 6.50 -15.48
CA GLU B 921 9.48 5.20 -15.01
C GLU B 921 9.00 4.35 -16.18
N LYS B 922 8.96 3.04 -15.97
CA LYS B 922 8.48 2.16 -17.04
C LYS B 922 7.03 2.46 -17.39
N GLN B 923 6.22 2.85 -16.41
CA GLN B 923 4.81 3.10 -16.68
C GLN B 923 4.62 4.33 -17.55
N VAL B 924 5.47 5.36 -17.40
CA VAL B 924 5.32 6.54 -18.23
C VAL B 924 5.95 6.33 -19.61
N TYR B 925 6.99 5.49 -19.73
CA TYR B 925 7.54 5.22 -21.04
C TYR B 925 6.55 4.45 -21.91
N GLN B 926 5.70 3.62 -21.31
CA GLN B 926 4.64 2.98 -22.06
C GLN B 926 3.62 3.99 -22.56
N LYS B 927 3.38 5.05 -21.77
CA LYS B 927 2.59 6.17 -22.27
C LYS B 927 3.27 6.83 -23.46
N PHE B 928 4.60 7.00 -23.38
CA PHE B 928 5.33 7.61 -24.48
C PHE B 928 5.16 6.80 -25.75
N GLU B 929 5.33 5.48 -25.66
CA GLU B 929 5.20 4.63 -26.83
C GLU B 929 3.80 4.74 -27.43
N LYS B 930 2.76 4.66 -26.60
CA LYS B 930 1.41 4.79 -27.12
C LYS B 930 1.19 6.17 -27.72
N MET B 931 1.61 7.22 -27.01
CA MET B 931 1.47 8.58 -27.54
C MET B 931 2.18 8.72 -28.87
N LEU B 932 3.41 8.22 -28.95
CA LEU B 932 4.20 8.34 -30.17
C LEU B 932 3.55 7.59 -31.33
N ILE B 933 2.95 6.44 -31.04
CA ILE B 933 2.19 5.72 -32.06
C ILE B 933 0.98 6.54 -32.48
N ASP B 934 0.14 6.91 -31.50
CA ASP B 934 -1.02 7.73 -31.80
C ASP B 934 -0.64 8.90 -32.71
N LYS B 935 0.46 9.58 -32.39
CA LYS B 935 0.81 10.80 -33.11
C LYS B 935 1.17 10.47 -34.55
N LEU B 936 2.02 9.46 -34.75
CA LEU B 936 2.44 9.07 -36.09
C LEU B 936 1.36 8.31 -36.85
N ASN B 937 0.19 8.09 -36.25
CA ASN B 937 -0.96 7.59 -37.02
C ASN B 937 -1.48 8.63 -38.00
N TYR B 938 -1.19 9.91 -37.77
CA TYR B 938 -1.70 10.98 -38.60
C TYR B 938 -0.84 12.20 -38.27
N LEU B 939 0.20 12.42 -39.08
CA LEU B 939 1.22 13.43 -38.80
C LEU B 939 1.00 14.60 -39.74
N VAL B 940 0.33 15.64 -39.25
CA VAL B 940 0.19 16.91 -39.95
C VAL B 940 1.22 17.86 -39.36
N ILE B 941 1.84 18.66 -40.23
CA ILE B 941 2.93 19.52 -39.81
C ILE B 941 2.59 20.99 -40.04
N ASP B 942 1.74 21.25 -41.03
CA ASP B 942 1.42 22.63 -41.41
C ASP B 942 0.32 23.14 -40.51
N LYS B 943 0.73 23.79 -39.42
CA LYS B 943 -0.21 24.36 -38.45
C LYS B 943 -0.49 25.83 -38.68
N SER B 944 0.04 26.40 -39.75
CA SER B 944 -0.06 27.83 -39.95
C SER B 944 -1.50 28.31 -40.03
N ARG B 945 -1.77 29.48 -39.45
CA ARG B 945 -2.95 30.23 -39.84
C ARG B 945 -2.83 30.56 -41.32
N GLU B 946 -3.96 30.52 -42.04
CA GLU B 946 -3.91 30.68 -43.49
C GLU B 946 -3.08 29.56 -44.11
N GLN B 947 -3.69 28.75 -44.98
CA GLN B 947 -3.02 27.57 -45.52
C GLN B 947 -3.36 27.44 -47.00
N THR B 948 -2.50 27.98 -47.86
CA THR B 948 -2.54 27.65 -49.28
C THR B 948 -1.36 26.73 -49.62
N SER B 949 -1.09 25.79 -48.71
CA SER B 949 -0.25 24.63 -48.98
C SER B 949 -0.68 23.42 -48.15
N PRO B 950 -1.98 23.14 -48.00
CA PRO B 950 -2.39 22.00 -47.17
C PRO B 950 -2.09 20.67 -47.80
N LYS B 951 -1.98 20.61 -49.12
CA LYS B 951 -1.79 19.36 -49.84
C LYS B 951 -0.33 18.97 -49.99
N GLU B 952 0.60 19.80 -49.53
CA GLU B 952 1.99 19.38 -49.53
C GLU B 952 2.22 18.41 -48.37
N LEU B 953 3.33 17.68 -48.46
CA LEU B 953 3.55 16.55 -47.57
C LEU B 953 3.46 17.00 -46.12
N GLY B 954 2.67 16.28 -45.33
CA GLY B 954 2.45 16.63 -43.94
C GLY B 954 1.49 17.76 -43.70
N GLY B 955 0.97 18.38 -44.76
CA GLY B 955 -0.06 19.38 -44.61
C GLY B 955 -1.36 18.75 -44.14
N ALA B 956 -2.36 19.61 -43.92
CA ALA B 956 -3.63 19.15 -43.38
C ALA B 956 -4.24 18.05 -44.24
N LEU B 957 -4.17 18.20 -45.56
CA LEU B 957 -4.84 17.30 -46.49
C LEU B 957 -3.93 16.21 -47.03
N ASN B 958 -2.69 16.14 -46.55
CA ASN B 958 -1.73 15.14 -47.01
C ASN B 958 -0.92 14.65 -45.82
N ALA B 959 -1.63 14.21 -44.78
CA ALA B 959 -0.95 13.78 -43.57
C ALA B 959 -0.13 12.53 -43.83
N LEU B 960 1.02 12.45 -43.18
CA LEU B 960 1.83 11.25 -43.17
C LEU B 960 1.27 10.27 -42.14
N GLN B 961 1.37 8.99 -42.46
CA GLN B 961 0.94 7.91 -41.57
C GLN B 961 2.12 6.95 -41.46
N LEU B 962 2.99 7.21 -40.49
CA LEU B 962 4.25 6.48 -40.36
C LEU B 962 4.16 5.29 -39.42
N THR B 963 3.00 5.00 -38.87
CA THR B 963 2.90 3.93 -37.88
C THR B 963 1.50 3.33 -37.90
N SER B 964 1.42 2.10 -37.40
CA SER B 964 0.19 1.31 -37.47
C SER B 964 -0.66 1.55 -36.23
N LYS B 965 -1.97 1.55 -36.43
CA LYS B 965 -2.90 1.86 -35.35
C LYS B 965 -2.61 0.96 -34.14
N PHE B 966 -2.73 1.53 -32.94
CA PHE B 966 -2.36 0.86 -31.68
C PHE B 966 -3.45 -0.14 -31.28
N LYS B 967 -3.09 -1.34 -30.81
CA LYS B 967 -4.03 -2.40 -30.39
C LYS B 967 -3.88 -2.62 -28.88
N SER B 968 -2.68 -3.01 -28.44
CA SER B 968 -2.30 -3.24 -27.02
C SER B 968 -0.79 -3.35 -26.93
N PHE B 969 -0.23 -3.25 -25.72
CA PHE B 969 1.24 -3.32 -25.49
C PHE B 969 1.70 -4.77 -25.63
N LYS B 970 0.76 -5.67 -25.90
CA LYS B 970 1.09 -7.12 -26.06
C LYS B 970 1.07 -7.44 -27.54
N GLU B 971 -0.04 -7.10 -28.20
CA GLU B 971 -0.30 -7.34 -29.64
C GLU B 971 0.84 -6.73 -30.45
N LEU B 972 1.20 -5.48 -30.16
CA LEU B 972 2.31 -4.79 -30.85
C LEU B 972 3.54 -5.69 -30.69
N GLY B 973 4.20 -6.10 -31.78
CA GLY B 973 5.36 -7.00 -31.72
C GLY B 973 6.65 -6.20 -31.58
N LYS B 974 7.63 -6.41 -32.45
CA LYS B 974 8.91 -5.65 -32.41
C LYS B 974 8.86 -4.50 -33.40
N GLN B 975 7.75 -4.28 -34.10
CA GLN B 975 7.67 -3.19 -35.06
C GLN B 975 6.26 -2.63 -35.13
N SER B 976 6.17 -1.29 -35.16
CA SER B 976 4.93 -0.56 -35.41
C SER B 976 5.27 0.51 -36.43
N GLY B 977 5.22 0.15 -37.71
CA GLY B 977 5.59 1.10 -38.76
C GLY B 977 7.08 1.41 -38.71
N VAL B 978 7.38 2.71 -38.53
CA VAL B 978 8.77 3.17 -38.49
C VAL B 978 9.37 3.09 -37.09
N ILE B 979 8.64 2.57 -36.11
CA ILE B 979 9.14 2.41 -34.75
C ILE B 979 9.54 0.96 -34.55
N TYR B 980 10.73 0.74 -33.99
CA TYR B 980 11.28 -0.59 -33.79
C TYR B 980 11.79 -0.73 -32.37
N TYR B 981 11.46 -1.86 -31.74
CA TYR B 981 11.74 -2.11 -30.34
C TYR B 981 12.90 -3.09 -30.21
N VAL B 982 13.95 -2.67 -29.52
CA VAL B 982 15.18 -3.45 -29.41
C VAL B 982 15.44 -3.78 -27.95
N PRO B 983 15.99 -4.95 -27.62
CA PRO B 983 16.27 -5.25 -26.22
C PRO B 983 17.17 -4.19 -25.62
N ALA B 984 16.88 -3.81 -24.38
CA ALA B 984 17.68 -2.81 -23.69
C ALA B 984 19.06 -3.34 -23.30
N TYR B 985 19.27 -4.64 -23.40
CA TYR B 985 20.46 -5.29 -22.88
C TYR B 985 21.74 -4.63 -23.37
N LEU B 986 22.59 -4.29 -22.42
CA LEU B 986 23.92 -3.69 -22.65
C LEU B 986 23.88 -2.65 -23.78
N THR B 987 23.11 -1.59 -23.54
CA THR B 987 23.18 -0.41 -24.40
C THR B 987 23.99 0.73 -23.78
N SER B 988 23.94 0.90 -22.47
CA SER B 988 24.68 1.98 -21.82
C SER B 988 26.04 1.53 -21.29
N LYS B 989 26.20 0.26 -20.92
CA LYS B 989 27.46 -0.21 -20.32
C LYS B 989 28.28 -1.01 -21.34
N ILE B 990 28.68 -0.34 -22.43
CA ILE B 990 29.42 -0.98 -23.52
C ILE B 990 30.33 0.06 -24.16
N ASP B 991 31.50 -0.39 -24.64
CA ASP B 991 32.47 0.51 -25.26
C ASP B 991 32.12 0.69 -26.73
N PRO B 992 31.63 1.86 -27.16
CA PRO B 992 31.11 1.99 -28.53
C PRO B 992 32.17 1.87 -29.61
N THR B 993 33.44 1.79 -29.25
CA THR B 993 34.51 1.76 -30.25
C THR B 993 35.13 0.39 -30.43
N THR B 994 34.95 -0.51 -29.46
CA THR B 994 35.49 -1.87 -29.53
C THR B 994 34.44 -2.97 -29.46
N GLY B 995 33.31 -2.71 -28.81
CA GLY B 995 32.36 -3.75 -28.52
C GLY B 995 32.58 -4.47 -27.20
N PHE B 996 33.53 -4.00 -26.39
CA PHE B 996 33.86 -4.68 -25.16
C PHE B 996 32.84 -4.39 -24.07
N ALA B 997 32.53 -5.41 -23.26
CA ALA B 997 31.67 -5.25 -22.09
C ALA B 997 32.16 -6.17 -20.99
N ASN B 998 31.79 -5.82 -19.76
CA ASN B 998 32.09 -6.65 -18.60
C ASN B 998 31.05 -7.76 -18.48
N LEU B 999 31.51 -9.01 -18.40
CA LEU B 999 30.62 -10.16 -18.34
C LEU B 999 31.02 -11.17 -17.27
N PHE B 1000 31.95 -10.82 -16.38
CA PHE B 1000 32.63 -11.80 -15.57
C PHE B 1000 31.73 -12.40 -14.48
N TYR B 1001 32.19 -13.52 -13.92
CA TYR B 1001 31.42 -14.37 -13.01
C TYR B 1001 31.16 -13.67 -11.69
N MET B 1002 29.89 -13.57 -11.31
CA MET B 1002 29.50 -12.89 -10.08
C MET B 1002 30.04 -13.65 -8.86
N SER B 1010 39.02 -16.59 -6.06
CA SER B 1010 39.63 -17.90 -6.29
C SER B 1010 40.78 -17.80 -7.30
N LYS B 1011 41.89 -18.46 -6.99
CA LYS B 1011 43.02 -18.48 -7.91
C LYS B 1011 42.67 -19.11 -9.25
N ARG B 1012 41.61 -19.92 -9.30
CA ARG B 1012 41.22 -20.53 -10.58
C ARG B 1012 40.85 -19.47 -11.60
N PHE B 1013 40.08 -18.48 -11.17
CA PHE B 1013 39.67 -17.39 -12.04
C PHE B 1013 40.85 -16.70 -12.69
N PHE B 1014 41.91 -16.44 -11.92
CA PHE B 1014 43.04 -15.68 -12.44
C PHE B 1014 43.99 -16.54 -13.28
N ASP B 1015 44.00 -17.86 -13.08
CA ASP B 1015 44.61 -18.75 -14.07
C ASP B 1015 43.74 -18.90 -15.31
N GLY B 1016 42.56 -18.26 -15.32
CA GLY B 1016 41.79 -18.14 -16.55
C GLY B 1016 42.35 -17.14 -17.52
N PHE B 1017 43.18 -16.21 -17.04
CA PHE B 1017 43.79 -15.23 -17.91
C PHE B 1017 44.96 -15.83 -18.66
N ASP B 1018 45.20 -15.29 -19.86
CA ASP B 1018 46.35 -15.70 -20.64
C ASP B 1018 47.63 -15.02 -20.14
N PHE B 1019 47.55 -13.73 -19.81
CA PHE B 1019 48.70 -13.05 -19.22
C PHE B 1019 48.21 -11.92 -18.32
N ILE B 1020 49.09 -11.52 -17.40
CA ILE B 1020 48.87 -10.41 -16.48
C ILE B 1020 50.23 -9.74 -16.28
N ARG B 1021 50.31 -8.44 -16.56
CA ARG B 1021 51.60 -7.77 -16.54
C ARG B 1021 51.43 -6.27 -16.30
N PHE B 1022 52.57 -5.60 -16.11
CA PHE B 1022 52.67 -4.16 -16.24
C PHE B 1022 53.14 -3.82 -17.66
N ASN B 1023 52.71 -2.66 -18.14
CA ASN B 1023 53.11 -2.12 -19.44
C ASN B 1023 53.81 -0.80 -19.15
N ALA B 1024 55.11 -0.72 -19.41
CA ALA B 1024 55.87 0.45 -18.97
C ALA B 1024 55.67 1.65 -19.89
N LEU B 1025 55.47 1.42 -21.20
CA LEU B 1025 55.32 2.52 -22.13
C LEU B 1025 53.95 3.18 -21.99
N GLU B 1026 52.88 2.38 -21.86
CA GLU B 1026 51.56 2.92 -21.54
C GLU B 1026 51.39 3.22 -20.05
N ASN B 1027 52.24 2.63 -19.20
CA ASN B 1027 52.21 2.86 -17.75
C ASN B 1027 50.87 2.47 -17.14
N VAL B 1028 50.51 1.19 -17.34
CA VAL B 1028 49.22 0.66 -16.93
C VAL B 1028 49.35 -0.85 -16.79
N PHE B 1029 48.48 -1.46 -15.98
CA PHE B 1029 48.48 -2.90 -15.79
C PHE B 1029 47.50 -3.55 -16.77
N GLU B 1030 47.86 -4.74 -17.27
CA GLU B 1030 47.12 -5.40 -18.33
C GLU B 1030 46.72 -6.82 -17.93
N PHE B 1031 45.52 -7.22 -18.37
CA PHE B 1031 44.97 -8.55 -18.16
C PHE B 1031 44.46 -9.06 -19.50
N GLY B 1032 45.19 -9.95 -20.16
CA GLY B 1032 44.74 -10.57 -21.40
C GLY B 1032 43.96 -11.83 -21.11
N PHE B 1033 42.90 -12.06 -21.89
CA PHE B 1033 42.04 -13.21 -21.64
C PHE B 1033 41.12 -13.44 -22.82
N ASP B 1034 40.48 -14.63 -22.82
CA ASP B 1034 39.50 -15.10 -23.84
C ASP B 1034 38.18 -15.37 -23.08
N TYR B 1035 37.03 -14.94 -23.63
CA TYR B 1035 35.70 -15.10 -22.99
C TYR B 1035 35.24 -16.56 -23.05
N ARG B 1036 35.75 -17.33 -24.02
CA ARG B 1036 35.41 -18.77 -24.23
C ARG B 1036 36.09 -19.64 -23.16
N SER B 1037 37.16 -19.14 -22.53
CA SER B 1037 37.94 -19.84 -21.49
C SER B 1037 37.27 -19.66 -20.10
N PHE B 1038 36.48 -18.60 -19.94
CA PHE B 1038 35.77 -18.25 -18.68
C PHE B 1038 34.36 -18.85 -18.69
N THR B 1039 33.53 -18.45 -19.67
CA THR B 1039 32.13 -18.90 -19.83
C THR B 1039 31.96 -19.57 -21.21
N GLN B 1040 30.76 -20.08 -21.51
CA GLN B 1040 30.43 -20.75 -22.79
C GLN B 1040 29.37 -19.93 -23.54
N ARG B 1041 29.36 -18.61 -23.33
CA ARG B 1041 28.41 -17.66 -23.97
C ARG B 1041 28.94 -17.26 -25.36
N ALA B 1042 30.26 -17.28 -25.55
CA ALA B 1042 30.95 -16.91 -26.80
C ALA B 1042 30.50 -15.52 -27.25
N CYS B 1043 30.87 -14.49 -26.47
CA CYS B 1043 30.54 -13.06 -26.71
C CYS B 1043 31.14 -12.60 -28.05
N GLY B 1044 30.46 -12.87 -29.16
CA GLY B 1044 30.88 -12.49 -30.52
C GLY B 1044 31.98 -13.39 -31.05
N ILE B 1045 32.62 -12.98 -32.15
CA ILE B 1045 33.73 -13.73 -32.82
C ILE B 1045 35.06 -13.34 -32.17
N ASN B 1046 35.24 -12.05 -31.86
CA ASN B 1046 36.46 -11.49 -31.20
C ASN B 1046 36.31 -11.64 -29.69
N SER B 1047 36.54 -12.85 -29.16
CA SER B 1047 36.42 -13.21 -27.73
C SER B 1047 37.69 -12.79 -26.97
N LYS B 1048 38.83 -12.74 -27.67
CA LYS B 1048 40.14 -12.36 -27.08
C LYS B 1048 40.12 -10.86 -26.75
N TRP B 1049 40.59 -10.46 -25.56
CA TRP B 1049 40.59 -9.05 -25.09
C TRP B 1049 41.80 -8.80 -24.17
N THR B 1050 42.12 -7.52 -23.96
CA THR B 1050 43.24 -7.04 -23.08
C THR B 1050 42.70 -5.91 -22.22
N VAL B 1051 42.31 -6.18 -20.96
CA VAL B 1051 41.72 -5.12 -20.14
C VAL B 1051 42.82 -4.42 -19.34
N CYS B 1052 42.69 -3.09 -19.22
CA CYS B 1052 43.73 -2.27 -18.60
C CYS B 1052 43.14 -1.38 -17.51
N THR B 1053 43.96 -1.11 -16.49
CA THR B 1053 43.56 -0.30 -15.34
C THR B 1053 43.47 1.18 -15.69
N ASN B 1054 43.02 1.48 -16.89
CA ASN B 1054 43.13 2.81 -17.47
C ASN B 1054 42.26 3.82 -16.73
N GLY B 1055 42.89 4.89 -16.24
CA GLY B 1055 42.16 6.07 -15.77
C GLY B 1055 41.77 6.03 -14.31
N GLU B 1056 40.80 6.88 -14.00
CA GLU B 1056 40.17 6.96 -12.69
C GLU B 1056 38.85 6.18 -12.69
N ARG B 1057 38.29 5.99 -11.50
CA ARG B 1057 36.97 5.40 -11.34
C ARG B 1057 36.28 6.08 -10.16
N ILE B 1058 34.95 6.22 -10.19
CA ILE B 1058 34.15 6.87 -9.11
C ILE B 1058 32.98 5.94 -8.73
N ILE B 1059 33.32 5.03 -7.79
CA ILE B 1059 32.54 4.01 -7.03
C ILE B 1059 31.36 4.62 -6.29
N LYS B 1060 30.17 4.57 -6.84
CA LYS B 1060 28.92 5.07 -6.21
C LYS B 1060 28.65 4.31 -4.91
N TYR B 1061 29.29 4.68 -3.80
CA TYR B 1061 29.04 4.07 -2.47
C TYR B 1061 28.09 4.98 -1.68
N GLU B 1072 30.60 8.21 -1.77
CA GLU B 1072 31.37 7.84 -2.96
C GLU B 1072 32.83 8.29 -2.82
N LYS B 1073 33.72 7.66 -3.58
CA LYS B 1073 35.14 7.99 -3.55
C LYS B 1073 35.74 7.75 -4.92
N VAL B 1074 36.94 8.30 -5.14
CA VAL B 1074 37.62 8.24 -6.43
C VAL B 1074 38.92 7.48 -6.27
N VAL B 1075 39.23 6.64 -7.26
CA VAL B 1075 40.38 5.75 -7.22
C VAL B 1075 41.13 5.82 -8.54
N VAL B 1076 42.45 5.73 -8.46
CA VAL B 1076 43.32 5.58 -9.63
C VAL B 1076 43.77 4.12 -9.67
N VAL B 1077 43.24 3.36 -10.62
CA VAL B 1077 43.42 1.90 -10.59
C VAL B 1077 44.90 1.54 -10.58
N THR B 1078 45.68 2.15 -11.48
CA THR B 1078 47.09 1.78 -11.60
C THR B 1078 47.85 2.08 -10.32
N ASP B 1079 47.41 3.08 -9.56
CA ASP B 1079 48.04 3.36 -8.26
C ASP B 1079 47.68 2.30 -7.23
N GLU B 1080 46.47 1.74 -7.31
CA GLU B 1080 46.07 0.71 -6.37
C GLU B 1080 46.71 -0.63 -6.68
N MET B 1081 46.82 -0.96 -7.97
CA MET B 1081 47.44 -2.23 -8.34
C MET B 1081 48.95 -2.19 -8.16
N LYS B 1082 49.57 -1.02 -8.29
CA LYS B 1082 50.99 -0.89 -7.97
C LYS B 1082 51.24 -0.88 -6.46
N ASN B 1083 50.23 -0.49 -5.68
CA ASN B 1083 50.36 -0.55 -4.22
C ASN B 1083 50.14 -1.96 -3.70
N LEU B 1084 49.10 -2.64 -4.18
CA LEU B 1084 48.88 -4.03 -3.78
C LEU B 1084 50.06 -4.91 -4.15
N PHE B 1085 50.62 -4.72 -5.35
CA PHE B 1085 51.80 -5.46 -5.75
C PHE B 1085 53.05 -4.98 -5.04
N GLU B 1086 53.06 -3.73 -4.56
CA GLU B 1086 54.17 -3.27 -3.73
C GLU B 1086 54.12 -3.90 -2.34
N GLN B 1087 52.93 -4.22 -1.85
CA GLN B 1087 52.82 -4.93 -0.58
C GLN B 1087 53.27 -6.38 -0.74
N TYR B 1088 52.82 -7.05 -1.81
CA TYR B 1088 53.02 -8.48 -1.99
C TYR B 1088 54.13 -8.83 -2.95
N LYS B 1089 55.03 -7.88 -3.22
CA LYS B 1089 56.31 -8.16 -3.86
C LYS B 1089 56.16 -8.79 -5.24
N ILE B 1090 55.29 -8.22 -6.07
CA ILE B 1090 55.11 -8.66 -7.45
C ILE B 1090 56.13 -7.90 -8.30
N PRO B 1091 57.04 -8.60 -9.01
CA PRO B 1091 58.16 -7.90 -9.66
C PRO B 1091 57.84 -7.31 -11.03
N TYR B 1092 56.55 -7.08 -11.32
CA TYR B 1092 56.10 -6.89 -12.70
C TYR B 1092 56.62 -5.61 -13.35
N GLU B 1093 57.41 -4.79 -12.67
CA GLU B 1093 57.79 -3.49 -13.22
C GLU B 1093 58.50 -3.63 -14.57
N ASP B 1094 59.19 -4.74 -14.80
CA ASP B 1094 59.91 -4.95 -16.05
C ASP B 1094 59.02 -5.47 -17.18
N GLY B 1095 57.72 -5.63 -16.94
CA GLY B 1095 56.82 -6.14 -17.95
C GLY B 1095 56.73 -7.64 -18.05
N ARG B 1096 57.19 -8.36 -17.04
CA ARG B 1096 57.14 -9.82 -17.05
C ARG B 1096 55.75 -10.32 -16.69
N ASN B 1097 55.38 -11.45 -17.29
CA ASN B 1097 54.07 -12.06 -17.08
C ASN B 1097 54.00 -12.63 -15.67
N VAL B 1098 53.34 -11.90 -14.76
CA VAL B 1098 53.33 -12.26 -13.35
C VAL B 1098 52.10 -13.10 -13.01
N LYS B 1099 51.40 -13.62 -14.02
CA LYS B 1099 50.20 -14.39 -13.74
C LYS B 1099 50.49 -15.55 -12.79
N ASP B 1100 51.47 -16.40 -13.15
CA ASP B 1100 51.81 -17.52 -12.28
C ASP B 1100 52.16 -17.05 -10.88
N MET B 1101 52.76 -15.86 -10.75
CA MET B 1101 53.16 -15.37 -9.44
C MET B 1101 51.95 -15.07 -8.57
N ILE B 1102 50.96 -14.34 -9.11
CA ILE B 1102 49.81 -13.99 -8.30
C ILE B 1102 48.94 -15.22 -8.02
N ILE B 1103 48.97 -16.21 -8.92
CA ILE B 1103 48.31 -17.48 -8.65
C ILE B 1103 48.98 -18.18 -7.47
N SER B 1104 50.30 -18.04 -7.35
CA SER B 1104 51.05 -18.72 -6.31
C SER B 1104 51.06 -17.97 -4.98
N ASN B 1105 50.40 -16.82 -4.89
CA ASN B 1105 50.33 -16.08 -3.64
C ASN B 1105 49.34 -16.78 -2.71
N GLU B 1106 49.82 -17.19 -1.54
CA GLU B 1106 49.04 -18.01 -0.62
C GLU B 1106 48.16 -17.20 0.31
N GLU B 1107 48.27 -15.87 0.33
CA GLU B 1107 47.46 -15.04 1.20
C GLU B 1107 46.15 -14.70 0.51
N ALA B 1108 45.08 -14.58 1.31
CA ALA B 1108 43.73 -14.42 0.78
C ALA B 1108 43.34 -12.97 0.57
N GLU B 1109 43.73 -12.08 1.49
CA GLU B 1109 43.37 -10.67 1.37
C GLU B 1109 43.81 -10.08 0.04
N PHE B 1110 44.89 -10.63 -0.53
CA PHE B 1110 45.35 -10.22 -1.86
C PHE B 1110 44.31 -10.53 -2.93
N TYR B 1111 43.67 -11.69 -2.84
CA TYR B 1111 42.67 -12.05 -3.84
C TYR B 1111 41.38 -11.23 -3.67
N ARG B 1112 41.05 -10.85 -2.45
CA ARG B 1112 39.87 -10.01 -2.23
C ARG B 1112 40.10 -8.60 -2.77
N ARG B 1113 41.21 -7.96 -2.38
CA ARG B 1113 41.55 -6.65 -2.94
C ARG B 1113 41.55 -6.69 -4.47
N LEU B 1114 42.15 -7.74 -5.06
CA LEU B 1114 42.28 -7.79 -6.51
C LEU B 1114 40.92 -7.90 -7.18
N TYR B 1115 39.95 -8.59 -6.56
CA TYR B 1115 38.61 -8.65 -7.14
C TYR B 1115 37.96 -7.27 -7.17
N ARG B 1116 38.11 -6.50 -6.09
CA ARG B 1116 37.61 -5.12 -6.11
C ARG B 1116 38.27 -4.32 -7.21
N LEU B 1117 39.62 -4.32 -7.25
CA LEU B 1117 40.32 -3.52 -8.24
C LEU B 1117 39.92 -3.89 -9.65
N LEU B 1118 39.60 -5.17 -9.91
CA LEU B 1118 39.21 -5.59 -11.25
C LEU B 1118 37.77 -5.18 -11.58
N GLN B 1119 36.85 -5.30 -10.61
CA GLN B 1119 35.49 -4.84 -10.83
C GLN B 1119 35.44 -3.32 -10.96
N GLN B 1120 36.31 -2.61 -10.26
CA GLN B 1120 36.39 -1.16 -10.40
C GLN B 1120 36.99 -0.78 -11.76
N THR B 1121 38.01 -1.52 -12.21
CA THR B 1121 38.52 -1.33 -13.56
C THR B 1121 37.45 -1.64 -14.59
N LEU B 1122 36.68 -2.71 -14.37
CA LEU B 1122 35.64 -3.12 -15.30
C LEU B 1122 34.35 -2.30 -15.17
N GLN B 1123 34.24 -1.48 -14.14
CA GLN B 1123 33.11 -0.56 -14.01
C GLN B 1123 33.30 0.54 -15.06
N MET B 1124 32.61 0.41 -16.19
CA MET B 1124 32.79 1.40 -17.24
C MET B 1124 31.97 2.66 -16.99
N ARG B 1125 30.77 2.52 -16.43
CA ARG B 1125 29.93 3.69 -16.11
C ARG B 1125 30.30 4.20 -14.71
N ASN B 1126 30.41 5.51 -14.54
CA ASN B 1126 30.80 6.11 -13.22
C ASN B 1126 29.83 7.24 -12.86
N SER B 1127 28.73 6.93 -12.18
CA SER B 1127 27.69 7.90 -11.74
C SER B 1127 28.10 8.54 -10.40
N THR B 1128 27.56 9.72 -10.11
CA THR B 1128 27.82 10.51 -8.88
C THR B 1128 26.49 10.82 -8.19
N SER B 1129 26.54 11.27 -6.93
CA SER B 1129 25.37 11.63 -6.08
C SER B 1129 24.71 12.89 -6.66
N ASP B 1130 25.54 13.82 -7.11
CA ASP B 1130 25.06 15.10 -7.62
C ASP B 1130 24.95 15.12 -9.11
N GLY B 1131 25.33 14.03 -9.74
CA GLY B 1131 25.31 14.00 -11.19
C GLY B 1131 25.98 15.20 -11.80
N THR B 1132 26.91 15.80 -11.05
CA THR B 1132 27.92 16.60 -11.67
C THR B 1132 28.73 15.68 -12.55
N ARG B 1133 28.27 15.45 -13.76
CA ARG B 1133 29.00 14.62 -14.74
C ARG B 1133 29.04 13.09 -14.63
N ASP B 1134 28.31 12.39 -15.50
CA ASP B 1134 28.50 10.92 -15.56
C ASP B 1134 29.29 10.61 -16.84
N TYR B 1135 30.18 9.62 -16.82
CA TYR B 1135 31.03 9.33 -17.98
C TYR B 1135 31.25 7.83 -18.08
N ILE B 1136 31.63 7.41 -19.29
CA ILE B 1136 31.92 6.01 -19.61
C ILE B 1136 33.36 5.94 -20.09
N ILE B 1137 34.15 5.05 -19.49
CA ILE B 1137 35.55 4.90 -19.81
C ILE B 1137 35.81 3.43 -20.12
N SER B 1138 36.28 3.14 -21.31
CA SER B 1138 36.56 1.75 -21.61
C SER B 1138 37.92 1.36 -21.04
N PRO B 1139 38.08 0.11 -20.62
CA PRO B 1139 39.41 -0.39 -20.22
C PRO B 1139 40.21 -1.03 -21.34
N VAL B 1140 39.79 -0.90 -22.59
CA VAL B 1140 40.46 -1.52 -23.72
C VAL B 1140 40.75 -0.46 -24.78
N LYS B 1141 41.86 -0.66 -25.51
CA LYS B 1141 42.24 0.22 -26.60
C LYS B 1141 41.41 -0.08 -27.85
N ASN B 1142 41.43 0.85 -28.80
CA ASN B 1142 40.62 0.72 -30.00
C ASN B 1142 41.42 0.98 -31.29
N LYS B 1143 40.72 1.19 -32.40
CA LYS B 1143 41.38 1.43 -33.68
C LYS B 1143 42.30 2.65 -33.60
N ARG B 1144 41.85 3.73 -32.97
CA ARG B 1144 42.66 4.91 -32.78
C ARG B 1144 43.80 4.68 -31.79
N GLU B 1145 43.97 3.44 -31.34
CA GLU B 1145 44.94 3.13 -30.27
C GLU B 1145 44.71 4.02 -29.05
N ALA B 1146 43.43 4.21 -28.70
CA ALA B 1146 43.02 5.03 -27.58
C ALA B 1146 42.05 4.25 -26.71
N TYR B 1147 42.02 4.59 -25.41
CA TYR B 1147 40.93 4.14 -24.55
C TYR B 1147 39.75 5.08 -24.71
N PHE B 1148 38.59 4.56 -25.11
CA PHE B 1148 37.44 5.42 -25.26
C PHE B 1148 37.07 6.03 -23.91
N ASN B 1149 36.81 7.33 -23.89
CA ASN B 1149 36.33 8.02 -22.70
C ASN B 1149 35.40 9.12 -23.18
N SER B 1150 34.14 9.07 -22.72
CA SER B 1150 33.14 10.00 -23.21
C SER B 1150 33.40 11.43 -22.76
N GLU B 1151 34.16 11.63 -21.68
CA GLU B 1151 34.48 12.97 -21.24
C GLU B 1151 35.12 13.80 -22.36
N LEU B 1152 35.82 13.14 -23.27
CA LEU B 1152 36.68 13.79 -24.26
C LEU B 1152 35.98 14.00 -25.59
N SER B 1153 34.66 13.86 -25.64
CA SER B 1153 33.93 13.77 -26.90
C SER B 1153 33.95 15.09 -27.66
N ASP B 1154 34.31 15.01 -28.95
CA ASP B 1154 34.23 16.14 -29.88
C ASP B 1154 32.82 16.38 -30.39
N GLY B 1155 31.83 15.61 -29.93
CA GLY B 1155 30.55 15.51 -30.57
C GLY B 1155 30.46 14.42 -31.60
N SER B 1156 31.60 13.86 -32.02
CA SER B 1156 31.61 12.75 -32.96
C SER B 1156 31.38 11.41 -32.29
N VAL B 1157 31.48 11.35 -30.96
CA VAL B 1157 31.27 10.12 -30.20
C VAL B 1157 30.30 10.45 -29.06
N PRO B 1158 29.76 9.44 -28.38
CA PRO B 1158 28.82 9.72 -27.28
C PRO B 1158 29.41 10.63 -26.20
N LYS B 1159 28.66 11.68 -25.86
CA LYS B 1159 29.15 12.72 -24.95
C LYS B 1159 29.07 12.31 -23.49
N ASP B 1160 28.16 11.43 -23.12
CA ASP B 1160 28.06 10.95 -21.76
C ASP B 1160 27.34 9.61 -21.76
N ALA B 1161 27.12 9.07 -20.55
CA ALA B 1161 26.63 7.70 -20.44
C ALA B 1161 25.21 7.55 -20.96
N ASP B 1162 24.40 8.61 -20.87
CA ASP B 1162 23.03 8.52 -21.35
C ASP B 1162 22.98 8.55 -22.87
N ALA B 1163 23.88 9.30 -23.49
CA ALA B 1163 24.01 9.27 -24.94
C ALA B 1163 24.45 7.91 -25.44
N ASN B 1164 25.30 7.22 -24.67
CA ASN B 1164 25.77 5.91 -25.09
C ASN B 1164 24.62 4.94 -25.23
N GLY B 1165 23.71 4.92 -24.25
CA GLY B 1165 22.52 4.09 -24.38
C GLY B 1165 21.72 4.41 -25.63
N ALA B 1166 21.56 5.70 -25.93
CA ALA B 1166 20.81 6.09 -27.11
C ALA B 1166 21.55 5.72 -28.39
N TYR B 1167 22.89 5.84 -28.38
CA TYR B 1167 23.68 5.45 -29.54
C TYR B 1167 23.56 3.95 -29.80
N ASN B 1168 23.75 3.14 -28.75
CA ASN B 1168 23.72 1.69 -28.92
C ASN B 1168 22.32 1.15 -29.15
N ILE B 1169 21.28 1.86 -28.72
CA ILE B 1169 19.93 1.50 -29.14
C ILE B 1169 19.75 1.79 -30.63
N ALA B 1170 20.39 2.85 -31.13
CA ALA B 1170 20.32 3.14 -32.55
C ALA B 1170 21.14 2.16 -33.36
N ARG B 1171 22.24 1.64 -32.81
CA ARG B 1171 23.02 0.64 -33.52
C ARG B 1171 22.22 -0.65 -33.69
N LYS B 1172 21.50 -1.07 -32.65
CA LYS B 1172 20.54 -2.16 -32.82
C LYS B 1172 19.51 -1.83 -33.88
N GLY B 1173 19.29 -0.55 -34.14
CA GLY B 1173 18.48 -0.16 -35.29
C GLY B 1173 19.15 -0.49 -36.60
N LEU B 1174 20.48 -0.42 -36.66
CA LEU B 1174 21.18 -0.82 -37.87
C LEU B 1174 21.01 -2.32 -38.11
N TRP B 1175 21.11 -3.13 -37.05
CA TRP B 1175 20.91 -4.57 -37.20
C TRP B 1175 19.50 -4.89 -37.70
N VAL B 1176 18.51 -4.10 -37.29
CA VAL B 1176 17.15 -4.28 -37.78
C VAL B 1176 17.09 -4.03 -39.28
N LEU B 1177 17.75 -2.97 -39.75
CA LEU B 1177 17.74 -2.67 -41.18
C LEU B 1177 18.37 -3.79 -41.98
N GLU B 1178 19.38 -4.48 -41.43
CA GLU B 1178 19.99 -5.60 -42.14
C GLU B 1178 19.03 -6.78 -42.24
N GLN B 1179 18.31 -7.09 -41.14
CA GLN B 1179 17.33 -8.16 -41.21
C GLN B 1179 16.18 -7.82 -42.15
N ILE B 1180 15.78 -6.54 -42.21
CA ILE B 1180 14.76 -6.12 -43.16
C ILE B 1180 15.26 -6.29 -44.59
N ARG B 1181 16.55 -6.03 -44.80
CA ARG B 1181 17.11 -6.04 -46.14
C ARG B 1181 17.61 -7.41 -46.57
N GLN B 1182 18.07 -8.24 -45.62
CA GLN B 1182 18.48 -9.59 -45.96
C GLN B 1182 17.27 -10.46 -46.31
N LYS B 1183 16.16 -10.29 -45.58
CA LYS B 1183 14.93 -11.00 -45.91
C LYS B 1183 14.26 -10.34 -47.11
N SER B 1184 13.66 -11.13 -47.99
CA SER B 1184 12.95 -10.61 -49.20
C SER B 1184 11.53 -10.16 -48.86
N GLU B 1185 10.77 -9.72 -49.85
CA GLU B 1185 9.41 -9.16 -49.64
C GLU B 1185 8.50 -10.11 -48.88
N GLY B 1186 8.38 -11.37 -49.30
CA GLY B 1186 7.42 -12.31 -48.68
C GLY B 1186 8.01 -13.09 -47.54
N GLU B 1187 9.34 -13.16 -47.46
CA GLU B 1187 10.02 -13.93 -46.41
C GLU B 1187 9.63 -13.33 -45.05
N LYS B 1188 9.16 -14.15 -44.11
CA LYS B 1188 8.83 -13.69 -42.74
C LYS B 1188 10.13 -13.14 -42.15
N ILE B 1189 10.11 -12.07 -41.36
CA ILE B 1189 11.31 -11.41 -40.84
C ILE B 1189 11.38 -11.59 -39.33
N ASN B 1190 12.59 -11.86 -38.83
CA ASN B 1190 12.85 -12.06 -37.41
C ASN B 1190 13.57 -10.83 -36.85
N LEU B 1191 12.85 -10.00 -36.11
CA LEU B 1191 13.41 -8.82 -35.49
C LEU B 1191 13.67 -9.02 -33.99
N ALA B 1192 13.59 -10.25 -33.50
CA ALA B 1192 13.87 -10.55 -32.09
C ALA B 1192 15.37 -10.78 -31.94
N MET B 1193 16.10 -9.74 -31.54
CA MET B 1193 17.53 -9.85 -31.35
C MET B 1193 17.84 -10.55 -30.03
N THR B 1194 18.90 -11.35 -30.04
CA THR B 1194 19.38 -12.04 -28.85
C THR B 1194 20.52 -11.26 -28.21
N ASN B 1195 20.88 -11.66 -27.00
CA ASN B 1195 22.02 -11.06 -26.33
C ASN B 1195 23.32 -11.42 -27.04
N ALA B 1196 23.40 -12.63 -27.60
CA ALA B 1196 24.59 -13.01 -28.36
C ALA B 1196 24.74 -12.18 -29.62
N GLU B 1197 23.68 -12.09 -30.43
CA GLU B 1197 23.77 -11.31 -31.66
C GLU B 1197 24.24 -9.89 -31.36
N TRP B 1198 23.83 -9.32 -30.24
CA TRP B 1198 24.24 -7.96 -29.90
C TRP B 1198 25.74 -7.91 -29.59
N LEU B 1199 26.20 -8.77 -28.68
CA LEU B 1199 27.63 -8.83 -28.38
C LEU B 1199 28.45 -9.07 -29.64
N GLU B 1200 27.90 -9.83 -30.58
CA GLU B 1200 28.53 -10.01 -31.88
C GLU B 1200 28.50 -8.72 -32.69
N TYR B 1201 27.29 -8.22 -32.95
CA TYR B 1201 27.12 -7.05 -33.81
C TYR B 1201 27.83 -5.83 -33.26
N ALA B 1202 27.87 -5.68 -31.94
CA ALA B 1202 28.49 -4.52 -31.31
C ALA B 1202 29.98 -4.43 -31.55
N GLN B 1203 30.59 -5.46 -32.15
CA GLN B 1203 32.02 -5.46 -32.44
C GLN B 1203 32.31 -5.17 -33.90
N THR B 1204 31.32 -4.71 -34.66
CA THR B 1204 31.45 -4.57 -36.11
C THR B 1204 31.51 -3.13 -36.57
N HIS B 1205 30.55 -2.29 -36.18
CA HIS B 1205 30.42 -0.96 -36.77
C HIS B 1205 31.32 0.08 -36.12
N LEU B 1206 32.09 -0.28 -35.11
CA LEU B 1206 33.31 0.47 -34.76
C LEU B 1206 34.29 -0.48 -34.08
S SO4 D . -10.42 33.77 -36.77
O1 SO4 D . -9.28 34.36 -36.07
O2 SO4 D . -11.64 33.96 -35.99
O3 SO4 D . -10.20 32.34 -36.99
O4 SO4 D . -10.56 34.43 -38.07
MG MG E . -2.05 28.33 -30.60
MG MG F . -2.10 24.63 -15.51
#